data_1L7E
#
_entry.id   1L7E
#
_cell.length_a   64.14
_cell.length_b   116.68
_cell.length_c   92.60
_cell.angle_alpha   90.0
_cell.angle_beta   106.28
_cell.angle_gamma   90.0
#
_symmetry.space_group_name_H-M   'P 1 21 1'
#
loop_
_entity.id
_entity.type
_entity.pdbx_description
1 polymer 'nicotinamide nucleotide Transhydrogenase, subunit alpha 1'
2 non-polymer '1,4-DIHYDRONICOTINAMIDE ADENINE DINUCLEOTIDE'
3 water water
#
_entity_poly.entity_id   1
_entity_poly.type   'polypeptide(L)'
_entity_poly.pdbx_seq_one_letter_code
;MKIAIPKERRPGEDRVAISPEVVKKLVGLGFEVIVEQGAGVGASITDDALTAAGATIASTAAQALSQADVVWKVQRPMTA
EEGTDEVALIKEGAVLMCHLGALTNRPVVEALTKRKITAYAMELMPRISRAQSMDILSSQSNLAGYRAVIDGAYEFARAF
PMMMTAAGTVPPARVLVFGVGVAGLQAIATAKRLGAVVMATDVRAATKEQVESLGGKFITVDDEAMKTAETAGGYAKEMG
EEFRKKQAEAVLKELVKTDIAITTALIPGKPAPVLITEEMVTKMKPGSVIIDLAVEAGGNCPLSEPGKIVVKHGVKIVGH
TNVPSRVAADASPLFAKNLLNFLTPHVDKDTKTLVMKLEDETVSGTCVTRDGAIVHPALTGQGA
;
_entity_poly.pdbx_strand_id   A,B,C,D
#
loop_
_chem_comp.id
_chem_comp.type
_chem_comp.name
_chem_comp.formula
NAI non-polymer '1,4-DIHYDRONICOTINAMIDE ADENINE DINUCLEOTIDE' 'C21 H29 N7 O14 P2'
#
# COMPACT_ATOMS: atom_id res chain seq x y z
N MET A 1 15.78 27.68 36.07
CA MET A 1 15.36 28.56 34.94
C MET A 1 13.85 28.46 34.76
N LYS A 2 13.18 29.61 34.77
CA LYS A 2 11.72 29.66 34.64
C LYS A 2 11.20 30.05 33.26
N ILE A 3 10.33 29.22 32.71
CA ILE A 3 9.71 29.50 31.42
C ILE A 3 8.21 29.64 31.68
N ALA A 4 7.62 30.70 31.16
CA ALA A 4 6.20 30.93 31.40
C ALA A 4 5.38 31.09 30.12
N ILE A 5 4.12 30.66 30.20
CA ILE A 5 3.19 30.75 29.09
C ILE A 5 1.90 31.39 29.60
N PRO A 6 1.58 32.60 29.13
CA PRO A 6 0.37 33.28 29.57
C PRO A 6 -0.79 32.97 28.63
N LYS A 7 -1.97 33.42 29.02
CA LYS A 7 -3.15 33.22 28.21
C LYS A 7 -3.09 34.24 27.07
N GLU A 8 -3.46 33.81 25.86
CA GLU A 8 -3.48 34.71 24.72
C GLU A 8 -4.66 35.65 24.94
N ARG A 9 -4.39 36.95 24.82
CA ARG A 9 -5.42 37.96 25.06
C ARG A 9 -5.96 38.64 23.81
N ARG A 10 -5.26 38.52 22.69
CA ARG A 10 -5.76 39.17 21.49
C ARG A 10 -7.07 38.56 21.07
N PRO A 11 -7.94 39.35 20.41
CA PRO A 11 -9.27 38.94 19.92
C PRO A 11 -9.32 37.64 19.14
N GLY A 12 -10.10 36.70 19.63
CA GLY A 12 -10.28 35.44 18.94
C GLY A 12 -9.18 34.40 19.00
N GLU A 13 -8.08 34.68 19.70
CA GLU A 13 -6.99 33.71 19.79
C GLU A 13 -7.26 32.65 20.85
N ASP A 14 -7.49 31.42 20.39
CA ASP A 14 -7.77 30.33 21.31
C ASP A 14 -6.60 29.38 21.53
N ARG A 15 -5.53 29.59 20.79
CA ARG A 15 -4.36 28.75 20.95
C ARG A 15 -3.60 29.09 22.21
N VAL A 16 -2.58 28.30 22.49
CA VAL A 16 -1.74 28.53 23.65
C VAL A 16 -0.39 27.91 23.31
N ALA A 17 0.69 28.62 23.62
CA ALA A 17 2.04 28.15 23.32
C ALA A 17 2.56 27.07 24.29
N ILE A 18 1.74 26.05 24.55
CA ILE A 18 2.16 24.99 25.45
C ILE A 18 1.27 23.75 25.32
N SER A 19 1.76 22.62 25.84
CA SER A 19 1.04 21.35 25.84
C SER A 19 1.65 20.49 26.94
N PRO A 20 0.86 19.57 27.52
CA PRO A 20 1.36 18.69 28.59
C PRO A 20 2.60 17.92 28.14
N GLU A 21 2.59 17.45 26.90
CA GLU A 21 3.75 16.72 26.39
C GLU A 21 5.00 17.61 26.46
N VAL A 22 4.87 18.85 25.98
CA VAL A 22 6.01 19.78 25.99
C VAL A 22 6.39 20.26 27.40
N VAL A 23 5.43 20.31 28.33
CA VAL A 23 5.76 20.73 29.68
C VAL A 23 6.68 19.65 30.25
N LYS A 24 6.48 18.43 29.77
CA LYS A 24 7.27 17.28 30.18
C LYS A 24 8.71 17.42 29.67
N LYS A 25 8.85 17.75 28.38
CA LYS A 25 10.17 17.91 27.79
C LYS A 25 10.94 19.03 28.47
N LEU A 26 10.28 20.18 28.63
CA LEU A 26 10.88 21.35 29.26
C LEU A 26 11.40 21.04 30.66
N VAL A 27 10.56 20.44 31.48
CA VAL A 27 10.95 20.08 32.84
C VAL A 27 12.22 19.22 32.83
N GLY A 28 12.26 18.26 31.92
CA GLY A 28 13.41 17.39 31.80
C GLY A 28 14.66 18.16 31.41
N LEU A 29 14.46 19.25 30.67
CA LEU A 29 15.57 20.06 30.23
C LEU A 29 16.10 20.93 31.37
N GLY A 30 15.40 20.88 32.50
CA GLY A 30 15.81 21.64 33.66
C GLY A 30 14.99 22.87 33.93
N PHE A 31 13.87 23.01 33.22
CA PHE A 31 13.01 24.17 33.40
C PHE A 31 11.94 24.03 34.45
N GLU A 32 11.54 25.18 34.96
CA GLU A 32 10.47 25.30 35.92
C GLU A 32 9.40 25.98 35.06
N VAL A 33 8.36 25.25 34.66
CA VAL A 33 7.33 25.81 33.79
C VAL A 33 6.09 26.32 34.52
N ILE A 34 5.71 27.56 34.18
CA ILE A 34 4.55 28.20 34.78
C ILE A 34 3.57 28.61 33.68
N VAL A 35 2.31 28.21 33.82
CA VAL A 35 1.28 28.55 32.85
C VAL A 35 0.19 29.31 33.58
N GLU A 36 -0.30 30.38 32.96
CA GLU A 36 -1.35 31.16 33.59
C GLU A 36 -2.62 30.31 33.62
N GLN A 37 -3.37 30.42 34.71
CA GLN A 37 -4.60 29.67 34.90
C GLN A 37 -5.59 29.84 33.75
N GLY A 38 -6.05 28.73 33.19
CA GLY A 38 -7.01 28.76 32.10
C GLY A 38 -6.45 29.20 30.76
N ALA A 39 -5.13 29.12 30.61
CA ALA A 39 -4.47 29.52 29.38
C ALA A 39 -4.76 28.57 28.22
N GLY A 40 -5.07 27.32 28.53
CA GLY A 40 -5.34 26.35 27.48
C GLY A 40 -6.77 25.91 27.30
N VAL A 41 -7.72 26.67 27.84
CA VAL A 41 -9.14 26.33 27.73
C VAL A 41 -9.62 26.33 26.29
N GLY A 42 -9.30 27.39 25.54
CA GLY A 42 -9.73 27.45 24.17
C GLY A 42 -9.06 26.36 23.35
N ALA A 43 -8.01 25.77 23.90
CA ALA A 43 -7.27 24.71 23.21
C ALA A 43 -7.54 23.34 23.82
N SER A 44 -8.47 23.28 24.76
CA SER A 44 -8.85 22.03 25.40
C SER A 44 -7.75 21.46 26.30
N ILE A 45 -6.96 22.35 26.87
CA ILE A 45 -5.88 21.93 27.76
C ILE A 45 -6.21 22.52 29.13
N THR A 46 -6.49 21.64 30.09
CA THR A 46 -6.84 22.06 31.43
C THR A 46 -5.61 22.31 32.30
N ASP A 47 -5.78 23.11 33.34
CA ASP A 47 -4.68 23.40 34.24
C ASP A 47 -4.23 22.08 34.86
N ASP A 48 -5.20 21.20 35.12
CA ASP A 48 -4.94 19.88 35.70
C ASP A 48 -3.98 19.08 34.82
N ALA A 49 -4.22 19.13 33.50
CA ALA A 49 -3.40 18.41 32.54
C ALA A 49 -1.97 18.92 32.51
N LEU A 50 -1.82 20.22 32.76
CA LEU A 50 -0.49 20.82 32.74
C LEU A 50 0.22 20.53 34.06
N THR A 51 -0.56 20.45 35.14
CA THR A 51 -0.03 20.15 36.47
C THR A 51 0.48 18.71 36.51
N ALA A 52 -0.28 17.81 35.89
CA ALA A 52 0.11 16.41 35.85
C ALA A 52 1.35 16.27 35.00
N ALA A 53 1.58 17.24 34.11
CA ALA A 53 2.75 17.22 33.24
C ALA A 53 3.98 17.76 33.96
N GLY A 54 3.74 18.44 35.06
CA GLY A 54 4.82 19.00 35.85
C GLY A 54 4.89 20.53 35.84
N ALA A 55 3.80 21.17 35.47
CA ALA A 55 3.77 22.63 35.40
C ALA A 55 3.06 23.26 36.60
N THR A 56 3.45 24.49 36.89
CA THR A 56 2.84 25.23 37.98
C THR A 56 1.83 26.17 37.34
N ILE A 57 0.70 26.37 38.01
CA ILE A 57 -0.33 27.25 37.50
C ILE A 57 -0.31 28.55 38.29
N ALA A 58 -0.29 29.67 37.57
CA ALA A 58 -0.29 30.98 38.21
C ALA A 58 -1.64 31.64 37.98
N SER A 59 -2.24 32.10 39.07
CA SER A 59 -3.55 32.75 39.03
C SER A 59 -3.68 33.82 37.94
N THR A 60 -2.71 34.71 37.85
CA THR A 60 -2.73 35.77 36.84
C THR A 60 -1.56 35.66 35.88
N ALA A 61 -1.69 36.36 34.74
CA ALA A 61 -0.64 36.38 33.73
C ALA A 61 0.54 37.15 34.26
N ALA A 62 0.25 38.13 35.12
CA ALA A 62 1.30 38.94 35.73
C ALA A 62 2.14 38.06 36.64
N GLN A 63 1.46 37.27 37.46
CA GLN A 63 2.14 36.36 38.38
C GLN A 63 2.97 35.32 37.65
N ALA A 64 2.48 34.85 36.50
CA ALA A 64 3.19 33.83 35.73
C ALA A 64 4.45 34.32 35.04
N LEU A 65 4.45 35.57 34.59
CA LEU A 65 5.62 36.12 33.89
C LEU A 65 6.54 36.94 34.80
N SER A 66 6.25 36.93 36.09
CA SER A 66 7.03 37.70 37.06
C SER A 66 8.52 37.34 37.17
N GLN A 67 8.81 36.05 37.38
CA GLN A 67 10.20 35.61 37.54
C GLN A 67 10.72 34.85 36.33
N ALA A 68 9.87 34.75 35.31
CA ALA A 68 10.16 34.03 34.07
C ALA A 68 11.37 34.49 33.26
N ASP A 69 12.29 33.55 33.01
CA ASP A 69 13.50 33.82 32.24
C ASP A 69 13.22 33.69 30.74
N VAL A 70 12.25 32.85 30.41
CA VAL A 70 11.85 32.62 29.02
C VAL A 70 10.34 32.69 28.94
N VAL A 71 9.83 33.38 27.94
CA VAL A 71 8.40 33.50 27.76
C VAL A 71 7.99 33.00 26.39
N TRP A 72 6.97 32.14 26.37
CA TRP A 72 6.44 31.58 25.14
C TRP A 72 5.01 32.10 24.93
N LYS A 73 4.76 32.71 23.78
CA LYS A 73 3.42 33.22 23.46
C LYS A 73 3.08 32.81 22.04
N VAL A 74 1.80 32.90 21.69
CA VAL A 74 1.37 32.58 20.34
C VAL A 74 1.48 33.85 19.53
N GLN A 75 0.76 34.89 19.93
CA GLN A 75 0.83 36.17 19.22
C GLN A 75 1.66 37.19 20.00
N ARG A 76 2.05 38.27 19.33
CA ARG A 76 2.86 39.32 19.96
C ARG A 76 2.18 39.95 21.18
N PRO A 77 2.94 40.20 22.25
CA PRO A 77 2.36 40.80 23.45
C PRO A 77 1.78 42.18 23.17
N MET A 78 0.75 42.55 23.91
CA MET A 78 0.12 43.85 23.71
C MET A 78 0.87 44.96 24.44
N THR A 79 0.84 46.15 23.87
CA THR A 79 1.51 47.31 24.47
C THR A 79 0.57 48.08 25.40
N ALA A 80 1.13 49.03 26.13
CA ALA A 80 0.33 49.83 27.05
C ALA A 80 -0.76 50.56 26.29
N GLU A 81 -0.47 50.89 25.03
CA GLU A 81 -1.38 51.59 24.17
C GLU A 81 -2.61 50.73 23.82
N GLU A 82 -2.39 49.41 23.75
CA GLU A 82 -3.46 48.48 23.42
C GLU A 82 -4.25 48.06 24.65
N GLY A 83 -4.11 48.80 25.74
CA GLY A 83 -4.85 48.48 26.94
C GLY A 83 -4.02 47.76 28.01
N THR A 84 -3.82 46.46 27.81
CA THR A 84 -3.06 45.66 28.75
C THR A 84 -1.58 45.64 28.35
N ASP A 85 -0.75 46.29 29.16
CA ASP A 85 0.68 46.34 28.86
C ASP A 85 1.31 45.01 29.23
N GLU A 86 1.33 44.09 28.27
CA GLU A 86 1.91 42.76 28.50
C GLU A 86 3.44 42.83 28.50
N VAL A 87 3.99 43.73 27.68
CA VAL A 87 5.44 43.88 27.63
C VAL A 87 5.97 44.15 29.04
N ALA A 88 5.25 45.02 29.75
CA ALA A 88 5.62 45.41 31.11
C ALA A 88 5.66 44.23 32.06
N LEU A 89 4.89 43.19 31.74
CA LEU A 89 4.84 41.99 32.57
C LEU A 89 6.08 41.14 32.37
N ILE A 90 6.71 41.28 31.21
CA ILE A 90 7.90 40.50 30.88
C ILE A 90 9.11 41.01 31.62
N LYS A 91 9.81 40.11 32.29
CA LYS A 91 11.00 40.48 33.05
C LYS A 91 12.07 41.00 32.10
N GLU A 92 12.67 42.14 32.43
CA GLU A 92 13.71 42.73 31.58
C GLU A 92 14.93 41.82 31.49
N GLY A 93 15.40 41.59 30.27
CA GLY A 93 16.53 40.72 30.06
C GLY A 93 16.05 39.31 29.70
N ALA A 94 14.75 39.08 29.87
CA ALA A 94 14.17 37.78 29.55
C ALA A 94 14.18 37.53 28.05
N VAL A 95 13.94 36.28 27.67
CA VAL A 95 13.88 35.91 26.27
C VAL A 95 12.42 35.63 25.92
N LEU A 96 11.97 36.19 24.81
CA LEU A 96 10.59 35.98 24.38
C LEU A 96 10.57 35.26 23.05
N MET A 97 9.73 34.25 22.92
CA MET A 97 9.61 33.52 21.67
C MET A 97 8.14 33.43 21.29
N CYS A 98 7.82 33.93 20.09
CA CYS A 98 6.44 33.92 19.63
C CYS A 98 6.36 34.43 18.20
N HIS A 99 5.14 34.47 17.68
CA HIS A 99 4.91 35.00 16.34
C HIS A 99 4.76 36.49 16.65
N LEU A 100 5.83 37.24 16.38
CA LEU A 100 5.85 38.66 16.72
C LEU A 100 5.29 39.63 15.69
N GLY A 101 5.08 39.18 14.46
CA GLY A 101 4.58 40.07 13.43
C GLY A 101 5.50 41.27 13.44
N ALA A 102 6.74 41.01 13.83
CA ALA A 102 7.78 42.03 13.93
C ALA A 102 7.87 42.98 12.74
N LEU A 103 8.04 42.42 11.54
CA LEU A 103 8.16 43.22 10.34
C LEU A 103 7.08 44.29 10.15
N THR A 104 5.93 44.12 10.80
CA THR A 104 4.85 45.08 10.65
C THR A 104 4.32 45.62 11.97
N ASN A 105 5.06 45.35 13.05
CA ASN A 105 4.67 45.83 14.37
C ASN A 105 5.91 46.33 15.10
N ARG A 106 6.42 47.48 14.67
CA ARG A 106 7.60 48.08 15.28
C ARG A 106 7.37 48.55 16.72
N PRO A 107 6.18 49.08 17.03
CA PRO A 107 5.95 49.52 18.41
C PRO A 107 6.19 48.43 19.46
N VAL A 108 5.69 47.23 19.22
CA VAL A 108 5.88 46.14 20.16
C VAL A 108 7.35 45.77 20.23
N VAL A 109 8.04 45.95 19.10
CA VAL A 109 9.46 45.63 19.04
C VAL A 109 10.28 46.60 19.88
N GLU A 110 10.11 47.89 19.63
CA GLU A 110 10.84 48.87 20.40
C GLU A 110 10.39 48.92 21.85
N ALA A 111 9.17 48.48 22.11
CA ALA A 111 8.66 48.46 23.48
C ALA A 111 9.43 47.36 24.22
N LEU A 112 9.69 46.26 23.50
CA LEU A 112 10.42 45.13 24.04
C LEU A 112 11.87 45.53 24.26
N THR A 113 12.38 46.38 23.37
CA THR A 113 13.75 46.85 23.46
C THR A 113 13.98 47.71 24.71
N LYS A 114 13.02 48.59 24.99
CA LYS A 114 13.11 49.48 26.15
C LYS A 114 13.21 48.71 27.46
N ARG A 115 12.81 47.44 27.43
CA ARG A 115 12.89 46.61 28.62
C ARG A 115 14.04 45.65 28.42
N LYS A 116 14.84 45.92 27.38
CA LYS A 116 16.00 45.12 27.03
C LYS A 116 15.66 43.63 26.91
N ILE A 117 14.45 43.35 26.43
CA ILE A 117 14.02 41.97 26.26
C ILE A 117 14.53 41.43 24.92
N THR A 118 15.03 40.20 24.92
CA THR A 118 15.54 39.59 23.69
C THR A 118 14.38 38.81 23.05
N ALA A 119 13.99 39.20 21.85
CA ALA A 119 12.88 38.54 21.17
C ALA A 119 13.20 37.89 19.85
N TYR A 120 12.72 36.66 19.70
CA TYR A 120 12.91 35.91 18.46
C TYR A 120 11.54 35.80 17.80
N ALA A 121 11.42 36.38 16.61
CA ALA A 121 10.17 36.37 15.87
C ALA A 121 10.10 35.04 15.13
N MET A 122 9.40 34.07 15.72
CA MET A 122 9.31 32.74 15.12
C MET A 122 8.84 32.71 13.68
N GLU A 123 8.07 33.72 13.25
CA GLU A 123 7.57 33.74 11.88
C GLU A 123 8.64 34.01 10.84
N LEU A 124 9.80 34.44 11.29
CA LEU A 124 10.90 34.72 10.37
C LEU A 124 11.79 33.49 10.16
N MET A 125 11.52 32.43 10.93
CA MET A 125 12.29 31.20 10.85
C MET A 125 12.83 30.93 9.44
N PRO A 126 14.16 30.78 9.31
CA PRO A 126 14.80 30.52 8.02
C PRO A 126 14.11 29.39 7.28
N ARG A 127 13.92 29.58 5.99
CA ARG A 127 13.28 28.58 5.15
C ARG A 127 14.31 27.51 4.77
N ILE A 128 14.57 26.58 5.68
CA ILE A 128 15.53 25.51 5.44
C ILE A 128 15.05 24.18 6.00
N SER A 129 15.48 23.09 5.37
CA SER A 129 15.11 21.74 5.77
C SER A 129 15.28 21.43 7.25
N ARG A 130 16.42 21.80 7.82
CA ARG A 130 16.68 21.51 9.23
C ARG A 130 15.86 22.38 10.17
N ALA A 131 15.02 23.25 9.61
CA ALA A 131 14.19 24.11 10.45
C ALA A 131 12.73 23.69 10.45
N GLN A 132 12.35 22.88 9.47
CA GLN A 132 10.98 22.42 9.35
C GLN A 132 10.29 22.08 10.67
N SER A 133 11.04 21.55 11.63
CA SER A 133 10.47 21.20 12.93
C SER A 133 10.30 22.37 13.89
N MET A 134 10.82 23.54 13.54
CA MET A 134 10.72 24.73 14.38
C MET A 134 9.94 25.83 13.66
N ASP A 135 9.37 25.51 12.51
CA ASP A 135 8.66 26.49 11.71
C ASP A 135 7.16 26.57 12.03
N ILE A 136 6.75 27.61 12.76
CA ILE A 136 5.35 27.76 13.12
C ILE A 136 4.45 28.01 11.92
N LEU A 137 4.95 28.73 10.93
CA LEU A 137 4.10 29.02 9.77
C LEU A 137 3.59 27.73 9.15
N SER A 138 4.50 26.77 8.95
CA SER A 138 4.18 25.47 8.36
C SER A 138 3.22 24.61 9.18
N SER A 139 3.46 24.54 10.48
CA SER A 139 2.63 23.74 11.35
C SER A 139 1.22 24.34 11.43
N GLN A 140 1.15 25.66 11.48
CA GLN A 140 -0.13 26.34 11.56
C GLN A 140 -0.86 26.36 10.22
N SER A 141 -0.14 26.59 9.13
CA SER A 141 -0.79 26.64 7.83
C SER A 141 -1.27 25.26 7.41
N ASN A 142 -0.53 24.22 7.78
CA ASN A 142 -0.94 22.87 7.42
C ASN A 142 -2.31 22.58 8.01
N LEU A 143 -2.54 22.98 9.26
CA LEU A 143 -3.84 22.78 9.87
C LEU A 143 -4.89 23.72 9.25
N ALA A 144 -4.46 24.90 8.80
CA ALA A 144 -5.41 25.84 8.23
C ALA A 144 -5.93 25.36 6.88
N GLY A 145 -5.11 24.59 6.16
CA GLY A 145 -5.51 24.08 4.86
C GLY A 145 -6.53 22.98 5.07
N TYR A 146 -6.34 22.19 6.13
CA TYR A 146 -7.28 21.16 6.48
C TYR A 146 -8.58 21.83 6.87
N ARG A 147 -8.49 22.84 7.73
CA ARG A 147 -9.67 23.56 8.19
C ARG A 147 -10.42 24.21 7.04
N ALA A 148 -9.70 24.76 6.06
CA ALA A 148 -10.37 25.39 4.93
C ALA A 148 -11.34 24.43 4.25
N VAL A 149 -10.99 23.14 4.24
CA VAL A 149 -11.83 22.12 3.65
C VAL A 149 -13.01 21.83 4.56
N ILE A 150 -12.78 21.81 5.87
CA ILE A 150 -13.90 21.56 6.78
C ILE A 150 -14.88 22.73 6.73
N ASP A 151 -14.36 23.96 6.80
CA ASP A 151 -15.24 25.13 6.73
C ASP A 151 -15.93 25.13 5.36
N GLY A 152 -15.22 24.64 4.35
CA GLY A 152 -15.78 24.60 2.99
C GLY A 152 -16.95 23.64 2.88
N ALA A 153 -16.76 22.45 3.44
CA ALA A 153 -17.78 21.41 3.44
C ALA A 153 -18.95 21.88 4.29
N TYR A 154 -18.65 22.60 5.36
CA TYR A 154 -19.69 23.11 6.25
C TYR A 154 -20.64 24.11 5.58
N GLU A 155 -20.09 25.01 4.78
CA GLU A 155 -20.89 26.04 4.10
C GLU A 155 -21.55 25.55 2.81
N PHE A 156 -21.04 24.44 2.27
CA PHE A 156 -21.56 23.84 1.04
C PHE A 156 -22.85 23.08 1.38
N ALA A 157 -23.87 23.24 0.54
CA ALA A 157 -25.15 22.58 0.75
C ALA A 157 -25.23 21.26 0.00
N ARG A 158 -24.08 20.75 -0.44
CA ARG A 158 -24.02 19.47 -1.15
C ARG A 158 -22.97 18.64 -0.44
N ALA A 159 -22.93 17.34 -0.74
CA ALA A 159 -21.94 16.46 -0.11
C ALA A 159 -20.67 16.46 -0.93
N PHE A 160 -19.53 16.26 -0.27
CA PHE A 160 -18.25 16.23 -0.97
C PHE A 160 -18.05 14.96 -1.79
N PRO A 161 -18.19 13.78 -1.15
CA PRO A 161 -18.00 12.53 -1.88
C PRO A 161 -19.14 12.18 -2.81
N MET A 162 -18.82 11.36 -3.81
CA MET A 162 -19.82 10.90 -4.75
C MET A 162 -20.70 9.99 -3.91
N MET A 163 -22.00 10.16 -4.01
CA MET A 163 -22.93 9.34 -3.24
C MET A 163 -23.75 8.48 -4.17
N MET A 164 -23.69 7.17 -3.96
CA MET A 164 -24.43 6.24 -4.78
C MET A 164 -25.54 5.65 -3.92
N THR A 165 -26.74 6.21 -4.04
CA THR A 165 -27.90 5.76 -3.27
C THR A 165 -29.00 5.16 -4.14
N ALA A 166 -30.03 4.65 -3.48
CA ALA A 166 -31.16 4.04 -4.18
C ALA A 166 -31.92 5.09 -4.97
N ALA A 167 -31.76 6.36 -4.58
CA ALA A 167 -32.44 7.46 -5.23
C ALA A 167 -31.65 7.99 -6.42
N GLY A 168 -30.44 7.47 -6.61
CA GLY A 168 -29.62 7.89 -7.71
C GLY A 168 -28.21 8.27 -7.29
N THR A 169 -27.38 8.61 -8.27
CA THR A 169 -25.99 8.98 -8.01
C THR A 169 -25.82 10.48 -7.93
N VAL A 170 -25.10 10.93 -6.92
CA VAL A 170 -24.83 12.35 -6.80
C VAL A 170 -23.33 12.52 -6.98
N PRO A 171 -22.92 13.20 -8.06
CA PRO A 171 -21.51 13.43 -8.35
C PRO A 171 -20.74 14.07 -7.20
N PRO A 172 -19.43 13.84 -7.15
CA PRO A 172 -18.58 14.40 -6.08
C PRO A 172 -18.34 15.90 -6.29
N ALA A 173 -17.91 16.57 -5.23
CA ALA A 173 -17.63 17.99 -5.34
C ALA A 173 -16.33 18.21 -6.13
N ARG A 174 -16.27 19.33 -6.84
CA ARG A 174 -15.11 19.70 -7.64
C ARG A 174 -14.41 20.76 -6.79
N VAL A 175 -13.16 20.51 -6.44
CA VAL A 175 -12.39 21.45 -5.62
C VAL A 175 -11.23 22.01 -6.42
N LEU A 176 -10.96 23.29 -6.23
CA LEU A 176 -9.85 23.98 -6.89
C LEU A 176 -9.04 24.70 -5.82
N VAL A 177 -7.77 24.33 -5.70
CA VAL A 177 -6.88 24.96 -4.73
C VAL A 177 -5.92 25.94 -5.42
N PHE A 178 -6.01 27.22 -5.04
CA PHE A 178 -5.15 28.27 -5.60
C PHE A 178 -3.97 28.47 -4.67
N GLY A 179 -2.78 28.10 -5.13
CA GLY A 179 -1.60 28.24 -4.29
C GLY A 179 -1.41 26.94 -3.56
N VAL A 180 -0.44 26.16 -4.02
CA VAL A 180 -0.16 24.87 -3.42
C VAL A 180 1.03 24.89 -2.47
N GLY A 181 0.96 25.76 -1.47
CA GLY A 181 2.02 25.82 -0.49
C GLY A 181 1.67 24.80 0.57
N VAL A 182 2.13 25.00 1.81
CA VAL A 182 1.83 24.05 2.87
C VAL A 182 0.31 23.89 3.10
N ALA A 183 -0.41 25.01 3.06
CA ALA A 183 -1.85 24.97 3.27
C ALA A 183 -2.56 24.31 2.10
N GLY A 184 -2.23 24.73 0.89
CA GLY A 184 -2.86 24.16 -0.29
C GLY A 184 -2.69 22.66 -0.41
N LEU A 185 -1.52 22.16 -0.02
CA LEU A 185 -1.22 20.73 -0.09
C LEU A 185 -2.15 19.93 0.80
N GLN A 186 -2.35 20.38 2.04
CA GLN A 186 -3.23 19.68 2.97
C GLN A 186 -4.69 19.84 2.51
N ALA A 187 -5.00 20.96 1.88
CA ALA A 187 -6.36 21.17 1.40
C ALA A 187 -6.65 20.11 0.35
N ILE A 188 -5.67 19.81 -0.50
CA ILE A 188 -5.87 18.82 -1.54
C ILE A 188 -6.04 17.44 -0.93
N ALA A 189 -5.14 17.07 -0.02
CA ALA A 189 -5.20 15.78 0.64
C ALA A 189 -6.50 15.62 1.41
N THR A 190 -6.93 16.68 2.09
CA THR A 190 -8.17 16.62 2.85
C THR A 190 -9.38 16.61 1.92
N ALA A 191 -9.32 17.36 0.83
CA ALA A 191 -10.42 17.36 -0.12
C ALA A 191 -10.54 15.96 -0.71
N LYS A 192 -9.39 15.31 -0.98
CA LYS A 192 -9.39 13.96 -1.55
C LYS A 192 -9.88 12.92 -0.55
N ARG A 193 -9.64 13.17 0.75
CA ARG A 193 -10.11 12.25 1.78
C ARG A 193 -11.64 12.17 1.70
N LEU A 194 -12.28 13.34 1.56
CA LEU A 194 -13.73 13.40 1.46
C LEU A 194 -14.24 12.96 0.09
N GLY A 195 -13.32 12.55 -0.78
CA GLY A 195 -13.69 12.06 -2.09
C GLY A 195 -13.99 13.05 -3.21
N ALA A 196 -13.50 14.27 -3.09
CA ALA A 196 -13.74 15.26 -4.12
C ALA A 196 -12.74 15.09 -5.25
N VAL A 197 -13.05 15.70 -6.39
CA VAL A 197 -12.18 15.69 -7.55
C VAL A 197 -11.38 16.98 -7.33
N VAL A 198 -10.07 16.86 -7.20
CA VAL A 198 -9.28 18.06 -6.93
C VAL A 198 -8.38 18.58 -8.04
N MET A 199 -8.49 19.87 -8.26
CA MET A 199 -7.72 20.60 -9.26
C MET A 199 -6.86 21.57 -8.43
N ALA A 200 -5.73 22.01 -8.97
CA ALA A 200 -4.88 22.93 -8.24
C ALA A 200 -3.97 23.68 -9.19
N THR A 201 -3.48 24.83 -8.74
CA THR A 201 -2.61 25.66 -9.54
C THR A 201 -1.66 26.48 -8.66
N ASP A 202 -0.48 26.75 -9.19
CA ASP A 202 0.53 27.52 -8.49
C ASP A 202 1.51 28.09 -9.51
N VAL A 203 2.28 29.09 -9.11
CA VAL A 203 3.26 29.68 -10.01
C VAL A 203 4.57 28.90 -10.02
N ARG A 204 4.76 28.06 -8.99
CA ARG A 204 5.98 27.25 -8.85
C ARG A 204 5.84 25.85 -9.46
N ALA A 205 6.59 25.59 -10.52
CA ALA A 205 6.56 24.30 -11.22
C ALA A 205 6.82 23.11 -10.30
N ALA A 206 7.56 23.33 -9.22
CA ALA A 206 7.87 22.26 -8.28
C ALA A 206 6.59 21.70 -7.65
N THR A 207 5.55 22.51 -7.61
CA THR A 207 4.29 22.08 -7.02
C THR A 207 3.49 21.13 -7.90
N LYS A 208 3.77 21.11 -9.21
CA LYS A 208 2.99 20.22 -10.09
C LYS A 208 3.10 18.75 -9.69
N GLU A 209 4.32 18.32 -9.35
CA GLU A 209 4.58 16.94 -8.93
C GLU A 209 3.88 16.58 -7.63
N GLN A 210 3.88 17.53 -6.68
CA GLN A 210 3.26 17.31 -5.38
C GLN A 210 1.74 17.17 -5.52
N VAL A 211 1.15 17.97 -6.41
CA VAL A 211 -0.29 17.95 -6.63
C VAL A 211 -0.77 16.64 -7.23
N GLU A 212 -0.06 16.15 -8.24
CA GLU A 212 -0.41 14.91 -8.91
C GLU A 212 -0.16 13.71 -8.00
N SER A 213 0.84 13.83 -7.14
CA SER A 213 1.17 12.75 -6.21
C SER A 213 0.05 12.56 -5.20
N LEU A 214 -0.82 13.58 -5.06
CA LEU A 214 -1.94 13.51 -4.13
C LEU A 214 -3.25 13.15 -4.82
N GLY A 215 -3.17 12.92 -6.12
CA GLY A 215 -4.36 12.55 -6.86
C GLY A 215 -5.04 13.74 -7.51
N GLY A 216 -4.42 14.91 -7.43
CA GLY A 216 -5.02 16.09 -8.04
C GLY A 216 -4.43 16.39 -9.40
N LYS A 217 -5.11 17.25 -10.16
CA LYS A 217 -4.61 17.62 -11.47
C LYS A 217 -4.10 19.04 -11.37
N PHE A 218 -2.95 19.30 -11.98
CA PHE A 218 -2.36 20.63 -11.94
C PHE A 218 -2.85 21.42 -13.15
N ILE A 219 -3.15 22.71 -12.93
CA ILE A 219 -3.59 23.58 -13.99
C ILE A 219 -2.40 24.43 -14.46
N THR A 220 -1.74 23.96 -15.52
CA THR A 220 -0.60 24.67 -16.05
C THR A 220 -1.11 25.86 -16.87
N VAL A 221 -0.44 27.00 -16.74
CA VAL A 221 -0.84 28.22 -17.47
C VAL A 221 0.18 28.58 -18.55
N ASP A 222 1.46 28.64 -18.17
CA ASP A 222 2.51 28.99 -19.12
C ASP A 222 3.72 28.08 -19.01
N ASP A 223 4.39 28.17 -17.86
CA ASP A 223 5.61 27.43 -17.53
C ASP A 223 6.72 28.44 -17.43
N GLU A 224 7.28 28.81 -18.61
CA GLU A 224 8.34 29.80 -18.64
C GLU A 224 7.86 31.14 -18.07
N THR A 231 9.41 29.23 -8.19
CA THR A 231 9.78 30.52 -8.70
C THR A 231 10.95 31.21 -8.09
N ALA A 232 10.95 31.40 -6.77
CA ALA A 232 11.99 32.09 -6.00
C ALA A 232 12.77 31.25 -5.04
N GLY A 233 13.56 31.87 -4.19
CA GLY A 233 14.42 31.36 -3.18
C GLY A 233 13.82 30.56 -2.08
N GLY A 234 12.65 30.08 -2.13
CA GLY A 234 11.75 29.30 -1.40
C GLY A 234 10.32 29.46 -1.97
N TYR A 235 9.82 30.66 -1.89
CA TYR A 235 8.58 31.33 -1.94
C TYR A 235 8.38 32.00 -3.32
N ALA A 236 7.24 32.61 -3.52
CA ALA A 236 6.75 33.21 -4.77
C ALA A 236 7.08 34.67 -4.94
N LYS A 237 6.95 35.17 -6.14
CA LYS A 237 7.27 36.56 -6.47
C LYS A 237 6.01 37.26 -6.92
N GLU A 238 6.10 38.56 -7.09
CA GLU A 238 4.95 39.22 -7.74
C GLU A 238 5.10 39.04 -9.24
N MET A 239 4.27 38.17 -9.74
CA MET A 239 4.01 37.76 -11.09
C MET A 239 3.47 38.92 -11.98
N GLY A 240 3.68 38.77 -13.28
CA GLY A 240 3.48 39.76 -14.34
C GLY A 240 2.00 39.82 -14.70
N GLU A 241 1.59 40.53 -15.69
CA GLU A 241 0.16 40.66 -16.09
C GLU A 241 -0.12 39.73 -17.25
N GLU A 242 0.85 39.71 -18.17
CA GLU A 242 0.63 38.75 -19.29
C GLU A 242 0.24 37.40 -18.64
N PHE A 243 1.01 36.99 -17.64
CA PHE A 243 0.77 35.75 -16.90
C PHE A 243 -0.51 35.85 -16.09
N ARG A 244 -0.59 36.91 -15.30
CA ARG A 244 -1.71 37.18 -14.42
C ARG A 244 -3.04 37.15 -15.18
N LYS A 245 -3.01 37.63 -16.43
CA LYS A 245 -4.23 37.64 -17.21
C LYS A 245 -4.42 36.31 -17.95
N LYS A 246 -3.32 35.58 -18.19
CA LYS A 246 -3.41 34.28 -18.84
C LYS A 246 -3.78 33.21 -17.84
N GLN A 247 -3.38 33.43 -16.58
CA GLN A 247 -3.69 32.50 -15.52
C GLN A 247 -5.20 32.53 -15.28
N ALA A 248 -5.74 33.74 -15.17
CA ALA A 248 -7.17 33.91 -14.95
C ALA A 248 -7.95 33.19 -16.05
N GLU A 249 -7.53 33.39 -17.29
CA GLU A 249 -8.18 32.77 -18.43
C GLU A 249 -8.13 31.24 -18.37
N ALA A 250 -7.02 30.69 -17.91
CA ALA A 250 -6.88 29.24 -17.83
C ALA A 250 -7.56 28.67 -16.59
N VAL A 251 -7.63 29.46 -15.53
CA VAL A 251 -8.25 29.03 -14.29
C VAL A 251 -9.77 29.06 -14.43
N LEU A 252 -10.28 30.03 -15.19
CA LEU A 252 -11.72 30.16 -15.39
C LEU A 252 -12.32 28.97 -16.11
N LYS A 253 -11.54 28.35 -16.99
CA LYS A 253 -12.03 27.18 -17.73
C LYS A 253 -12.49 26.12 -16.72
N GLU A 254 -11.81 26.06 -15.58
CA GLU A 254 -12.15 25.11 -14.55
C GLU A 254 -13.05 25.71 -13.47
N LEU A 255 -12.83 26.98 -13.17
CA LEU A 255 -13.61 27.66 -12.13
C LEU A 255 -15.12 27.60 -12.38
N VAL A 256 -15.53 27.50 -13.64
CA VAL A 256 -16.98 27.45 -13.93
C VAL A 256 -17.62 26.12 -13.53
N LYS A 257 -16.79 25.10 -13.28
CA LYS A 257 -17.29 23.79 -12.87
C LYS A 257 -17.02 23.58 -11.37
N THR A 258 -16.11 24.38 -10.83
CA THR A 258 -15.72 24.25 -9.43
C THR A 258 -16.81 24.53 -8.41
N ASP A 259 -16.86 23.71 -7.37
CA ASP A 259 -17.85 23.89 -6.30
C ASP A 259 -17.22 24.60 -5.11
N ILE A 260 -15.98 24.22 -4.80
CA ILE A 260 -15.24 24.81 -3.68
C ILE A 260 -13.87 25.29 -4.15
N ALA A 261 -13.59 26.57 -3.94
CA ALA A 261 -12.30 27.13 -4.31
C ALA A 261 -11.60 27.59 -3.03
N ILE A 262 -10.40 27.08 -2.79
CA ILE A 262 -9.65 27.46 -1.60
C ILE A 262 -8.40 28.21 -2.07
N THR A 263 -8.33 29.49 -1.69
CA THR A 263 -7.20 30.35 -2.07
C THR A 263 -6.25 30.55 -0.89
N THR A 264 -4.98 30.19 -1.11
CA THR A 264 -3.95 30.28 -0.07
C THR A 264 -2.71 31.03 -0.53
N ALA A 265 -2.79 31.68 -1.68
CA ALA A 265 -1.65 32.40 -2.25
C ALA A 265 -1.14 33.58 -1.43
N LEU A 266 0.14 33.53 -1.10
CA LEU A 266 0.80 34.58 -0.36
C LEU A 266 2.11 34.92 -1.05
N ILE A 267 2.55 36.16 -0.87
CA ILE A 267 3.80 36.65 -1.44
C ILE A 267 4.50 37.41 -0.32
N PRO A 268 5.68 36.93 0.10
CA PRO A 268 6.48 37.54 1.17
C PRO A 268 6.63 39.05 1.05
N GLY A 269 6.08 39.76 2.02
CA GLY A 269 6.15 41.22 2.02
C GLY A 269 4.91 41.86 1.43
N LYS A 270 4.79 41.76 0.11
CA LYS A 270 3.68 42.33 -0.66
C LYS A 270 2.29 41.85 -0.22
N PRO A 271 1.23 42.51 -0.73
CA PRO A 271 -0.14 42.12 -0.39
C PRO A 271 -0.43 40.81 -1.11
N ALA A 272 -1.41 40.05 -0.64
CA ALA A 272 -1.75 38.79 -1.28
C ALA A 272 -2.20 39.04 -2.72
N PRO A 273 -1.78 38.18 -3.65
CA PRO A 273 -2.18 38.35 -5.04
C PRO A 273 -3.66 38.04 -5.27
N VAL A 274 -4.30 38.82 -6.14
CA VAL A 274 -5.71 38.62 -6.43
C VAL A 274 -5.79 37.53 -7.48
N LEU A 275 -6.41 36.41 -7.14
CA LEU A 275 -6.50 35.26 -8.03
C LEU A 275 -7.89 35.03 -8.59
N ILE A 276 -8.91 35.44 -7.85
CA ILE A 276 -10.30 35.27 -8.28
C ILE A 276 -11.01 36.62 -8.23
N THR A 277 -11.23 37.21 -9.39
CA THR A 277 -11.88 38.52 -9.44
C THR A 277 -13.39 38.38 -9.31
N GLU A 278 -14.07 39.50 -9.06
CA GLU A 278 -15.51 39.46 -8.93
C GLU A 278 -16.10 39.00 -10.24
N GLU A 279 -15.47 39.40 -11.34
CA GLU A 279 -15.93 39.01 -12.67
C GLU A 279 -15.95 37.48 -12.77
N MET A 280 -14.92 36.83 -12.23
CA MET A 280 -14.82 35.38 -12.24
C MET A 280 -15.87 34.72 -11.36
N VAL A 281 -16.14 35.32 -10.21
CA VAL A 281 -17.13 34.81 -9.27
C VAL A 281 -18.51 34.80 -9.92
N THR A 282 -18.77 35.80 -10.74
CA THR A 282 -20.07 35.91 -11.40
C THR A 282 -20.35 34.77 -12.38
N LYS A 283 -19.33 34.00 -12.74
CA LYS A 283 -19.55 32.89 -13.67
C LYS A 283 -19.50 31.54 -12.98
N MET A 284 -19.47 31.55 -11.66
CA MET A 284 -19.45 30.31 -10.90
C MET A 284 -20.87 29.81 -10.66
N LYS A 285 -20.97 28.53 -10.34
CA LYS A 285 -22.25 27.88 -10.10
C LYS A 285 -22.89 28.41 -8.84
N PRO A 286 -24.22 28.61 -8.86
CA PRO A 286 -24.89 29.10 -7.65
C PRO A 286 -24.66 28.08 -6.56
N GLY A 287 -24.40 28.53 -5.33
CA GLY A 287 -24.17 27.61 -4.24
C GLY A 287 -22.71 27.24 -4.03
N SER A 288 -21.83 27.77 -4.87
CA SER A 288 -20.41 27.48 -4.73
C SER A 288 -19.83 28.22 -3.52
N VAL A 289 -18.72 27.71 -3.00
CA VAL A 289 -18.09 28.33 -1.85
C VAL A 289 -16.62 28.63 -2.12
N ILE A 290 -16.19 29.83 -1.74
CA ILE A 290 -14.79 30.26 -1.88
C ILE A 290 -14.26 30.45 -0.46
N ILE A 291 -13.22 29.71 -0.08
CA ILE A 291 -12.60 29.85 1.25
C ILE A 291 -11.31 30.62 1.02
N ASP A 292 -11.28 31.91 1.40
CA ASP A 292 -10.09 32.75 1.19
C ASP A 292 -9.17 32.79 2.41
N LEU A 293 -8.13 31.95 2.40
CA LEU A 293 -7.18 31.89 3.52
C LEU A 293 -6.20 33.06 3.58
N ALA A 294 -6.08 33.82 2.51
CA ALA A 294 -5.14 34.94 2.49
C ALA A 294 -5.90 36.24 2.75
N VAL A 295 -7.10 36.11 3.30
CA VAL A 295 -7.95 37.27 3.57
C VAL A 295 -7.27 38.32 4.44
N GLU A 296 -6.48 37.86 5.42
CA GLU A 296 -5.78 38.79 6.31
C GLU A 296 -4.63 39.54 5.64
N ALA A 297 -4.09 38.98 4.57
CA ALA A 297 -3.00 39.60 3.84
C ALA A 297 -3.53 40.35 2.63
N GLY A 298 -4.84 40.60 2.63
CA GLY A 298 -5.47 41.30 1.51
C GLY A 298 -6.48 40.45 0.79
N GLY A 299 -6.27 39.13 0.79
CA GLY A 299 -7.19 38.21 0.14
C GLY A 299 -6.93 37.95 -1.34
N ASN A 300 -7.18 36.72 -1.76
CA ASN A 300 -6.99 36.35 -3.16
C ASN A 300 -8.26 36.67 -3.95
N CYS A 301 -9.30 37.07 -3.24
CA CYS A 301 -10.58 37.45 -3.85
C CYS A 301 -10.98 38.81 -3.29
N PRO A 302 -11.13 39.81 -4.18
CA PRO A 302 -11.52 41.14 -3.73
C PRO A 302 -12.85 41.24 -3.00
N LEU A 303 -13.67 40.19 -3.07
CA LEU A 303 -14.98 40.19 -2.41
C LEU A 303 -14.92 39.68 -0.97
N SER A 304 -13.78 39.12 -0.57
CA SER A 304 -13.70 38.60 0.79
C SER A 304 -13.58 39.71 1.78
N GLU A 305 -14.23 39.53 2.92
CA GLU A 305 -14.19 40.51 3.99
C GLU A 305 -13.76 39.78 5.26
N PRO A 306 -12.68 40.25 5.89
CA PRO A 306 -12.15 39.64 7.12
C PRO A 306 -13.24 39.33 8.14
N GLY A 307 -13.23 38.11 8.65
CA GLY A 307 -14.19 37.70 9.67
C GLY A 307 -15.64 37.55 9.23
N LYS A 308 -15.90 37.57 7.93
CA LYS A 308 -17.28 37.43 7.47
C LYS A 308 -17.44 36.40 6.37
N ILE A 309 -18.70 36.02 6.16
CA ILE A 309 -19.09 35.12 5.10
C ILE A 309 -20.02 36.01 4.28
N VAL A 310 -19.62 36.26 3.05
CA VAL A 310 -20.38 37.11 2.14
C VAL A 310 -20.99 36.27 1.05
N VAL A 311 -22.16 36.68 0.58
CA VAL A 311 -22.83 35.97 -0.50
C VAL A 311 -22.99 36.98 -1.62
N LYS A 312 -22.30 36.72 -2.74
CA LYS A 312 -22.35 37.64 -3.87
C LYS A 312 -22.52 36.79 -5.13
N HIS A 313 -23.55 37.10 -5.91
CA HIS A 313 -23.80 36.36 -7.14
C HIS A 313 -24.09 34.89 -6.85
N GLY A 314 -24.71 34.63 -5.71
CA GLY A 314 -25.04 33.26 -5.34
C GLY A 314 -23.88 32.42 -4.85
N VAL A 315 -22.73 33.07 -4.63
CA VAL A 315 -21.53 32.40 -4.17
C VAL A 315 -21.15 32.83 -2.76
N LYS A 316 -20.80 31.87 -1.91
CA LYS A 316 -20.40 32.18 -0.54
C LYS A 316 -18.91 32.48 -0.49
N ILE A 317 -18.55 33.67 -0.02
CA ILE A 317 -17.14 34.02 0.09
C ILE A 317 -16.84 34.03 1.58
N VAL A 318 -16.11 33.02 2.02
CA VAL A 318 -15.77 32.88 3.43
C VAL A 318 -14.39 33.43 3.74
N GLY A 319 -14.35 34.40 4.65
CA GLY A 319 -13.10 35.01 5.02
C GLY A 319 -12.80 34.97 6.50
N HIS A 320 -12.78 33.79 7.09
CA HIS A 320 -12.48 33.67 8.51
C HIS A 320 -11.06 34.11 8.81
N THR A 321 -10.90 34.74 9.98
CA THR A 321 -9.59 35.19 10.43
C THR A 321 -9.02 34.13 11.37
N ASN A 322 -7.69 34.16 11.58
CA ASN A 322 -6.97 33.24 12.48
C ASN A 322 -7.52 31.81 12.34
N VAL A 323 -7.42 31.27 11.13
CA VAL A 323 -7.91 29.92 10.86
C VAL A 323 -7.21 28.88 11.75
N PRO A 324 -5.93 29.09 12.09
CA PRO A 324 -5.26 28.09 12.93
C PRO A 324 -5.97 27.96 14.28
N SER A 325 -6.53 29.06 14.76
CA SER A 325 -7.24 29.03 16.03
C SER A 325 -8.53 28.22 15.91
N ARG A 326 -9.04 28.06 14.69
CA ARG A 326 -10.25 27.26 14.49
C ARG A 326 -9.92 25.77 14.73
N VAL A 327 -8.63 25.45 14.75
CA VAL A 327 -8.19 24.08 15.02
C VAL A 327 -7.24 24.16 16.22
N ALA A 328 -7.52 25.12 17.11
CA ALA A 328 -6.69 25.38 18.28
C ALA A 328 -6.25 24.21 19.15
N ALA A 329 -7.01 23.12 19.20
CA ALA A 329 -6.64 21.97 20.04
C ALA A 329 -5.51 21.11 19.45
N ASP A 330 -5.25 21.27 18.15
CA ASP A 330 -4.17 20.55 17.49
C ASP A 330 -3.07 21.54 17.11
N ALA A 331 -3.46 22.80 16.89
CA ALA A 331 -2.49 23.83 16.51
C ALA A 331 -1.57 24.19 17.67
N SER A 332 -2.10 24.15 18.87
CA SER A 332 -1.31 24.51 20.04
C SER A 332 -0.21 23.51 20.39
N PRO A 333 -0.50 22.21 20.36
CA PRO A 333 0.58 21.27 20.69
C PRO A 333 1.67 21.31 19.64
N LEU A 334 1.31 21.66 18.40
CA LEU A 334 2.30 21.73 17.35
C LEU A 334 3.13 23.00 17.52
N PHE A 335 2.46 24.11 17.84
CA PHE A 335 3.13 25.39 18.05
C PHE A 335 4.15 25.21 19.19
N ALA A 336 3.70 24.63 20.29
CA ALA A 336 4.55 24.39 21.44
C ALA A 336 5.77 23.56 21.04
N LYS A 337 5.56 22.58 20.17
CA LYS A 337 6.66 21.74 19.69
C LYS A 337 7.62 22.50 18.79
N ASN A 338 7.11 23.48 18.03
CA ASN A 338 7.99 24.26 17.17
C ASN A 338 8.93 25.05 18.11
N LEU A 339 8.37 25.62 19.16
CA LEU A 339 9.17 26.38 20.12
C LEU A 339 10.18 25.44 20.80
N LEU A 340 9.70 24.30 21.27
CA LEU A 340 10.57 23.34 21.93
C LEU A 340 11.74 22.97 21.01
N ASN A 341 11.45 22.56 19.78
CA ASN A 341 12.50 22.21 18.83
C ASN A 341 13.45 23.38 18.54
N PHE A 342 12.95 24.60 18.61
CA PHE A 342 13.77 25.78 18.37
C PHE A 342 14.70 26.07 19.53
N LEU A 343 14.23 25.84 20.75
CA LEU A 343 15.00 26.10 21.97
C LEU A 343 15.97 25.01 22.40
N THR A 344 15.56 23.75 22.26
CA THR A 344 16.35 22.61 22.70
C THR A 344 17.85 22.64 22.37
N PRO A 345 18.21 22.84 21.08
CA PRO A 345 19.61 22.87 20.69
C PRO A 345 20.47 23.89 21.46
N HIS A 346 19.84 24.74 22.26
CA HIS A 346 20.59 25.76 22.98
C HIS A 346 20.74 25.58 24.48
N VAL A 347 19.99 24.65 25.06
CA VAL A 347 20.09 24.40 26.49
C VAL A 347 21.40 23.66 26.73
N ASP A 348 22.40 24.38 27.21
CA ASP A 348 23.72 23.77 27.46
C ASP A 348 23.58 22.64 28.49
N LYS A 349 24.28 21.53 28.24
CA LYS A 349 24.24 20.39 29.15
C LYS A 349 25.48 20.28 30.04
N ASP A 350 26.65 20.57 29.49
CA ASP A 350 27.90 20.53 30.25
C ASP A 350 27.69 21.46 31.44
N THR A 351 27.03 22.57 31.16
CA THR A 351 26.66 23.58 32.15
C THR A 351 25.20 23.67 31.73
N LYS A 352 24.28 24.04 32.63
CA LYS A 352 22.89 24.09 32.22
C LYS A 352 22.20 25.42 32.41
N THR A 353 22.05 26.12 31.29
CA THR A 353 21.42 27.43 31.24
C THR A 353 20.97 27.61 29.79
N LEU A 354 20.41 28.77 29.46
CA LEU A 354 19.97 29.02 28.10
C LEU A 354 20.87 30.01 27.37
N VAL A 355 21.66 29.49 26.43
CA VAL A 355 22.55 30.32 25.65
C VAL A 355 22.28 30.07 24.16
N MET A 356 21.61 31.01 23.53
CA MET A 356 21.27 30.90 22.12
C MET A 356 22.52 31.16 21.28
N LYS A 357 23.11 30.09 20.72
CA LYS A 357 24.30 30.25 19.89
C LYS A 357 23.97 31.08 18.66
N LEU A 358 24.59 32.26 18.59
CA LEU A 358 24.35 33.23 17.52
C LEU A 358 24.79 32.83 16.11
N GLU A 359 25.67 31.83 16.02
CA GLU A 359 26.15 31.35 14.73
C GLU A 359 25.02 30.61 14.01
N ASP A 360 24.07 30.13 14.80
CA ASP A 360 22.91 29.38 14.34
C ASP A 360 21.99 30.17 13.39
N GLU A 361 21.82 29.70 12.15
CA GLU A 361 20.98 30.38 11.17
C GLU A 361 19.55 30.62 11.66
N THR A 362 19.04 29.71 12.48
CA THR A 362 17.67 29.86 12.99
C THR A 362 17.63 30.92 14.08
N VAL A 363 18.79 31.29 14.60
CA VAL A 363 18.86 32.31 15.64
C VAL A 363 19.09 33.69 15.03
N SER A 364 20.09 33.80 14.17
CA SER A 364 20.40 35.07 13.52
C SER A 364 19.19 35.58 12.75
N GLY A 365 18.46 34.64 12.14
CA GLY A 365 17.29 34.97 11.34
C GLY A 365 15.99 35.34 12.06
N THR A 366 15.75 34.75 13.23
CA THR A 366 14.52 35.04 13.98
C THR A 366 14.67 36.17 15.00
N CYS A 367 15.87 36.36 15.51
CA CYS A 367 16.11 37.39 16.51
C CYS A 367 15.98 38.78 15.91
N VAL A 368 15.06 39.59 16.45
CA VAL A 368 14.84 40.94 15.96
C VAL A 368 15.29 41.99 16.96
N THR A 369 15.57 41.57 18.19
CA THR A 369 16.03 42.49 19.23
C THR A 369 16.77 41.70 20.30
N ARG A 370 17.87 42.26 20.78
CA ARG A 370 18.66 41.58 21.81
C ARG A 370 19.32 42.58 22.76
N ASP A 371 18.95 42.50 24.04
CA ASP A 371 19.52 43.35 25.07
C ASP A 371 19.55 44.84 24.76
N GLY A 372 18.38 45.44 24.54
CA GLY A 372 18.30 46.86 24.28
C GLY A 372 18.65 47.30 22.86
N ALA A 373 19.09 46.38 22.03
CA ALA A 373 19.43 46.72 20.66
C ALA A 373 18.57 45.97 19.66
N ILE A 374 18.12 46.67 18.63
CA ILE A 374 17.30 46.11 17.57
C ILE A 374 18.25 45.59 16.50
N VAL A 375 17.99 44.37 16.00
CA VAL A 375 18.87 43.79 14.99
C VAL A 375 18.20 43.38 13.67
N HIS A 376 18.39 44.21 12.65
CA HIS A 376 17.89 44.05 11.27
C HIS A 376 16.50 44.56 10.87
N PRO A 377 16.06 45.71 11.44
CA PRO A 377 14.74 46.21 11.06
C PRO A 377 14.69 46.72 9.61
N ALA A 378 15.86 46.75 8.97
CA ALA A 378 15.96 47.20 7.59
C ALA A 378 16.84 46.27 6.76
N MET B 1 -51.57 17.62 -18.45
CA MET B 1 -51.81 17.62 -16.98
C MET B 1 -50.75 18.47 -16.30
N LYS B 2 -51.17 19.22 -15.28
CA LYS B 2 -50.25 20.10 -14.55
C LYS B 2 -49.72 19.52 -13.25
N ILE B 3 -48.44 19.77 -12.98
CA ILE B 3 -47.83 19.32 -11.73
C ILE B 3 -47.13 20.53 -11.13
N ALA B 4 -47.46 20.87 -9.89
CA ALA B 4 -46.87 22.03 -9.24
C ALA B 4 -45.99 21.72 -8.03
N ILE B 5 -44.99 22.56 -7.84
CA ILE B 5 -44.07 22.46 -6.71
C ILE B 5 -43.95 23.85 -6.09
N PRO B 6 -44.47 24.02 -4.87
CA PRO B 6 -44.41 25.33 -4.20
C PRO B 6 -43.13 25.47 -3.36
N LYS B 7 -42.88 26.67 -2.84
CA LYS B 7 -41.69 26.88 -2.02
C LYS B 7 -42.04 26.41 -0.62
N GLU B 8 -41.10 25.73 0.03
CA GLU B 8 -41.35 25.26 1.39
C GLU B 8 -41.48 26.47 2.31
N ARG B 9 -42.64 26.59 2.94
CA ARG B 9 -42.92 27.73 3.79
C ARG B 9 -42.50 27.55 5.26
N ARG B 10 -42.47 26.31 5.74
CA ARG B 10 -42.09 26.08 7.13
C ARG B 10 -40.66 26.54 7.39
N PRO B 11 -40.49 27.46 8.35
CA PRO B 11 -39.18 27.99 8.70
C PRO B 11 -38.10 26.91 8.88
N GLY B 12 -36.93 27.16 8.29
CA GLY B 12 -35.85 26.19 8.40
C GLY B 12 -35.76 25.20 7.26
N GLU B 13 -36.88 24.98 6.57
CA GLU B 13 -36.90 24.04 5.47
C GLU B 13 -36.37 24.71 4.22
N ASP B 14 -35.24 24.23 3.70
CA ASP B 14 -34.67 24.84 2.50
C ASP B 14 -34.58 23.88 1.31
N ARG B 15 -35.07 22.66 1.50
CA ARG B 15 -35.10 21.68 0.41
C ARG B 15 -36.29 22.02 -0.45
N VAL B 16 -36.36 21.46 -1.65
CA VAL B 16 -37.48 21.67 -2.56
C VAL B 16 -37.74 20.34 -3.26
N ALA B 17 -39.01 20.03 -3.52
CA ALA B 17 -39.38 18.77 -4.17
C ALA B 17 -39.28 18.81 -5.70
N ILE B 18 -38.14 19.22 -6.23
CA ILE B 18 -37.95 19.28 -7.67
C ILE B 18 -36.47 19.55 -8.00
N SER B 19 -36.06 19.20 -9.22
CA SER B 19 -34.70 19.44 -9.67
C SER B 19 -34.77 19.57 -11.18
N PRO B 20 -33.83 20.30 -11.79
CA PRO B 20 -33.87 20.44 -13.25
C PRO B 20 -33.93 19.11 -13.99
N GLU B 21 -33.20 18.11 -13.52
CA GLU B 21 -33.21 16.82 -14.18
C GLU B 21 -34.61 16.20 -14.12
N VAL B 22 -35.32 16.38 -13.01
CA VAL B 22 -36.65 15.79 -12.89
C VAL B 22 -37.66 16.56 -13.74
N VAL B 23 -37.48 17.87 -13.83
CA VAL B 23 -38.37 18.70 -14.64
C VAL B 23 -38.35 18.17 -16.07
N LYS B 24 -37.15 17.83 -16.54
CA LYS B 24 -37.00 17.33 -17.91
C LYS B 24 -37.74 16.02 -18.09
N LYS B 25 -37.67 15.15 -17.09
CA LYS B 25 -38.36 13.88 -17.20
C LYS B 25 -39.88 14.05 -17.08
N LEU B 26 -40.32 14.97 -16.22
CA LEU B 26 -41.74 15.22 -16.07
C LEU B 26 -42.31 15.74 -17.40
N VAL B 27 -41.67 16.75 -17.97
CA VAL B 27 -42.12 17.29 -19.24
C VAL B 27 -42.11 16.15 -20.26
N GLY B 28 -41.12 15.28 -20.15
CA GLY B 28 -41.01 14.14 -21.07
C GLY B 28 -42.20 13.21 -20.96
N LEU B 29 -42.79 13.13 -19.77
CA LEU B 29 -43.95 12.28 -19.55
C LEU B 29 -45.24 12.96 -20.03
N GLY B 30 -45.16 14.26 -20.31
CA GLY B 30 -46.33 14.98 -20.78
C GLY B 30 -46.86 16.05 -19.84
N PHE B 31 -46.23 16.22 -18.68
CA PHE B 31 -46.65 17.22 -17.70
C PHE B 31 -46.19 18.62 -18.04
N GLU B 32 -46.87 19.59 -17.45
CA GLU B 32 -46.52 21.01 -17.55
C GLU B 32 -46.06 21.16 -16.09
N VAL B 33 -44.80 21.53 -15.88
CA VAL B 33 -44.29 21.67 -14.52
C VAL B 33 -44.28 23.12 -14.11
N ILE B 34 -44.95 23.43 -13.00
CA ILE B 34 -45.02 24.80 -12.49
C ILE B 34 -44.33 24.86 -11.14
N VAL B 35 -43.40 25.79 -11.01
CA VAL B 35 -42.65 25.97 -9.77
C VAL B 35 -42.78 27.39 -9.24
N GLU B 36 -43.02 27.50 -7.93
CA GLU B 36 -43.14 28.82 -7.30
C GLU B 36 -41.76 29.49 -7.37
N GLN B 37 -41.73 30.76 -7.76
CA GLN B 37 -40.46 31.48 -7.86
C GLN B 37 -39.73 31.45 -6.51
N GLY B 38 -38.43 31.23 -6.56
CA GLY B 38 -37.64 31.19 -5.34
C GLY B 38 -37.66 29.85 -4.61
N ALA B 39 -38.50 28.92 -5.06
CA ALA B 39 -38.63 27.61 -4.43
C ALA B 39 -37.32 26.85 -4.22
N GLY B 40 -36.46 26.81 -5.26
CA GLY B 40 -35.21 26.08 -5.15
C GLY B 40 -33.96 26.85 -4.76
N VAL B 41 -34.08 28.16 -4.54
CA VAL B 41 -32.91 28.97 -4.18
C VAL B 41 -32.17 28.38 -2.97
N GLY B 42 -32.93 27.93 -1.98
CA GLY B 42 -32.32 27.35 -0.80
C GLY B 42 -31.50 26.14 -1.15
N ALA B 43 -31.85 25.47 -2.25
CA ALA B 43 -31.16 24.27 -2.71
C ALA B 43 -30.24 24.55 -3.90
N SER B 44 -29.90 25.82 -4.11
CA SER B 44 -29.00 26.23 -5.20
C SER B 44 -29.61 25.94 -6.56
N ILE B 45 -30.93 25.95 -6.63
CA ILE B 45 -31.65 25.71 -7.87
C ILE B 45 -32.30 27.04 -8.23
N THR B 46 -31.77 27.70 -9.25
CA THR B 46 -32.31 28.99 -9.67
C THR B 46 -33.55 28.82 -10.54
N ASP B 47 -34.37 29.87 -10.62
CA ASP B 47 -35.57 29.84 -11.44
C ASP B 47 -35.17 29.63 -12.90
N ASP B 48 -34.00 30.14 -13.27
CA ASP B 48 -33.52 30.00 -14.65
C ASP B 48 -33.06 28.59 -14.97
N ALA B 49 -32.52 27.89 -13.98
CA ALA B 49 -32.09 26.50 -14.17
C ALA B 49 -33.36 25.65 -14.45
N LEU B 50 -34.42 25.95 -13.70
CA LEU B 50 -35.68 25.24 -13.82
C LEU B 50 -36.43 25.55 -15.13
N THR B 51 -36.40 26.80 -15.56
CA THR B 51 -37.10 27.15 -16.81
C THR B 51 -36.33 26.60 -18.00
N ALA B 52 -35.02 26.44 -17.84
CA ALA B 52 -34.17 25.90 -18.89
C ALA B 52 -34.45 24.41 -19.07
N ALA B 53 -34.91 23.77 -18.00
CA ALA B 53 -35.23 22.34 -18.04
C ALA B 53 -36.65 22.07 -18.53
N GLY B 54 -37.45 23.12 -18.67
CA GLY B 54 -38.81 22.95 -19.16
C GLY B 54 -39.92 23.38 -18.22
N ALA B 55 -39.56 23.97 -17.08
CA ALA B 55 -40.56 24.42 -16.11
C ALA B 55 -40.99 25.88 -16.27
N THR B 56 -42.20 26.19 -15.80
CA THR B 56 -42.70 27.56 -15.85
C THR B 56 -42.73 28.06 -14.40
N ILE B 57 -42.27 29.29 -14.20
CA ILE B 57 -42.22 29.86 -12.85
C ILE B 57 -43.45 30.67 -12.53
N ALA B 58 -44.09 30.35 -11.41
CA ALA B 58 -45.28 31.07 -10.96
C ALA B 58 -44.93 31.86 -9.71
N SER B 59 -45.53 33.04 -9.55
CA SER B 59 -45.28 33.85 -8.37
C SER B 59 -46.30 33.41 -7.34
N THR B 60 -45.88 33.26 -6.09
CA THR B 60 -46.80 32.83 -5.04
C THR B 60 -47.28 31.39 -5.27
N ALA B 61 -47.51 30.69 -4.17
CA ALA B 61 -47.96 29.31 -4.18
C ALA B 61 -49.39 29.13 -4.65
N ALA B 62 -50.24 30.11 -4.39
CA ALA B 62 -51.64 30.04 -4.79
C ALA B 62 -51.67 29.88 -6.30
N GLN B 63 -50.88 30.70 -6.99
CA GLN B 63 -50.79 30.62 -8.43
C GLN B 63 -50.31 29.27 -8.90
N ALA B 64 -49.21 28.79 -8.32
CA ALA B 64 -48.65 27.50 -8.71
C ALA B 64 -49.61 26.33 -8.56
N LEU B 65 -50.34 26.31 -7.44
CA LEU B 65 -51.30 25.25 -7.13
C LEU B 65 -52.72 25.41 -7.65
N SER B 66 -53.07 26.64 -8.05
CA SER B 66 -54.42 26.93 -8.53
C SER B 66 -55.00 25.85 -9.44
N GLN B 67 -54.28 25.46 -10.49
CA GLN B 67 -54.80 24.46 -11.41
C GLN B 67 -53.98 23.16 -11.51
N ALA B 68 -53.15 22.88 -10.50
CA ALA B 68 -52.32 21.68 -10.55
C ALA B 68 -53.08 20.40 -10.23
N ASP B 69 -52.89 19.40 -11.09
CA ASP B 69 -53.54 18.10 -10.91
C ASP B 69 -52.69 17.25 -9.98
N VAL B 70 -51.41 17.58 -9.92
CA VAL B 70 -50.45 16.91 -9.06
C VAL B 70 -49.65 17.97 -8.30
N VAL B 71 -49.44 17.73 -7.02
CA VAL B 71 -48.68 18.65 -6.19
C VAL B 71 -47.61 17.85 -5.44
N TRP B 72 -46.38 18.37 -5.44
CA TRP B 72 -45.25 17.74 -4.76
C TRP B 72 -44.70 18.75 -3.75
N LYS B 73 -44.46 18.31 -2.51
CA LYS B 73 -43.90 19.18 -1.49
C LYS B 73 -42.95 18.35 -0.67
N VAL B 74 -42.09 19.01 0.11
CA VAL B 74 -41.16 18.28 0.94
C VAL B 74 -41.87 18.01 2.27
N GLN B 75 -42.26 19.04 3.01
CA GLN B 75 -42.98 18.84 4.26
C GLN B 75 -44.48 18.98 4.04
N ARG B 76 -45.26 18.42 4.95
CA ARG B 76 -46.70 18.48 4.81
C ARG B 76 -47.19 19.92 4.75
N PRO B 77 -48.30 20.17 4.03
CA PRO B 77 -48.84 21.52 3.93
C PRO B 77 -49.32 22.05 5.27
N MET B 78 -49.32 23.37 5.42
CA MET B 78 -49.76 23.99 6.66
C MET B 78 -51.25 24.21 6.61
N THR B 79 -51.87 24.21 7.78
CA THR B 79 -53.32 24.43 7.89
C THR B 79 -53.60 25.83 8.41
N ALA B 80 -54.87 26.23 8.33
CA ALA B 80 -55.27 27.53 8.81
C ALA B 80 -54.94 27.54 10.29
N GLU B 81 -54.88 26.33 10.86
CA GLU B 81 -54.58 26.14 12.28
C GLU B 81 -53.17 26.61 12.64
N GLU B 82 -52.28 26.65 11.65
CA GLU B 82 -50.90 27.05 11.86
C GLU B 82 -50.65 28.38 11.19
N GLY B 83 -51.72 29.00 10.72
CA GLY B 83 -51.61 30.27 10.03
C GLY B 83 -52.00 30.08 8.59
N THR B 84 -51.02 30.21 7.70
CA THR B 84 -51.27 30.05 6.28
C THR B 84 -51.86 28.67 5.95
N ASP B 85 -53.07 28.67 5.41
CA ASP B 85 -53.73 27.42 5.05
C ASP B 85 -53.30 27.02 3.64
N GLU B 86 -52.31 26.13 3.58
CA GLU B 86 -51.79 25.68 2.30
C GLU B 86 -52.69 24.65 1.63
N VAL B 87 -53.41 23.87 2.42
CA VAL B 87 -54.31 22.87 1.85
C VAL B 87 -55.40 23.53 0.98
N ALA B 88 -55.91 24.68 1.42
CA ALA B 88 -56.96 25.36 0.65
C ALA B 88 -56.45 25.83 -0.71
N LEU B 89 -55.14 25.80 -0.93
CA LEU B 89 -54.59 26.24 -2.20
C LEU B 89 -54.56 25.10 -3.22
N ILE B 90 -54.60 23.86 -2.73
CA ILE B 90 -54.58 22.68 -3.60
C ILE B 90 -55.96 22.44 -4.20
N LYS B 91 -56.02 22.30 -5.53
CA LYS B 91 -57.26 22.05 -6.23
C LYS B 91 -57.98 20.85 -5.63
N GLU B 92 -59.32 20.91 -5.59
CA GLU B 92 -60.10 19.81 -5.06
C GLU B 92 -59.92 18.61 -5.97
N GLY B 93 -59.76 17.43 -5.37
CA GLY B 93 -59.57 16.22 -6.13
C GLY B 93 -58.19 16.06 -6.74
N ALA B 94 -57.24 16.91 -6.36
CA ALA B 94 -55.89 16.82 -6.89
C ALA B 94 -55.08 15.78 -6.12
N VAL B 95 -53.92 15.43 -6.69
CA VAL B 95 -53.01 14.45 -6.08
C VAL B 95 -51.81 15.10 -5.40
N LEU B 96 -51.63 14.79 -4.12
CA LEU B 96 -50.53 15.32 -3.33
C LEU B 96 -49.56 14.22 -2.89
N MET B 97 -48.27 14.47 -3.10
CA MET B 97 -47.23 13.54 -2.72
C MET B 97 -46.22 14.35 -1.92
N CYS B 98 -45.95 13.92 -0.69
CA CYS B 98 -45.02 14.66 0.15
C CYS B 98 -44.87 13.94 1.48
N HIS B 99 -43.92 14.36 2.30
CA HIS B 99 -43.77 13.77 3.62
C HIS B 99 -44.97 14.36 4.37
N LEU B 100 -45.94 13.54 4.71
CA LEU B 100 -47.14 14.02 5.38
C LEU B 100 -47.17 13.88 6.89
N GLY B 101 -46.05 13.49 7.50
CA GLY B 101 -46.06 13.29 8.94
C GLY B 101 -46.91 12.04 9.13
N ALA B 102 -47.97 11.97 8.32
CA ALA B 102 -48.97 10.90 8.26
C ALA B 102 -49.31 10.27 9.59
N LEU B 103 -48.31 9.69 10.24
CA LEU B 103 -48.50 9.05 11.51
C LEU B 103 -49.10 10.01 12.56
N THR B 104 -48.47 11.16 12.72
CA THR B 104 -48.85 12.11 13.76
C THR B 104 -49.72 13.34 13.50
N ASN B 105 -50.13 13.64 12.27
CA ASN B 105 -50.92 14.85 12.08
C ASN B 105 -52.36 14.68 11.59
N ARG B 106 -53.30 14.88 12.50
CA ARG B 106 -54.71 14.75 12.20
C ARG B 106 -55.34 15.87 11.38
N PRO B 107 -55.15 17.13 11.79
CA PRO B 107 -55.72 18.28 11.06
C PRO B 107 -55.38 18.39 9.58
N VAL B 108 -54.14 18.10 9.21
CA VAL B 108 -53.76 18.17 7.80
C VAL B 108 -54.58 17.13 7.03
N VAL B 109 -54.71 15.94 7.60
CA VAL B 109 -55.48 14.87 6.97
C VAL B 109 -56.96 15.24 6.86
N GLU B 110 -57.52 15.80 7.94
CA GLU B 110 -58.91 16.22 7.94
C GLU B 110 -59.08 17.27 6.85
N ALA B 111 -58.14 18.21 6.79
CA ALA B 111 -58.16 19.28 5.80
C ALA B 111 -58.09 18.74 4.37
N LEU B 112 -57.23 17.76 4.16
CA LEU B 112 -57.08 17.16 2.84
C LEU B 112 -58.38 16.46 2.45
N THR B 113 -58.97 15.75 3.41
CA THR B 113 -60.22 15.03 3.16
C THR B 113 -61.37 15.97 2.75
N LYS B 114 -61.49 17.09 3.44
CA LYS B 114 -62.55 18.04 3.16
C LYS B 114 -62.51 18.54 1.71
N ARG B 115 -61.31 18.61 1.13
CA ARG B 115 -61.17 19.07 -0.24
C ARG B 115 -61.07 17.91 -1.23
N LYS B 116 -61.35 16.69 -0.76
CA LYS B 116 -61.32 15.50 -1.60
C LYS B 116 -59.97 15.31 -2.28
N ILE B 117 -58.91 15.67 -1.59
CA ILE B 117 -57.56 15.55 -2.14
C ILE B 117 -57.01 14.18 -1.84
N THR B 118 -56.41 13.55 -2.84
CA THR B 118 -55.80 12.23 -2.66
C THR B 118 -54.36 12.52 -2.26
N ALA B 119 -53.97 12.13 -1.06
CA ALA B 119 -52.61 12.40 -0.61
C ALA B 119 -51.81 11.12 -0.37
N TYR B 120 -50.61 11.08 -0.93
CA TYR B 120 -49.74 9.92 -0.76
C TYR B 120 -48.63 10.32 0.20
N ALA B 121 -48.58 9.67 1.35
CA ALA B 121 -47.58 9.93 2.36
C ALA B 121 -46.31 9.14 2.04
N MET B 122 -45.43 9.77 1.26
CA MET B 122 -44.17 9.17 0.85
C MET B 122 -43.41 8.48 1.98
N GLU B 123 -43.46 9.05 3.19
CA GLU B 123 -42.74 8.45 4.31
C GLU B 123 -43.27 7.10 4.77
N LEU B 124 -44.43 6.71 4.24
CA LEU B 124 -45.03 5.44 4.62
C LEU B 124 -44.73 4.35 3.60
N MET B 125 -43.85 4.69 2.66
CA MET B 125 -43.46 3.78 1.58
C MET B 125 -43.12 2.36 2.04
N PRO B 126 -43.82 1.35 1.48
CA PRO B 126 -43.54 -0.03 1.88
C PRO B 126 -42.05 -0.38 1.79
N ARG B 127 -41.56 -1.11 2.78
CA ARG B 127 -40.16 -1.48 2.83
C ARG B 127 -39.85 -2.71 1.96
N ILE B 128 -40.05 -2.55 0.66
CA ILE B 128 -39.79 -3.62 -0.28
C ILE B 128 -38.70 -3.20 -1.27
N SER B 129 -37.83 -4.14 -1.59
CA SER B 129 -36.71 -3.91 -2.49
C SER B 129 -37.02 -3.03 -3.71
N ARG B 130 -38.16 -3.26 -4.36
CA ARG B 130 -38.49 -2.49 -5.55
C ARG B 130 -38.89 -1.04 -5.30
N ALA B 131 -39.19 -0.71 -4.04
CA ALA B 131 -39.58 0.66 -3.70
C ALA B 131 -38.46 1.45 -3.03
N GLN B 132 -37.24 0.90 -3.04
CA GLN B 132 -36.10 1.59 -2.43
C GLN B 132 -35.80 2.89 -3.17
N SER B 133 -36.09 2.92 -4.47
CA SER B 133 -35.86 4.10 -5.30
C SER B 133 -36.93 5.18 -5.14
N MET B 134 -37.92 4.91 -4.27
CA MET B 134 -39.00 5.87 -4.03
C MET B 134 -39.01 6.26 -2.56
N ASP B 135 -38.13 5.63 -1.79
CA ASP B 135 -38.02 5.84 -0.35
C ASP B 135 -37.32 7.14 0.05
N ILE B 136 -38.09 8.12 0.53
CA ILE B 136 -37.53 9.41 0.95
C ILE B 136 -36.79 9.35 2.28
N LEU B 137 -37.28 8.52 3.21
CA LEU B 137 -36.62 8.40 4.50
C LEU B 137 -35.16 8.01 4.29
N SER B 138 -34.90 7.06 3.38
CA SER B 138 -33.55 6.61 3.11
C SER B 138 -32.65 7.67 2.48
N SER B 139 -33.13 8.28 1.40
CA SER B 139 -32.37 9.30 0.68
C SER B 139 -31.97 10.47 1.56
N GLN B 140 -32.87 10.90 2.42
CA GLN B 140 -32.59 12.03 3.29
C GLN B 140 -31.73 11.63 4.48
N SER B 141 -31.92 10.42 4.99
CA SER B 141 -31.14 9.95 6.12
C SER B 141 -29.70 9.67 5.71
N ASN B 142 -29.50 9.31 4.46
CA ASN B 142 -28.16 9.06 3.99
C ASN B 142 -27.36 10.36 4.02
N LEU B 143 -27.96 11.43 3.51
CA LEU B 143 -27.28 12.72 3.51
C LEU B 143 -27.18 13.25 4.94
N ALA B 144 -28.17 12.95 5.77
CA ALA B 144 -28.15 13.41 7.17
C ALA B 144 -26.98 12.79 7.92
N GLY B 145 -26.64 11.55 7.58
CA GLY B 145 -25.53 10.89 8.23
C GLY B 145 -24.21 11.55 7.84
N TYR B 146 -24.08 11.83 6.54
CA TYR B 146 -22.89 12.47 6.04
C TYR B 146 -22.70 13.83 6.72
N ARG B 147 -23.77 14.60 6.79
CA ARG B 147 -23.73 15.93 7.39
C ARG B 147 -23.46 15.90 8.91
N ALA B 148 -23.90 14.87 9.60
CA ALA B 148 -23.63 14.79 11.04
C ALA B 148 -22.13 14.90 11.27
N VAL B 149 -21.36 14.17 10.47
CA VAL B 149 -19.90 14.17 10.55
C VAL B 149 -19.33 15.54 10.19
N ILE B 150 -19.85 16.13 9.12
CA ILE B 150 -19.35 17.43 8.69
C ILE B 150 -19.56 18.44 9.82
N ASP B 151 -20.76 18.49 10.38
CA ASP B 151 -21.03 19.41 11.47
C ASP B 151 -20.19 19.06 12.71
N GLY B 152 -19.88 17.77 12.86
CA GLY B 152 -19.06 17.32 13.97
C GLY B 152 -17.66 17.87 13.85
N ALA B 153 -17.08 17.76 12.66
CA ALA B 153 -15.73 18.26 12.40
C ALA B 153 -15.64 19.79 12.47
N TYR B 154 -16.71 20.48 12.06
CA TYR B 154 -16.74 21.95 12.08
C TYR B 154 -16.69 22.48 13.51
N GLU B 155 -17.40 21.81 14.41
CA GLU B 155 -17.44 22.23 15.80
C GLU B 155 -16.23 21.77 16.62
N PHE B 156 -15.51 20.76 16.13
CA PHE B 156 -14.34 20.18 16.82
C PHE B 156 -13.08 21.04 16.60
N ALA B 157 -12.33 21.29 17.67
CA ALA B 157 -11.11 22.10 17.58
C ALA B 157 -9.88 21.28 17.22
N ARG B 158 -10.08 20.03 16.81
CA ARG B 158 -8.98 19.17 16.41
C ARG B 158 -9.24 18.68 15.00
N ALA B 159 -8.19 18.19 14.35
CA ALA B 159 -8.31 17.68 13.00
C ALA B 159 -8.71 16.22 13.08
N PHE B 160 -9.54 15.77 12.14
CA PHE B 160 -9.99 14.39 12.12
C PHE B 160 -8.84 13.42 11.81
N PRO B 161 -8.05 13.70 10.77
CA PRO B 161 -6.95 12.79 10.44
C PRO B 161 -5.72 12.78 11.29
N MET B 162 -5.05 11.63 11.32
CA MET B 162 -3.80 11.51 12.03
C MET B 162 -2.82 12.18 11.11
N MET B 163 -2.05 13.13 11.63
CA MET B 163 -1.05 13.81 10.81
C MET B 163 0.33 13.71 11.43
N MET B 164 1.24 13.05 10.73
CA MET B 164 2.61 12.92 11.22
C MET B 164 3.38 14.00 10.47
N THR B 165 3.88 14.98 11.21
CA THR B 165 4.59 16.11 10.61
C THR B 165 5.95 16.40 11.25
N ALA B 166 6.69 17.31 10.65
CA ALA B 166 7.99 17.70 11.16
C ALA B 166 7.82 18.16 12.61
N ALA B 167 6.68 18.77 12.90
CA ALA B 167 6.41 19.28 14.25
C ALA B 167 5.74 18.29 15.19
N GLY B 168 5.75 17.01 14.83
CA GLY B 168 5.11 16.01 15.67
C GLY B 168 3.88 15.47 14.97
N THR B 169 3.19 14.53 15.58
CA THR B 169 2.03 13.98 14.92
C THR B 169 0.72 14.38 15.57
N VAL B 170 -0.29 14.57 14.72
CA VAL B 170 -1.64 14.90 15.13
C VAL B 170 -2.33 13.56 15.25
N PRO B 171 -2.87 13.23 16.43
CA PRO B 171 -3.55 11.94 16.57
C PRO B 171 -4.90 12.05 15.85
N PRO B 172 -5.44 10.93 15.36
CA PRO B 172 -6.73 10.96 14.67
C PRO B 172 -7.87 11.21 15.63
N ALA B 173 -8.97 11.75 15.12
CA ALA B 173 -10.14 11.98 15.95
C ALA B 173 -10.76 10.62 16.23
N ARG B 174 -11.40 10.49 17.40
CA ARG B 174 -12.06 9.24 17.75
C ARG B 174 -13.58 9.49 17.68
N VAL B 175 -14.24 8.82 16.72
CA VAL B 175 -15.67 8.99 16.52
C VAL B 175 -16.48 7.76 16.98
N LEU B 176 -17.52 8.01 17.78
CA LEU B 176 -18.39 6.93 18.27
C LEU B 176 -19.80 7.17 17.73
N VAL B 177 -20.34 6.18 17.02
CA VAL B 177 -21.68 6.29 16.43
C VAL B 177 -22.72 5.41 17.14
N PHE B 178 -23.83 6.01 17.55
CA PHE B 178 -24.92 5.30 18.21
C PHE B 178 -26.10 5.22 17.24
N GLY B 179 -26.29 4.05 16.63
CA GLY B 179 -27.39 3.88 15.69
C GLY B 179 -26.87 3.56 14.30
N VAL B 180 -26.78 2.27 13.98
CA VAL B 180 -26.28 1.87 12.67
C VAL B 180 -27.37 1.77 11.62
N GLY B 181 -28.23 2.78 11.57
CA GLY B 181 -29.30 2.79 10.58
C GLY B 181 -28.71 3.33 9.29
N VAL B 182 -29.54 3.85 8.40
CA VAL B 182 -29.03 4.39 7.14
C VAL B 182 -28.07 5.54 7.41
N ALA B 183 -28.45 6.43 8.33
CA ALA B 183 -27.63 7.59 8.66
C ALA B 183 -26.35 7.17 9.40
N GLY B 184 -26.49 6.27 10.35
CA GLY B 184 -25.33 5.81 11.10
C GLY B 184 -24.29 5.28 10.15
N LEU B 185 -24.73 4.56 9.12
CA LEU B 185 -23.80 3.99 8.16
C LEU B 185 -23.03 5.04 7.38
N GLN B 186 -23.68 6.16 7.06
CA GLN B 186 -22.99 7.19 6.31
C GLN B 186 -22.07 7.97 7.24
N ALA B 187 -22.47 8.11 8.50
CA ALA B 187 -21.65 8.82 9.47
C ALA B 187 -20.35 8.05 9.65
N ILE B 188 -20.45 6.71 9.66
CA ILE B 188 -19.28 5.87 9.82
C ILE B 188 -18.39 5.99 8.58
N ALA B 189 -19.00 5.87 7.41
CA ALA B 189 -18.22 5.96 6.18
C ALA B 189 -17.54 7.31 6.08
N THR B 190 -18.27 8.38 6.41
CA THR B 190 -17.69 9.72 6.32
C THR B 190 -16.59 9.97 7.37
N ALA B 191 -16.81 9.51 8.59
CA ALA B 191 -15.82 9.71 9.64
C ALA B 191 -14.57 8.90 9.34
N LYS B 192 -14.73 7.84 8.56
CA LYS B 192 -13.62 6.97 8.22
C LYS B 192 -12.72 7.61 7.17
N ARG B 193 -13.30 8.06 6.07
CA ARG B 193 -12.53 8.68 5.01
C ARG B 193 -11.81 9.95 5.48
N LEU B 194 -12.31 10.57 6.55
CA LEU B 194 -11.68 11.77 7.08
C LEU B 194 -10.46 11.36 7.91
N GLY B 195 -10.35 10.07 8.18
CA GLY B 195 -9.19 9.58 8.94
C GLY B 195 -9.42 9.28 10.40
N ALA B 196 -10.65 9.39 10.88
CA ALA B 196 -10.90 9.12 12.28
C ALA B 196 -10.94 7.63 12.57
N VAL B 197 -10.81 7.31 13.85
CA VAL B 197 -10.91 5.95 14.36
C VAL B 197 -12.41 5.89 14.64
N VAL B 198 -13.12 4.96 14.02
CA VAL B 198 -14.56 4.90 14.21
C VAL B 198 -15.10 3.70 14.95
N MET B 199 -15.83 3.96 16.03
CA MET B 199 -16.47 2.91 16.81
C MET B 199 -17.98 3.06 16.58
N ALA B 200 -18.67 1.93 16.47
CA ALA B 200 -20.12 1.95 16.28
C ALA B 200 -20.78 1.01 17.28
N THR B 201 -22.04 1.27 17.57
CA THR B 201 -22.79 0.44 18.52
C THR B 201 -24.27 0.51 18.15
N ASP B 202 -25.02 -0.50 18.57
CA ASP B 202 -26.45 -0.56 18.30
C ASP B 202 -27.03 -1.76 19.02
N VAL B 203 -28.25 -1.61 19.52
CA VAL B 203 -28.93 -2.68 20.22
C VAL B 203 -29.20 -3.85 19.28
N ARG B 204 -29.18 -3.56 17.97
CA ARG B 204 -29.40 -4.56 16.94
C ARG B 204 -28.03 -5.05 16.45
N ALA B 205 -27.65 -6.24 16.91
CA ALA B 205 -26.35 -6.81 16.55
C ALA B 205 -26.24 -7.26 15.09
N ALA B 206 -27.37 -7.28 14.38
CA ALA B 206 -27.37 -7.71 12.98
C ALA B 206 -26.57 -6.72 12.13
N THR B 207 -26.26 -5.57 12.73
CA THR B 207 -25.53 -4.50 12.06
C THR B 207 -24.02 -4.66 12.19
N LYS B 208 -23.62 -5.49 13.15
CA LYS B 208 -22.22 -5.75 13.45
C LYS B 208 -21.39 -6.03 12.19
N GLU B 209 -22.00 -6.69 11.20
CA GLU B 209 -21.30 -7.00 9.95
C GLU B 209 -21.05 -5.76 9.10
N GLN B 210 -21.95 -4.78 9.19
CA GLN B 210 -21.82 -3.57 8.39
C GLN B 210 -20.88 -2.53 9.01
N VAL B 211 -20.88 -2.44 10.34
CA VAL B 211 -20.00 -1.48 11.01
C VAL B 211 -18.56 -1.82 10.66
N GLU B 212 -18.25 -3.11 10.69
CA GLU B 212 -16.91 -3.60 10.38
C GLU B 212 -16.67 -3.50 8.88
N SER B 213 -17.76 -3.48 8.13
CA SER B 213 -17.71 -3.38 6.68
C SER B 213 -17.10 -2.05 6.24
N LEU B 214 -17.50 -0.98 6.92
CA LEU B 214 -17.02 0.37 6.60
C LEU B 214 -15.71 0.74 7.30
N GLY B 215 -15.21 -0.14 8.15
CA GLY B 215 -13.97 0.12 8.85
C GLY B 215 -14.18 0.49 10.31
N GLY B 216 -15.44 0.48 10.74
CA GLY B 216 -15.73 0.82 12.12
C GLY B 216 -15.55 -0.37 13.04
N LYS B 217 -15.48 -0.09 14.34
CA LYS B 217 -15.32 -1.14 15.33
C LYS B 217 -16.59 -1.29 16.16
N PHE B 218 -17.36 -2.34 15.90
CA PHE B 218 -18.58 -2.55 16.67
C PHE B 218 -18.16 -2.66 18.13
N ILE B 219 -18.91 -2.04 19.03
CA ILE B 219 -18.59 -2.11 20.44
C ILE B 219 -19.31 -3.28 21.09
N THR B 220 -18.55 -4.35 21.34
CA THR B 220 -19.08 -5.55 21.95
C THR B 220 -18.59 -5.70 23.38
N VAL B 221 -19.51 -5.97 24.30
CA VAL B 221 -19.20 -6.15 25.71
C VAL B 221 -19.36 -7.61 26.14
N ARG B 244 -27.52 -7.98 28.70
CA ARG B 244 -26.27 -7.54 28.06
C ARG B 244 -25.93 -6.12 28.52
N LYS B 245 -26.63 -5.63 29.55
CA LYS B 245 -26.40 -4.27 30.02
C LYS B 245 -25.05 -3.90 30.62
N LYS B 246 -24.13 -4.85 30.70
CA LYS B 246 -22.80 -4.53 31.22
C LYS B 246 -22.10 -3.92 30.01
N GLN B 247 -22.91 -3.70 28.97
CA GLN B 247 -22.48 -3.12 27.71
C GLN B 247 -22.41 -1.61 27.95
N ALA B 248 -23.24 -1.13 28.86
CA ALA B 248 -23.29 0.28 29.21
C ALA B 248 -21.90 0.73 29.68
N GLU B 249 -21.22 -0.16 30.41
CA GLU B 249 -19.89 0.14 30.91
C GLU B 249 -18.90 0.11 29.74
N ALA B 250 -19.23 -0.67 28.72
CA ALA B 250 -18.40 -0.80 27.53
C ALA B 250 -18.53 0.42 26.63
N VAL B 251 -19.62 1.16 26.80
CA VAL B 251 -19.87 2.34 26.00
C VAL B 251 -19.34 3.58 26.71
N LEU B 252 -19.35 3.55 28.04
CA LEU B 252 -18.85 4.65 28.84
C LEU B 252 -17.33 4.60 28.68
N LYS B 253 -16.83 3.39 28.47
CA LYS B 253 -15.40 3.16 28.29
C LYS B 253 -14.92 3.84 27.01
N GLU B 254 -15.65 3.63 25.92
CA GLU B 254 -15.28 4.25 24.66
C GLU B 254 -15.59 5.75 24.68
N LEU B 255 -16.76 6.09 25.19
CA LEU B 255 -17.17 7.49 25.26
C LEU B 255 -16.19 8.39 26.03
N VAL B 256 -15.71 7.90 27.17
CA VAL B 256 -14.78 8.67 27.98
C VAL B 256 -13.55 9.11 27.19
N LYS B 257 -13.24 8.38 26.13
CA LYS B 257 -12.08 8.74 25.30
C LYS B 257 -12.51 9.02 23.86
N THR B 258 -13.76 9.44 23.72
CA THR B 258 -14.33 9.76 22.42
C THR B 258 -14.22 11.26 22.18
N ASP B 259 -14.02 11.62 20.93
CA ASP B 259 -13.93 13.04 20.58
C ASP B 259 -15.28 13.49 20.02
N ILE B 260 -15.81 12.72 19.08
CA ILE B 260 -17.09 13.04 18.46
C ILE B 260 -18.08 11.89 18.62
N ALA B 261 -19.19 12.15 19.30
CA ALA B 261 -20.22 11.15 19.50
C ALA B 261 -21.40 11.51 18.63
N ILE B 262 -21.72 10.68 17.64
CA ILE B 262 -22.84 10.94 16.75
C ILE B 262 -24.00 9.99 17.06
N THR B 263 -25.14 10.52 17.49
CA THR B 263 -26.28 9.67 17.82
C THR B 263 -27.39 9.77 16.78
N THR B 264 -27.76 8.63 16.20
CA THR B 264 -28.80 8.58 15.17
C THR B 264 -29.93 7.60 15.52
N ALA B 265 -30.29 7.51 16.80
CA ALA B 265 -31.34 6.59 17.23
C ALA B 265 -32.73 7.20 17.06
N LEU B 266 -33.16 7.32 15.81
CA LEU B 266 -34.48 7.88 15.50
C LEU B 266 -35.36 6.80 14.87
N ILE B 267 -36.28 6.27 15.67
CA ILE B 267 -37.21 5.23 15.21
C ILE B 267 -38.56 5.88 14.87
N PRO B 268 -38.70 6.40 13.63
CA PRO B 268 -39.90 7.06 13.14
C PRO B 268 -41.21 6.58 13.79
N GLY B 269 -41.73 7.42 14.68
CA GLY B 269 -42.97 7.09 15.37
C GLY B 269 -42.72 6.57 16.77
N LYS B 270 -42.07 7.40 17.59
CA LYS B 270 -41.75 7.04 18.98
C LYS B 270 -40.62 7.93 19.46
N PRO B 271 -40.68 8.37 20.72
CA PRO B 271 -39.60 9.22 21.23
C PRO B 271 -38.26 8.51 21.08
N ALA B 272 -37.18 9.26 21.12
CA ALA B 272 -35.84 8.69 20.98
C ALA B 272 -35.31 8.20 22.32
N PRO B 273 -34.52 7.11 22.30
CA PRO B 273 -33.93 6.54 23.53
C PRO B 273 -32.80 7.41 24.09
N VAL B 274 -32.71 7.48 25.42
CA VAL B 274 -31.67 8.27 26.09
C VAL B 274 -30.37 7.48 26.20
N LEU B 275 -29.54 7.58 25.17
CA LEU B 275 -28.26 6.87 25.10
C LEU B 275 -27.12 7.54 25.85
N ILE B 276 -27.23 8.83 26.09
CA ILE B 276 -26.16 9.56 26.77
C ILE B 276 -26.76 10.53 27.79
N THR B 277 -26.66 10.16 29.06
CA THR B 277 -27.17 10.99 30.13
C THR B 277 -26.20 12.12 30.42
N GLU B 278 -26.68 13.18 31.07
CA GLU B 278 -25.82 14.31 31.41
C GLU B 278 -24.65 13.73 32.18
N GLU B 279 -24.88 12.59 32.82
CA GLU B 279 -23.87 11.89 33.61
C GLU B 279 -22.74 11.38 32.72
N MET B 280 -23.10 10.73 31.62
CA MET B 280 -22.12 10.20 30.69
C MET B 280 -21.32 11.34 30.06
N VAL B 281 -21.95 12.50 29.96
CA VAL B 281 -21.33 13.68 29.37
C VAL B 281 -20.36 14.37 30.31
N THR B 282 -20.65 14.33 31.59
CA THR B 282 -19.76 14.97 32.56
C THR B 282 -18.43 14.24 32.68
N LYS B 283 -18.39 13.01 32.15
CA LYS B 283 -17.18 12.20 32.21
C LYS B 283 -16.39 12.26 30.91
N MET B 284 -17.00 12.88 29.91
CA MET B 284 -16.33 13.03 28.62
C MET B 284 -15.26 14.08 28.76
N LYS B 285 -14.49 14.27 27.70
CA LYS B 285 -13.42 15.25 27.75
C LYS B 285 -13.76 16.58 27.10
N PRO B 286 -13.21 17.69 27.65
CA PRO B 286 -13.44 19.04 27.14
C PRO B 286 -13.12 19.08 25.65
N GLY B 287 -13.86 19.90 24.91
CA GLY B 287 -13.62 20.00 23.48
C GLY B 287 -14.34 18.90 22.74
N SER B 288 -14.93 17.95 23.46
CA SER B 288 -15.66 16.87 22.81
C SER B 288 -16.96 17.42 22.19
N VAL B 289 -17.51 16.69 21.23
CA VAL B 289 -18.73 17.10 20.54
C VAL B 289 -19.76 15.97 20.42
N ILE B 290 -21.01 16.29 20.69
CA ILE B 290 -22.10 15.33 20.57
C ILE B 290 -23.09 15.87 19.55
N ILE B 291 -23.31 15.13 18.46
CA ILE B 291 -24.25 15.55 17.44
C ILE B 291 -25.47 14.66 17.57
N ASP B 292 -26.55 15.21 18.10
CA ASP B 292 -27.78 14.45 18.29
C ASP B 292 -28.75 14.59 17.13
N LEU B 293 -28.74 13.64 16.22
CA LEU B 293 -29.63 13.69 15.07
C LEU B 293 -31.08 13.38 15.45
N ALA B 294 -31.28 12.90 16.67
CA ALA B 294 -32.62 12.57 17.13
C ALA B 294 -33.20 13.61 18.10
N VAL B 295 -32.64 14.81 18.11
CA VAL B 295 -33.09 15.89 18.99
C VAL B 295 -34.59 16.23 18.83
N GLU B 296 -35.12 16.08 17.61
CA GLU B 296 -36.52 16.38 17.33
C GLU B 296 -37.46 15.50 18.15
N ALA B 297 -37.11 14.23 18.23
CA ALA B 297 -37.90 13.24 18.94
C ALA B 297 -37.40 13.09 20.38
N GLY B 298 -36.99 14.19 20.99
CA GLY B 298 -36.49 14.15 22.36
C GLY B 298 -34.98 14.13 22.42
N GLY B 299 -34.36 13.29 21.59
CA GLY B 299 -32.91 13.21 21.54
C GLY B 299 -32.29 12.03 22.28
N ASN B 300 -31.27 11.45 21.66
CA ASN B 300 -30.54 10.32 22.23
C ASN B 300 -29.77 10.83 23.44
N CYS B 301 -29.69 12.15 23.56
CA CYS B 301 -29.01 12.80 24.67
C CYS B 301 -29.91 13.92 25.17
N PRO B 302 -30.47 13.76 26.38
CA PRO B 302 -31.37 14.71 27.04
C PRO B 302 -30.88 16.15 27.15
N LEU B 303 -29.58 16.36 26.95
CA LEU B 303 -29.01 17.70 27.06
C LEU B 303 -29.14 18.52 25.78
N SER B 304 -29.38 17.83 24.66
CA SER B 304 -29.52 18.52 23.38
C SER B 304 -30.81 19.33 23.35
N GLU B 305 -30.71 20.52 22.76
CA GLU B 305 -31.85 21.43 22.63
C GLU B 305 -32.09 21.69 21.15
N PRO B 306 -33.29 21.38 20.65
CA PRO B 306 -33.69 21.56 19.24
C PRO B 306 -33.29 22.89 18.62
N GLY B 307 -32.36 22.84 17.66
CA GLY B 307 -31.93 24.04 16.97
C GLY B 307 -30.82 24.84 17.60
N LYS B 308 -30.16 24.28 18.61
CA LYS B 308 -29.07 25.01 19.27
C LYS B 308 -27.89 24.13 19.59
N ILE B 309 -26.78 24.77 19.93
CA ILE B 309 -25.59 24.06 20.34
C ILE B 309 -25.33 24.48 21.78
N VAL B 310 -25.55 23.54 22.69
CA VAL B 310 -25.36 23.80 24.11
C VAL B 310 -23.92 23.47 24.50
N VAL B 311 -23.38 24.26 25.42
CA VAL B 311 -22.02 24.03 25.90
C VAL B 311 -22.13 23.70 27.37
N LYS B 312 -22.04 22.41 27.68
CA LYS B 312 -22.11 21.94 29.05
C LYS B 312 -20.95 21.03 29.37
N HIS B 313 -20.39 21.18 30.56
CA HIS B 313 -19.26 20.38 31.01
C HIS B 313 -18.08 20.45 30.04
N GLY B 314 -17.98 21.52 29.28
CA GLY B 314 -16.89 21.67 28.34
C GLY B 314 -17.18 20.95 27.03
N VAL B 315 -18.34 20.31 26.97
CA VAL B 315 -18.76 19.57 25.79
C VAL B 315 -19.83 20.30 24.99
N LYS B 316 -19.69 20.28 23.67
CA LYS B 316 -20.65 20.93 22.78
C LYS B 316 -21.67 19.90 22.32
N ILE B 317 -22.95 20.18 22.61
CA ILE B 317 -24.07 19.30 22.24
C ILE B 317 -24.77 19.96 21.06
N VAL B 318 -24.58 19.39 19.86
CA VAL B 318 -25.15 19.95 18.63
C VAL B 318 -26.51 19.34 18.32
N GLY B 319 -27.51 20.20 18.19
CA GLY B 319 -28.84 19.71 17.91
C GLY B 319 -29.54 20.47 16.80
N HIS B 320 -28.95 20.49 15.62
CA HIS B 320 -29.57 21.18 14.49
C HIS B 320 -30.89 20.48 14.17
N THR B 321 -31.89 21.25 13.73
CA THR B 321 -33.20 20.69 13.44
C THR B 321 -33.41 19.92 12.14
N ASN B 322 -33.36 20.63 11.02
CA ASN B 322 -33.58 20.02 9.71
C ASN B 322 -32.23 19.65 9.11
N VAL B 323 -31.64 18.53 9.53
CA VAL B 323 -30.31 18.17 9.01
C VAL B 323 -30.24 17.94 7.51
N PRO B 324 -31.22 17.22 6.93
CA PRO B 324 -31.09 17.04 5.48
C PRO B 324 -31.19 18.36 4.73
N SER B 325 -31.74 19.37 5.39
CA SER B 325 -31.88 20.70 4.80
C SER B 325 -30.52 21.38 4.78
N ARG B 326 -29.61 20.90 5.64
CA ARG B 326 -28.27 21.46 5.70
C ARG B 326 -27.44 20.93 4.53
N VAL B 327 -28.08 20.07 3.72
CA VAL B 327 -27.47 19.48 2.54
C VAL B 327 -28.57 19.59 1.47
N ALA B 328 -29.33 20.66 1.58
CA ALA B 328 -30.47 20.90 0.71
C ALA B 328 -30.24 20.74 -0.80
N ALA B 329 -29.07 21.16 -1.27
CA ALA B 329 -28.74 21.10 -2.70
C ALA B 329 -28.55 19.68 -3.27
N ASP B 330 -28.35 18.71 -2.38
CA ASP B 330 -28.22 17.32 -2.77
C ASP B 330 -29.49 16.59 -2.29
N ALA B 331 -30.05 17.04 -1.17
CA ALA B 331 -31.25 16.42 -0.64
C ALA B 331 -32.42 16.61 -1.58
N SER B 332 -32.53 17.81 -2.17
CA SER B 332 -33.62 18.14 -3.08
C SER B 332 -33.67 17.28 -4.35
N PRO B 333 -32.55 17.18 -5.09
CA PRO B 333 -32.56 16.36 -6.31
C PRO B 333 -32.95 14.90 -6.02
N LEU B 334 -32.49 14.36 -4.89
CA LEU B 334 -32.82 13.00 -4.50
C LEU B 334 -34.28 12.85 -4.12
N PHE B 335 -34.79 13.80 -3.35
CA PHE B 335 -36.19 13.79 -2.94
C PHE B 335 -37.03 13.85 -4.21
N ALA B 336 -36.65 14.73 -5.12
CA ALA B 336 -37.36 14.87 -6.38
C ALA B 336 -37.34 13.59 -7.20
N LYS B 337 -36.26 12.80 -7.12
CA LYS B 337 -36.23 11.58 -7.91
C LYS B 337 -37.02 10.46 -7.23
N ASN B 338 -37.12 10.50 -5.90
CA ASN B 338 -37.92 9.51 -5.18
C ASN B 338 -39.37 9.69 -5.65
N LEU B 339 -39.80 10.95 -5.72
CA LEU B 339 -41.17 11.26 -6.15
C LEU B 339 -41.40 10.83 -7.60
N LEU B 340 -40.46 11.18 -8.49
CA LEU B 340 -40.56 10.81 -9.90
C LEU B 340 -40.60 9.28 -10.06
N ASN B 341 -39.76 8.57 -9.31
CA ASN B 341 -39.74 7.11 -9.38
C ASN B 341 -41.10 6.52 -8.98
N PHE B 342 -41.68 7.04 -7.91
CA PHE B 342 -42.97 6.59 -7.41
C PHE B 342 -44.12 6.89 -8.37
N LEU B 343 -44.03 8.03 -9.04
CA LEU B 343 -45.07 8.45 -9.96
C LEU B 343 -45.01 7.98 -11.42
N THR B 344 -43.81 7.81 -11.96
CA THR B 344 -43.66 7.44 -13.37
C THR B 344 -44.43 6.20 -13.89
N PRO B 345 -44.50 5.12 -13.09
CA PRO B 345 -45.21 3.91 -13.53
C PRO B 345 -46.71 4.12 -13.78
N HIS B 346 -47.26 5.19 -13.23
CA HIS B 346 -48.68 5.48 -13.34
C HIS B 346 -49.08 6.57 -14.34
N VAL B 347 -48.16 7.00 -15.19
CA VAL B 347 -48.48 8.04 -16.14
C VAL B 347 -48.87 7.45 -17.48
N ASP B 348 -50.01 7.91 -18.03
CA ASP B 348 -50.46 7.42 -19.33
C ASP B 348 -49.64 8.10 -20.41
N LYS B 349 -49.57 9.42 -20.33
CA LYS B 349 -48.83 10.29 -21.25
C LYS B 349 -49.49 10.38 -22.62
N ASP B 350 -49.89 9.24 -23.17
CA ASP B 350 -50.56 9.19 -24.48
C ASP B 350 -51.90 9.89 -24.37
N THR B 351 -52.48 9.86 -23.18
CA THR B 351 -53.74 10.54 -22.92
C THR B 351 -53.41 11.65 -21.93
N LYS B 352 -52.13 11.77 -21.60
CA LYS B 352 -51.66 12.80 -20.68
C LYS B 352 -52.47 12.87 -19.40
N THR B 353 -52.67 11.72 -18.75
CA THR B 353 -53.40 11.68 -17.49
C THR B 353 -52.72 10.72 -16.53
N LEU B 354 -52.92 10.96 -15.24
CA LEU B 354 -52.32 10.12 -14.22
C LEU B 354 -53.32 9.05 -13.80
N VAL B 355 -52.87 7.80 -13.74
CA VAL B 355 -53.73 6.70 -13.33
C VAL B 355 -53.01 5.85 -12.30
N MET B 356 -53.04 6.29 -11.04
CA MET B 356 -52.38 5.54 -9.98
C MET B 356 -53.03 4.17 -9.85
N LYS B 357 -52.29 3.11 -10.15
CA LYS B 357 -52.83 1.76 -10.02
C LYS B 357 -53.08 1.46 -8.54
N LEU B 358 -54.36 1.40 -8.17
CA LEU B 358 -54.78 1.14 -6.80
C LEU B 358 -54.21 -0.16 -6.23
N GLU B 359 -54.02 -1.14 -7.10
CA GLU B 359 -53.51 -2.43 -6.68
C GLU B 359 -52.03 -2.40 -6.37
N ASP B 360 -51.31 -1.40 -6.92
CA ASP B 360 -49.88 -1.27 -6.67
C ASP B 360 -49.63 -1.09 -5.17
N GLU B 361 -48.71 -1.89 -4.63
CA GLU B 361 -48.39 -1.87 -3.22
C GLU B 361 -47.83 -0.53 -2.73
N THR B 362 -47.11 0.18 -3.59
CA THR B 362 -46.55 1.45 -3.16
C THR B 362 -47.64 2.51 -3.07
N VAL B 363 -48.69 2.31 -3.85
CA VAL B 363 -49.81 3.24 -3.89
C VAL B 363 -50.77 3.07 -2.72
N SER B 364 -51.23 1.84 -2.52
CA SER B 364 -52.16 1.56 -1.44
C SER B 364 -51.53 1.76 -0.07
N GLY B 365 -50.22 1.51 0.02
CA GLY B 365 -49.54 1.66 1.30
C GLY B 365 -49.25 3.09 1.73
N THR B 366 -49.08 3.99 0.78
CA THR B 366 -48.79 5.38 1.10
C THR B 366 -50.02 6.27 1.09
N CYS B 367 -51.08 5.85 0.41
CA CYS B 367 -52.30 6.65 0.33
C CYS B 367 -52.95 6.78 1.70
N VAL B 368 -53.06 8.00 2.20
CA VAL B 368 -53.65 8.23 3.50
C VAL B 368 -55.06 8.83 3.42
N THR B 369 -55.42 9.35 2.26
CA THR B 369 -56.74 9.92 2.07
C THR B 369 -57.03 9.99 0.59
N ARG B 370 -58.26 9.65 0.23
CA ARG B 370 -58.68 9.61 -1.16
C ARG B 370 -60.17 9.81 -1.24
N ASP B 371 -60.60 10.52 -2.29
CA ASP B 371 -62.01 10.79 -2.54
C ASP B 371 -62.80 11.24 -1.31
N GLY B 372 -62.15 11.95 -0.39
CA GLY B 372 -62.84 12.42 0.78
C GLY B 372 -62.90 11.42 1.93
N ALA B 373 -62.16 10.33 1.81
CA ALA B 373 -62.15 9.32 2.85
C ALA B 373 -60.74 9.02 3.38
N ILE B 374 -60.60 8.99 4.70
CA ILE B 374 -59.32 8.68 5.32
C ILE B 374 -59.09 7.19 5.15
N VAL B 375 -58.08 6.82 4.36
CA VAL B 375 -57.79 5.42 4.11
C VAL B 375 -56.81 4.75 5.08
N HIS B 376 -56.05 5.53 5.85
CA HIS B 376 -55.08 4.91 6.78
C HIS B 376 -55.28 5.22 8.27
N PRO B 377 -55.25 4.17 9.11
CA PRO B 377 -55.40 4.28 10.57
C PRO B 377 -54.08 4.47 11.31
N ALA B 378 -53.87 5.65 11.90
CA ALA B 378 -52.64 5.88 12.64
C ALA B 378 -52.82 6.73 13.90
N LEU B 379 -53.31 7.97 13.71
CA LEU B 379 -53.52 8.90 14.81
C LEU B 379 -52.36 8.98 15.78
N MET C 1 11.78 -7.93 32.21
CA MET C 1 10.49 -8.46 31.69
C MET C 1 10.70 -9.80 31.00
N LYS C 2 9.60 -10.43 30.58
CA LYS C 2 9.70 -11.70 29.88
C LYS C 2 9.23 -11.53 28.44
N ILE C 3 10.08 -11.89 27.49
CA ILE C 3 9.72 -11.79 26.07
C ILE C 3 9.66 -13.21 25.49
N ALA C 4 8.55 -13.53 24.82
CA ALA C 4 8.38 -14.86 24.24
C ALA C 4 8.17 -14.81 22.74
N ILE C 5 8.74 -15.80 22.06
CA ILE C 5 8.62 -15.94 20.61
C ILE C 5 8.16 -17.37 20.38
N PRO C 6 6.95 -17.55 19.84
CA PRO C 6 6.45 -18.90 19.59
C PRO C 6 6.69 -19.34 18.15
N LYS C 7 6.32 -20.59 17.88
CA LYS C 7 6.46 -21.12 16.53
C LYS C 7 5.32 -20.55 15.70
N GLU C 8 5.61 -20.15 14.47
CA GLU C 8 4.57 -19.58 13.58
C GLU C 8 3.64 -20.71 13.11
N ARG C 9 2.34 -20.57 13.41
CA ARG C 9 1.34 -21.59 13.05
C ARG C 9 0.62 -21.48 11.70
N ARG C 10 0.47 -20.27 11.17
CA ARG C 10 -0.25 -20.10 9.91
C ARG C 10 0.45 -20.83 8.76
N PRO C 11 -0.34 -21.41 7.85
CA PRO C 11 0.18 -22.16 6.70
C PRO C 11 1.29 -21.50 5.89
N GLY C 12 2.32 -22.27 5.58
CA GLY C 12 3.45 -21.78 4.81
C GLY C 12 4.49 -20.92 5.52
N GLU C 13 4.24 -20.53 6.76
CA GLU C 13 5.21 -19.69 7.48
C GLU C 13 6.33 -20.50 8.11
N ASP C 14 7.55 -20.30 7.60
CA ASP C 14 8.75 -20.97 8.09
C ASP C 14 9.68 -20.00 8.82
N ARG C 15 9.30 -18.72 8.85
CA ARG C 15 10.12 -17.74 9.53
C ARG C 15 9.82 -17.78 11.02
N VAL C 16 10.67 -17.11 11.80
CA VAL C 16 10.50 -17.03 13.24
C VAL C 16 10.96 -15.63 13.64
N ALA C 17 10.35 -15.04 14.66
CA ALA C 17 10.73 -13.70 15.06
C ALA C 17 11.86 -13.67 16.09
N ILE C 18 12.98 -14.34 15.77
CA ILE C 18 14.12 -14.38 16.69
C ILE C 18 15.37 -14.94 16.01
N SER C 19 16.52 -14.73 16.65
CA SER C 19 17.81 -15.23 16.18
C SER C 19 18.73 -15.26 17.41
N PRO C 20 19.76 -16.12 17.40
CA PRO C 20 20.66 -16.18 18.55
C PRO C 20 21.33 -14.84 18.84
N GLU C 21 21.68 -14.12 17.78
CA GLU C 21 22.32 -12.83 17.88
C GLU C 21 21.42 -11.85 18.61
N VAL C 22 20.14 -11.85 18.24
CA VAL C 22 19.15 -10.98 18.83
C VAL C 22 18.83 -11.40 20.24
N VAL C 23 18.78 -12.72 20.50
CA VAL C 23 18.50 -13.20 21.84
C VAL C 23 19.50 -12.60 22.82
N LYS C 24 20.76 -12.57 22.41
CA LYS C 24 21.83 -12.03 23.23
C LYS C 24 21.57 -10.55 23.56
N LYS C 25 21.28 -9.76 22.52
CA LYS C 25 21.00 -8.34 22.71
C LYS C 25 19.82 -8.18 23.68
N LEU C 26 18.82 -9.03 23.54
CA LEU C 26 17.65 -8.97 24.42
C LEU C 26 18.03 -9.27 25.86
N VAL C 27 18.76 -10.36 26.08
CA VAL C 27 19.18 -10.70 27.44
C VAL C 27 20.01 -9.52 27.94
N GLY C 28 20.73 -8.89 27.03
CA GLY C 28 21.56 -7.76 27.39
C GLY C 28 20.75 -6.58 27.90
N LEU C 29 19.50 -6.48 27.45
CA LEU C 29 18.61 -5.41 27.86
C LEU C 29 17.89 -5.73 29.17
N GLY C 30 18.18 -6.89 29.73
CA GLY C 30 17.57 -7.30 30.97
C GLY C 30 16.37 -8.22 30.79
N PHE C 31 16.17 -8.71 29.56
CA PHE C 31 15.03 -9.59 29.27
C PHE C 31 15.29 -11.07 29.55
N GLU C 32 14.19 -11.74 29.89
CA GLU C 32 14.11 -13.18 30.11
C GLU C 32 13.54 -13.60 28.73
N VAL C 33 14.34 -14.24 27.89
CA VAL C 33 13.90 -14.64 26.55
C VAL C 33 13.45 -16.09 26.46
N ILE C 34 12.16 -16.29 26.18
CA ILE C 34 11.59 -17.64 26.06
C ILE C 34 11.11 -17.93 24.66
N VAL C 35 11.67 -18.98 24.06
CA VAL C 35 11.29 -19.40 22.71
C VAL C 35 10.68 -20.81 22.76
N GLU C 36 9.57 -20.99 22.06
CA GLU C 36 8.91 -22.30 22.00
C GLU C 36 9.84 -23.28 21.27
N GLN C 37 10.01 -24.48 21.82
CA GLN C 37 10.89 -25.43 21.16
C GLN C 37 10.45 -25.67 19.72
N GLY C 38 11.42 -25.73 18.81
CA GLY C 38 11.14 -25.97 17.40
C GLY C 38 10.64 -24.80 16.56
N ALA C 39 10.53 -23.62 17.17
CA ALA C 39 10.04 -22.46 16.42
C ALA C 39 10.95 -22.00 15.27
N GLY C 40 12.25 -22.29 15.37
CA GLY C 40 13.19 -21.88 14.34
C GLY C 40 13.68 -22.94 13.37
N VAL C 41 13.10 -24.13 13.42
CA VAL C 41 13.52 -25.20 12.54
C VAL C 41 13.41 -24.78 11.08
N GLY C 42 12.27 -24.16 10.73
CA GLY C 42 12.06 -23.73 9.37
C GLY C 42 13.09 -22.71 8.94
N ALA C 43 13.66 -21.99 9.90
CA ALA C 43 14.67 -20.98 9.61
C ALA C 43 16.08 -21.46 9.92
N SER C 44 16.24 -22.76 10.14
CA SER C 44 17.56 -23.33 10.43
C SER C 44 18.17 -22.81 11.73
N ILE C 45 17.33 -22.52 12.72
CA ILE C 45 17.78 -22.04 14.02
C ILE C 45 17.39 -23.10 15.05
N THR C 46 18.38 -23.83 15.54
CA THR C 46 18.13 -24.90 16.50
C THR C 46 17.85 -24.43 17.92
N ASP C 47 17.16 -25.27 18.69
CA ASP C 47 16.85 -24.96 20.08
C ASP C 47 18.13 -24.77 20.87
N ASP C 48 19.16 -25.56 20.54
CA ASP C 48 20.44 -25.46 21.24
C ASP C 48 21.16 -24.17 20.90
N ALA C 49 21.00 -23.71 19.67
CA ALA C 49 21.62 -22.46 19.25
C ALA C 49 21.02 -21.31 20.05
N LEU C 50 19.72 -21.39 20.33
CA LEU C 50 19.07 -20.34 21.10
C LEU C 50 19.43 -20.47 22.57
N THR C 51 19.43 -21.70 23.08
CA THR C 51 19.79 -21.92 24.48
C THR C 51 21.23 -21.42 24.66
N ALA C 52 22.07 -21.72 23.67
CA ALA C 52 23.46 -21.32 23.70
C ALA C 52 23.55 -19.80 23.82
N ALA C 53 22.62 -19.11 23.17
CA ALA C 53 22.58 -17.65 23.13
C ALA C 53 21.95 -17.01 24.37
N GLY C 54 21.47 -17.84 25.30
CA GLY C 54 20.89 -17.31 26.51
C GLY C 54 19.37 -17.42 26.62
N ALA C 55 18.73 -18.03 25.63
CA ALA C 55 17.29 -18.18 25.67
C ALA C 55 16.88 -19.40 26.48
N THR C 56 15.63 -19.39 26.93
CA THR C 56 15.07 -20.50 27.67
C THR C 56 14.03 -21.11 26.72
N ILE C 57 14.10 -22.43 26.53
CA ILE C 57 13.21 -23.14 25.62
C ILE C 57 11.99 -23.78 26.30
N ALA C 58 10.79 -23.43 25.81
CA ALA C 58 9.55 -23.99 26.35
C ALA C 58 9.04 -25.06 25.39
N SER C 59 8.48 -26.13 25.94
CA SER C 59 7.99 -27.24 25.12
C SER C 59 6.67 -26.99 24.38
N THR C 60 5.92 -25.98 24.79
CA THR C 60 4.64 -25.67 24.14
C THR C 60 4.45 -24.20 23.96
N ALA C 61 3.63 -23.83 22.98
CA ALA C 61 3.34 -22.43 22.73
C ALA C 61 2.80 -21.84 24.03
N ALA C 62 1.87 -22.55 24.65
CA ALA C 62 1.26 -22.08 25.89
C ALA C 62 2.30 -21.69 26.96
N GLN C 63 3.18 -22.61 27.31
CA GLN C 63 4.20 -22.34 28.33
C GLN C 63 5.06 -21.14 27.96
N ALA C 64 5.37 -21.04 26.67
CA ALA C 64 6.20 -19.95 26.17
C ALA C 64 5.54 -18.58 26.34
N LEU C 65 4.31 -18.45 25.88
CA LEU C 65 3.56 -17.19 25.94
C LEU C 65 3.00 -16.84 27.32
N SER C 66 2.66 -17.87 28.10
CA SER C 66 2.09 -17.73 29.43
C SER C 66 1.93 -16.29 29.93
N GLN C 67 2.84 -15.87 30.80
CA GLN C 67 2.78 -14.53 31.37
C GLN C 67 3.78 -13.55 30.77
N ALA C 68 4.11 -13.77 29.49
CA ALA C 68 5.05 -12.90 28.80
C ALA C 68 4.54 -11.47 28.76
N ASP C 69 5.43 -10.52 29.07
CA ASP C 69 5.12 -9.09 29.06
C ASP C 69 5.21 -8.60 27.63
N VAL C 70 6.07 -9.24 26.84
CA VAL C 70 6.26 -8.89 25.43
C VAL C 70 6.22 -10.15 24.55
N VAL C 71 5.46 -10.10 23.46
CA VAL C 71 5.37 -11.23 22.54
C VAL C 71 5.74 -10.76 21.13
N TRP C 72 6.75 -11.42 20.53
CA TRP C 72 7.18 -11.11 19.17
C TRP C 72 6.73 -12.28 18.32
N LYS C 73 6.16 -11.99 17.16
CA LYS C 73 5.74 -13.03 16.24
C LYS C 73 5.98 -12.48 14.85
N VAL C 74 5.94 -13.35 13.84
CA VAL C 74 6.11 -12.91 12.47
C VAL C 74 4.74 -12.50 11.94
N GLN C 75 3.78 -13.41 12.02
CA GLN C 75 2.42 -13.10 11.57
C GLN C 75 1.44 -12.99 12.73
N ARG C 76 0.28 -12.42 12.45
CA ARG C 76 -0.77 -12.21 13.44
C ARG C 76 -1.19 -13.49 14.12
N PRO C 77 -1.39 -13.44 15.44
CA PRO C 77 -1.78 -14.64 16.19
C PRO C 77 -3.18 -15.14 15.75
N MET C 78 -3.35 -16.45 15.75
CA MET C 78 -4.62 -17.05 15.36
C MET C 78 -5.63 -16.93 16.49
N THR C 79 -6.90 -16.76 16.11
CA THR C 79 -7.98 -16.63 17.09
C THR C 79 -8.70 -17.96 17.23
N ALA C 80 -9.57 -18.05 18.23
CA ALA C 80 -10.33 -19.28 18.48
C ALA C 80 -11.15 -19.71 17.27
N GLU C 81 -11.63 -18.76 16.48
CA GLU C 81 -12.44 -19.07 15.30
C GLU C 81 -11.62 -19.68 14.17
N GLU C 82 -10.35 -19.32 14.10
CA GLU C 82 -9.47 -19.82 13.05
C GLU C 82 -8.93 -21.20 13.37
N GLY C 83 -9.29 -21.71 14.55
CA GLY C 83 -8.84 -23.01 14.98
C GLY C 83 -8.18 -22.91 16.34
N THR C 84 -6.95 -22.43 16.37
CA THR C 84 -6.23 -22.30 17.63
C THR C 84 -6.31 -20.87 18.15
N ASP C 85 -6.76 -20.73 19.40
CA ASP C 85 -6.87 -19.41 20.00
C ASP C 85 -5.51 -19.01 20.54
N GLU C 86 -4.64 -18.51 19.66
CA GLU C 86 -3.32 -18.10 20.10
C GLU C 86 -3.45 -16.92 21.04
N VAL C 87 -4.36 -16.01 20.71
CA VAL C 87 -4.59 -14.80 21.50
C VAL C 87 -4.89 -15.09 22.98
N ALA C 88 -5.63 -16.15 23.26
CA ALA C 88 -5.97 -16.50 24.64
C ALA C 88 -4.73 -16.93 25.43
N LEU C 89 -3.65 -17.19 24.71
CA LEU C 89 -2.39 -17.61 25.32
C LEU C 89 -1.56 -16.40 25.73
N ILE C 90 -1.91 -15.26 25.16
CA ILE C 90 -1.20 -14.01 25.45
C ILE C 90 -1.86 -13.37 26.67
N LYS C 91 -1.04 -12.88 27.58
CA LYS C 91 -1.53 -12.25 28.80
C LYS C 91 -2.22 -10.91 28.56
N GLU C 92 -3.27 -10.63 29.32
CA GLU C 92 -4.00 -9.37 29.18
C GLU C 92 -3.09 -8.22 29.57
N GLY C 93 -3.02 -7.21 28.72
CA GLY C 93 -2.16 -6.07 29.00
C GLY C 93 -0.74 -6.27 28.47
N ALA C 94 -0.55 -7.29 27.64
CA ALA C 94 0.77 -7.59 27.08
C ALA C 94 1.01 -6.79 25.82
N VAL C 95 2.28 -6.70 25.44
CA VAL C 95 2.69 -5.98 24.24
C VAL C 95 3.05 -6.98 23.15
N LEU C 96 2.33 -6.93 22.04
CA LEU C 96 2.57 -7.80 20.91
C LEU C 96 3.16 -7.02 19.74
N MET C 97 4.21 -7.56 19.13
CA MET C 97 4.85 -6.93 17.98
C MET C 97 4.90 -7.97 16.88
N CYS C 98 4.37 -7.64 15.71
CA CYS C 98 4.36 -8.59 14.61
C CYS C 98 3.81 -7.94 13.36
N HIS C 99 3.77 -8.70 12.27
CA HIS C 99 3.19 -8.21 11.03
C HIS C 99 1.71 -8.53 11.29
N LEU C 100 1.00 -7.56 11.85
CA LEU C 100 -0.39 -7.74 12.21
C LEU C 100 -1.35 -7.89 11.02
N GLY C 101 -1.10 -7.14 9.95
CA GLY C 101 -1.99 -7.19 8.81
C GLY C 101 -3.25 -6.43 9.19
N ALA C 102 -3.07 -5.14 9.51
CA ALA C 102 -4.16 -4.26 9.93
C ALA C 102 -5.25 -3.97 8.89
N LEU C 103 -4.98 -3.02 7.98
CA LEU C 103 -5.94 -2.63 6.94
C LEU C 103 -6.20 -3.77 5.96
N THR C 104 -6.26 -4.97 6.52
CA THR C 104 -6.50 -6.20 5.74
C THR C 104 -7.40 -7.05 6.64
N ASN C 105 -7.66 -6.54 7.84
CA ASN C 105 -8.49 -7.30 8.79
C ASN C 105 -9.38 -6.48 9.74
N ARG C 106 -9.59 -7.08 10.92
CA ARG C 106 -10.36 -6.54 12.02
C ARG C 106 -10.86 -7.68 12.97
N PRO C 107 -10.76 -8.96 12.53
CA PRO C 107 -11.20 -10.08 13.38
C PRO C 107 -10.23 -10.39 14.54
N VAL C 108 -8.96 -10.65 14.20
CA VAL C 108 -7.95 -10.93 15.22
C VAL C 108 -7.81 -9.67 16.09
N VAL C 109 -7.78 -8.52 15.41
CA VAL C 109 -7.65 -7.22 16.09
C VAL C 109 -8.65 -7.10 17.23
N GLU C 110 -9.83 -7.65 17.02
CA GLU C 110 -10.89 -7.61 18.01
C GLU C 110 -10.60 -8.56 19.17
N ALA C 111 -9.99 -9.69 18.84
CA ALA C 111 -9.64 -10.66 19.87
C ALA C 111 -8.58 -10.03 20.77
N LEU C 112 -7.69 -9.27 20.15
CA LEU C 112 -6.61 -8.61 20.88
C LEU C 112 -7.18 -7.54 21.80
N THR C 113 -8.12 -6.78 21.27
CA THR C 113 -8.76 -5.70 22.00
C THR C 113 -9.48 -6.19 23.26
N LYS C 114 -10.24 -7.27 23.15
CA LYS C 114 -10.95 -7.75 24.33
C LYS C 114 -10.01 -8.20 25.44
N ARG C 115 -8.81 -8.68 25.08
CA ARG C 115 -7.85 -9.10 26.10
C ARG C 115 -6.96 -7.95 26.49
N LYS C 116 -7.30 -6.77 25.98
CA LYS C 116 -6.55 -5.56 26.28
C LYS C 116 -5.06 -5.76 26.09
N ILE C 117 -4.70 -6.25 24.91
CA ILE C 117 -3.30 -6.46 24.54
C ILE C 117 -2.92 -5.25 23.70
N THR C 118 -1.69 -4.76 23.87
CA THR C 118 -1.22 -3.62 23.09
C THR C 118 -0.44 -4.14 21.89
N ALA C 119 -1.02 -4.03 20.70
CA ALA C 119 -0.39 -4.51 19.49
C ALA C 119 0.22 -3.44 18.60
N TYR C 120 1.44 -3.71 18.14
CA TYR C 120 2.17 -2.80 17.25
C TYR C 120 2.36 -3.48 15.91
N ALA C 121 1.65 -2.99 14.91
CA ALA C 121 1.75 -3.53 13.56
C ALA C 121 3.03 -3.00 12.93
N MET C 122 4.08 -3.81 12.93
CA MET C 122 5.37 -3.42 12.38
C MET C 122 5.32 -3.05 10.89
N GLU C 123 4.34 -3.58 10.17
CA GLU C 123 4.26 -3.25 8.76
C GLU C 123 3.89 -1.79 8.58
N LEU C 124 3.31 -1.19 9.61
CA LEU C 124 2.88 0.21 9.56
C LEU C 124 3.98 1.21 9.94
N MET C 125 5.20 0.73 10.00
CA MET C 125 6.36 1.55 10.35
C MET C 125 6.41 2.76 9.44
N PRO C 126 6.38 3.98 10.02
CA PRO C 126 6.42 5.17 9.18
C PRO C 126 7.71 5.20 8.36
N ARG C 127 7.61 5.62 7.09
CA ARG C 127 8.78 5.70 6.23
C ARG C 127 9.67 6.90 6.57
N ILE C 128 10.22 6.89 7.78
CA ILE C 128 11.10 7.97 8.19
C ILE C 128 12.51 7.39 8.30
N SER C 129 13.49 8.16 7.82
CA SER C 129 14.89 7.76 7.81
C SER C 129 15.38 7.03 9.05
N ARG C 130 15.18 7.63 10.22
CA ARG C 130 15.65 7.03 11.46
C ARG C 130 14.96 5.70 11.78
N ALA C 131 13.99 5.31 10.98
CA ALA C 131 13.28 4.05 11.22
C ALA C 131 13.55 2.94 10.23
N GLN C 132 14.41 3.18 9.24
CA GLN C 132 14.67 2.16 8.23
C GLN C 132 15.27 0.87 8.76
N SER C 133 15.90 0.92 9.93
CA SER C 133 16.49 -0.28 10.51
C SER C 133 15.43 -1.05 11.28
N MET C 134 14.25 -0.44 11.39
CA MET C 134 13.10 -1.02 12.10
C MET C 134 11.99 -1.49 11.14
N ASP C 135 12.14 -1.18 9.86
CA ASP C 135 11.15 -1.50 8.82
C ASP C 135 11.19 -2.95 8.33
N ILE C 136 10.18 -3.73 8.68
CA ILE C 136 10.14 -5.11 8.23
C ILE C 136 9.79 -5.22 6.77
N LEU C 137 8.98 -4.29 6.24
CA LEU C 137 8.63 -4.38 4.83
C LEU C 137 9.87 -4.32 3.92
N SER C 138 10.87 -3.54 4.29
CA SER C 138 12.05 -3.45 3.44
C SER C 138 13.09 -4.56 3.63
N SER C 139 13.28 -5.05 4.85
CA SER C 139 14.25 -6.13 5.07
C SER C 139 13.72 -7.43 4.45
N GLN C 140 12.41 -7.63 4.54
CA GLN C 140 11.80 -8.81 3.94
C GLN C 140 11.76 -8.60 2.42
N SER C 141 11.37 -7.41 1.97
CA SER C 141 11.32 -7.13 0.53
C SER C 141 12.66 -7.37 -0.16
N ASN C 142 13.75 -7.00 0.50
CA ASN C 142 15.10 -7.20 -0.04
C ASN C 142 15.29 -8.67 -0.38
N LEU C 143 14.82 -9.52 0.53
CA LEU C 143 14.96 -10.96 0.34
C LEU C 143 14.07 -11.42 -0.80
N ALA C 144 12.84 -10.93 -0.85
CA ALA C 144 11.91 -11.33 -1.90
C ALA C 144 12.47 -10.95 -3.28
N GLY C 145 13.11 -9.78 -3.37
CA GLY C 145 13.67 -9.38 -4.64
C GLY C 145 14.69 -10.39 -5.12
N TYR C 146 15.55 -10.83 -4.21
CA TYR C 146 16.58 -11.82 -4.52
C TYR C 146 15.95 -13.15 -4.93
N ARG C 147 15.00 -13.61 -4.10
CA ARG C 147 14.31 -14.88 -4.34
C ARG C 147 13.58 -14.92 -5.67
N ALA C 148 12.91 -13.83 -6.04
CA ALA C 148 12.18 -13.78 -7.30
C ALA C 148 13.09 -14.19 -8.43
N VAL C 149 14.32 -13.71 -8.40
CA VAL C 149 15.31 -14.03 -9.44
C VAL C 149 15.68 -15.51 -9.40
N ILE C 150 15.91 -16.01 -8.19
CA ILE C 150 16.23 -17.42 -8.03
C ILE C 150 15.08 -18.29 -8.54
N ASP C 151 13.83 -17.93 -8.20
CA ASP C 151 12.67 -18.70 -8.64
C ASP C 151 12.49 -18.55 -10.17
N GLY C 152 12.80 -17.38 -10.70
CA GLY C 152 12.70 -17.16 -12.13
C GLY C 152 13.70 -18.05 -12.85
N ALA C 153 14.95 -18.07 -12.34
CA ALA C 153 16.02 -18.88 -12.92
C ALA C 153 15.76 -20.37 -12.78
N TYR C 154 15.11 -20.77 -11.70
CA TYR C 154 14.79 -22.18 -11.49
C TYR C 154 13.79 -22.66 -12.54
N GLU C 155 12.81 -21.83 -12.84
CA GLU C 155 11.77 -22.18 -13.81
C GLU C 155 12.16 -21.99 -15.27
N PHE C 156 13.23 -21.25 -15.51
CA PHE C 156 13.70 -20.96 -16.88
C PHE C 156 14.43 -22.15 -17.50
N ALA C 157 14.10 -22.48 -18.74
CA ALA C 157 14.74 -23.62 -19.41
C ALA C 157 16.10 -23.26 -20.01
N ARG C 158 16.51 -22.00 -19.85
CA ARG C 158 17.80 -21.54 -20.37
C ARG C 158 18.62 -21.05 -19.17
N ALA C 159 19.94 -20.92 -19.36
CA ALA C 159 20.77 -20.42 -18.28
C ALA C 159 20.81 -18.90 -18.40
N PHE C 160 20.70 -18.22 -17.27
CA PHE C 160 20.71 -16.77 -17.20
C PHE C 160 21.92 -16.11 -17.89
N PRO C 161 23.14 -16.53 -17.56
CA PRO C 161 24.33 -15.95 -18.17
C PRO C 161 24.63 -16.39 -19.58
N MET C 162 25.33 -15.53 -20.31
CA MET C 162 25.75 -15.83 -21.66
C MET C 162 26.88 -16.82 -21.50
N MET C 163 26.75 -17.99 -22.10
CA MET C 163 27.82 -18.98 -22.00
C MET C 163 28.52 -19.14 -23.33
N MET C 164 29.81 -18.84 -23.33
CA MET C 164 30.62 -18.98 -24.54
C MET C 164 31.49 -20.22 -24.31
N THR C 165 31.26 -21.24 -25.12
CA THR C 165 31.99 -22.49 -25.01
C THR C 165 32.59 -22.92 -26.33
N ALA C 166 33.33 -24.02 -26.31
CA ALA C 166 33.97 -24.55 -27.49
C ALA C 166 32.98 -24.96 -28.57
N ALA C 167 31.80 -25.42 -28.16
CA ALA C 167 30.77 -25.85 -29.11
C ALA C 167 30.03 -24.64 -29.69
N GLY C 168 29.83 -23.63 -28.86
CA GLY C 168 29.13 -22.45 -29.32
C GLY C 168 28.72 -21.60 -28.15
N THR C 169 28.17 -20.43 -28.46
CA THR C 169 27.72 -19.49 -27.43
C THR C 169 26.20 -19.53 -27.34
N VAL C 170 25.68 -19.38 -26.13
CA VAL C 170 24.24 -19.33 -25.93
C VAL C 170 23.98 -17.98 -25.28
N PRO C 171 22.96 -17.26 -25.76
CA PRO C 171 22.59 -15.94 -25.26
C PRO C 171 22.22 -15.87 -23.78
N PRO C 172 22.43 -14.68 -23.16
CA PRO C 172 22.12 -14.45 -21.75
C PRO C 172 20.62 -14.22 -21.68
N ALA C 173 20.06 -14.35 -20.48
CA ALA C 173 18.63 -14.12 -20.32
C ALA C 173 18.39 -12.61 -20.30
N ARG C 174 17.24 -12.19 -20.83
CA ARG C 174 16.88 -10.77 -20.82
C ARG C 174 15.94 -10.64 -19.63
N VAL C 175 16.20 -9.69 -18.74
CA VAL C 175 15.33 -9.52 -17.58
C VAL C 175 14.74 -8.11 -17.49
N LEU C 176 13.45 -8.05 -17.16
CA LEU C 176 12.76 -6.78 -17.02
C LEU C 176 12.15 -6.73 -15.62
N VAL C 177 12.57 -5.73 -14.84
CA VAL C 177 12.07 -5.57 -13.47
C VAL C 177 11.16 -4.34 -13.39
N PHE C 178 9.93 -4.56 -12.92
CA PHE C 178 8.93 -3.51 -12.77
C PHE C 178 8.84 -3.05 -11.33
N GLY C 179 9.20 -1.80 -11.10
CA GLY C 179 9.17 -1.26 -9.76
C GLY C 179 10.58 -1.28 -9.22
N VAL C 180 11.10 -0.10 -8.94
CA VAL C 180 12.44 0.00 -8.41
C VAL C 180 12.40 0.37 -6.94
N GLY C 181 11.67 -0.44 -6.17
CA GLY C 181 11.60 -0.21 -4.75
C GLY C 181 12.73 -1.03 -4.13
N VAL C 182 12.60 -1.44 -2.88
CA VAL C 182 13.66 -2.23 -2.27
C VAL C 182 13.79 -3.60 -2.98
N ALA C 183 12.66 -4.24 -3.22
CA ALA C 183 12.64 -5.55 -3.89
C ALA C 183 13.14 -5.46 -5.33
N GLY C 184 12.72 -4.43 -6.06
CA GLY C 184 13.15 -4.28 -7.43
C GLY C 184 14.65 -4.13 -7.58
N LEU C 185 15.27 -3.33 -6.70
CA LEU C 185 16.70 -3.12 -6.75
C LEU C 185 17.48 -4.40 -6.40
N GLN C 186 16.94 -5.22 -5.52
CA GLN C 186 17.63 -6.46 -5.19
C GLN C 186 17.47 -7.43 -6.36
N ALA C 187 16.35 -7.33 -7.06
CA ALA C 187 16.10 -8.21 -8.21
C ALA C 187 17.07 -7.84 -9.33
N ILE C 188 17.22 -6.55 -9.57
CA ILE C 188 18.14 -6.05 -10.59
C ILE C 188 19.56 -6.52 -10.28
N ALA C 189 20.02 -6.27 -9.06
CA ALA C 189 21.36 -6.66 -8.66
C ALA C 189 21.58 -8.16 -8.82
N THR C 190 20.60 -8.96 -8.42
CA THR C 190 20.76 -10.40 -8.51
C THR C 190 20.74 -10.93 -9.95
N ALA C 191 19.89 -10.35 -10.78
CA ALA C 191 19.80 -10.77 -12.17
C ALA C 191 21.09 -10.38 -12.88
N LYS C 192 21.61 -9.22 -12.54
CA LYS C 192 22.86 -8.76 -13.17
C LYS C 192 24.02 -9.66 -12.77
N ARG C 193 24.06 -10.01 -11.48
CA ARG C 193 25.10 -10.90 -10.95
C ARG C 193 25.13 -12.18 -11.76
N LEU C 194 23.94 -12.75 -11.96
CA LEU C 194 23.76 -13.98 -12.71
C LEU C 194 24.01 -13.82 -14.20
N GLY C 195 24.51 -12.64 -14.59
CA GLY C 195 24.82 -12.41 -15.99
C GLY C 195 23.66 -12.15 -16.95
N ALA C 196 22.59 -11.56 -16.46
CA ALA C 196 21.46 -11.28 -17.32
C ALA C 196 21.56 -9.87 -17.89
N VAL C 197 20.81 -9.63 -18.97
CA VAL C 197 20.75 -8.29 -19.56
C VAL C 197 19.56 -7.74 -18.78
N VAL C 198 19.79 -6.74 -17.95
CA VAL C 198 18.72 -6.20 -17.12
C VAL C 198 18.19 -4.81 -17.47
N MET C 199 16.88 -4.71 -17.51
CA MET C 199 16.17 -3.46 -17.78
C MET C 199 15.20 -3.32 -16.61
N ALA C 200 14.85 -2.09 -16.27
CA ALA C 200 13.92 -1.85 -15.18
C ALA C 200 13.02 -0.67 -15.52
N THR C 201 11.94 -0.53 -14.77
CA THR C 201 11.02 0.58 -14.99
C THR C 201 10.34 0.94 -13.68
N ASP C 202 9.81 2.16 -13.61
CA ASP C 202 9.13 2.64 -12.41
C ASP C 202 8.54 4.02 -12.70
N VAL C 203 7.55 4.41 -11.91
CA VAL C 203 6.90 5.70 -12.08
C VAL C 203 7.71 6.88 -11.52
N ARG C 204 8.30 6.68 -10.34
CA ARG C 204 9.08 7.72 -9.67
C ARG C 204 10.29 8.15 -10.50
N ALA C 205 10.51 9.47 -10.57
CA ALA C 205 11.64 10.02 -11.32
C ALA C 205 12.85 10.21 -10.43
N ALA C 206 13.32 9.12 -9.84
CA ALA C 206 14.49 9.15 -8.96
C ALA C 206 15.17 7.79 -8.95
N THR C 207 14.42 6.77 -9.37
CA THR C 207 14.92 5.41 -9.41
C THR C 207 15.83 5.12 -10.61
N LYS C 208 15.88 6.04 -11.57
CA LYS C 208 16.73 5.82 -12.74
C LYS C 208 18.19 5.80 -12.34
N GLU C 209 18.57 6.75 -11.49
CA GLU C 209 19.95 6.84 -11.01
C GLU C 209 20.31 5.56 -10.26
N GLN C 210 19.31 4.92 -9.67
CA GLN C 210 19.53 3.68 -8.92
C GLN C 210 19.62 2.48 -9.86
N VAL C 211 18.72 2.41 -10.83
CA VAL C 211 18.73 1.31 -11.78
C VAL C 211 20.06 1.26 -12.51
N GLU C 212 20.37 2.33 -13.24
CA GLU C 212 21.62 2.41 -14.01
C GLU C 212 22.82 2.30 -13.08
N SER C 213 22.58 2.42 -11.78
CA SER C 213 23.62 2.32 -10.77
C SER C 213 23.99 0.86 -10.51
N LEU C 214 22.99 -0.02 -10.64
CA LEU C 214 23.19 -1.46 -10.42
C LEU C 214 23.58 -2.19 -11.69
N GLY C 215 23.72 -1.45 -12.79
CA GLY C 215 24.09 -2.06 -14.06
C GLY C 215 22.90 -2.29 -14.97
N GLY C 216 21.73 -1.79 -14.56
CA GLY C 216 20.54 -1.95 -15.38
C GLY C 216 20.15 -0.70 -16.14
N LYS C 217 19.48 -0.89 -17.27
CA LYS C 217 19.02 0.24 -18.08
C LYS C 217 17.59 0.56 -17.69
N PHE C 218 17.32 1.81 -17.34
CA PHE C 218 15.97 2.24 -16.97
C PHE C 218 15.21 2.71 -18.20
N ILE C 219 14.33 1.87 -18.71
CA ILE C 219 13.54 2.19 -19.89
C ILE C 219 12.40 3.15 -19.55
N LYS C 246 2.35 6.81 -23.76
CA LYS C 246 3.62 6.74 -24.48
C LYS C 246 4.64 6.01 -23.63
N GLN C 247 4.39 5.96 -22.32
CA GLN C 247 5.28 5.26 -21.41
C GLN C 247 5.04 3.76 -21.64
N ALA C 248 3.96 3.46 -22.37
CA ALA C 248 3.57 2.09 -22.70
C ALA C 248 4.52 1.48 -23.72
N GLU C 249 4.83 2.22 -24.79
CA GLU C 249 5.73 1.72 -25.82
C GLU C 249 7.02 1.31 -25.15
N ALA C 250 7.48 2.15 -24.21
CA ALA C 250 8.71 1.91 -23.47
C ALA C 250 8.79 0.48 -22.93
N VAL C 251 7.73 0.05 -22.24
CA VAL C 251 7.67 -1.28 -21.65
C VAL C 251 7.49 -2.41 -22.67
N LEU C 252 6.46 -2.32 -23.51
CA LEU C 252 6.19 -3.37 -24.48
C LEU C 252 7.37 -3.67 -25.39
N LYS C 253 8.13 -2.65 -25.77
CA LYS C 253 9.27 -2.84 -26.65
C LYS C 253 10.31 -3.74 -25.99
N GLU C 254 10.45 -3.61 -24.68
CA GLU C 254 11.41 -4.43 -23.94
C GLU C 254 10.79 -5.78 -23.60
N LEU C 255 9.50 -5.77 -23.27
CA LEU C 255 8.83 -7.02 -22.89
C LEU C 255 8.79 -8.10 -23.97
N VAL C 256 8.68 -7.72 -25.24
CA VAL C 256 8.64 -8.71 -26.31
C VAL C 256 9.96 -9.48 -26.44
N LYS C 257 11.03 -8.90 -25.89
CA LYS C 257 12.37 -9.49 -25.91
C LYS C 257 12.74 -10.07 -24.56
N THR C 258 11.96 -9.73 -23.54
CA THR C 258 12.22 -10.19 -22.18
C THR C 258 11.97 -11.68 -21.98
N ASP C 259 12.89 -12.34 -21.26
CA ASP C 259 12.73 -13.76 -20.96
C ASP C 259 12.13 -13.89 -19.56
N ILE C 260 12.58 -13.02 -18.65
CA ILE C 260 12.11 -13.02 -17.27
C ILE C 260 11.59 -11.63 -16.91
N ALA C 261 10.32 -11.56 -16.51
CA ALA C 261 9.73 -10.32 -16.09
C ALA C 261 9.45 -10.44 -14.60
N ILE C 262 9.98 -9.49 -13.82
CA ILE C 262 9.79 -9.50 -12.37
C ILE C 262 8.99 -8.26 -11.98
N THR C 263 7.82 -8.47 -11.40
CA THR C 263 6.96 -7.34 -11.02
C THR C 263 6.88 -7.20 -9.51
N THR C 264 7.29 -6.03 -9.03
CA THR C 264 7.35 -5.75 -7.60
C THR C 264 6.54 -4.54 -7.14
N ALA C 265 5.78 -3.92 -8.04
CA ALA C 265 5.01 -2.72 -7.70
C ALA C 265 3.89 -2.94 -6.69
N LEU C 266 3.81 -2.05 -5.71
CA LEU C 266 2.76 -2.11 -4.69
C LEU C 266 2.34 -0.70 -4.28
N ILE C 267 1.20 -0.62 -3.58
CA ILE C 267 0.65 0.65 -3.09
C ILE C 267 -0.11 0.32 -1.81
N PRO C 268 0.59 0.33 -0.66
CA PRO C 268 0.02 0.03 0.66
C PRO C 268 -1.43 0.44 0.88
N GLY C 269 -2.22 -0.49 1.37
CA GLY C 269 -3.64 -0.24 1.63
C GLY C 269 -4.50 -0.19 0.38
N LYS C 270 -3.96 -0.67 -0.73
CA LYS C 270 -4.70 -0.65 -2.00
C LYS C 270 -4.24 -1.81 -2.90
N PRO C 271 -5.07 -2.17 -3.91
CA PRO C 271 -4.69 -3.28 -4.80
C PRO C 271 -3.39 -2.96 -5.51
N ALA C 272 -2.61 -4.00 -5.81
CA ALA C 272 -1.34 -3.84 -6.48
C ALA C 272 -1.59 -3.29 -7.87
N PRO C 273 -0.81 -2.29 -8.30
CA PRO C 273 -1.03 -1.75 -9.65
C PRO C 273 -0.91 -2.85 -10.70
N VAL C 274 -1.72 -2.79 -11.74
CA VAL C 274 -1.68 -3.77 -12.82
C VAL C 274 -0.65 -3.30 -13.85
N LEU C 275 0.47 -4.01 -13.95
CA LEU C 275 1.54 -3.63 -14.86
C LEU C 275 1.66 -4.47 -16.15
N ILE C 276 1.31 -5.74 -16.06
CA ILE C 276 1.40 -6.63 -17.23
C ILE C 276 0.04 -7.29 -17.48
N THR C 277 -0.69 -6.74 -18.43
CA THR C 277 -2.00 -7.27 -18.79
C THR C 277 -1.86 -8.52 -19.65
N GLU C 278 -2.95 -9.28 -19.78
CA GLU C 278 -2.94 -10.49 -20.59
C GLU C 278 -2.50 -10.17 -22.01
N GLU C 279 -2.98 -9.03 -22.51
CA GLU C 279 -2.67 -8.57 -23.86
C GLU C 279 -1.16 -8.51 -24.05
N MET C 280 -0.46 -7.91 -23.09
CA MET C 280 0.99 -7.80 -23.15
C MET C 280 1.66 -9.16 -23.04
N VAL C 281 1.02 -10.08 -22.32
CA VAL C 281 1.56 -11.43 -22.16
C VAL C 281 1.49 -12.21 -23.47
N THR C 282 0.43 -11.99 -24.24
CA THR C 282 0.27 -12.71 -25.49
C THR C 282 1.35 -12.32 -26.49
N LYS C 283 2.02 -11.20 -26.22
CA LYS C 283 3.09 -10.73 -27.09
C LYS C 283 4.49 -11.22 -26.67
N MET C 284 4.57 -11.88 -25.52
CA MET C 284 5.84 -12.38 -25.01
C MET C 284 6.26 -13.68 -25.70
N LYS C 285 7.56 -13.95 -25.70
CA LYS C 285 8.07 -15.15 -26.31
C LYS C 285 7.75 -16.36 -25.43
N PRO C 286 7.26 -17.44 -26.04
CA PRO C 286 6.93 -18.65 -25.30
C PRO C 286 8.19 -19.13 -24.60
N GLY C 287 8.04 -19.65 -23.38
CA GLY C 287 9.20 -20.12 -22.63
C GLY C 287 9.61 -19.09 -21.60
N SER C 288 9.07 -17.89 -21.73
CA SER C 288 9.36 -16.80 -20.79
C SER C 288 8.71 -17.04 -19.45
N VAL C 289 9.23 -16.32 -18.45
CA VAL C 289 8.72 -16.42 -17.09
C VAL C 289 8.35 -15.06 -16.53
N ILE C 290 7.28 -15.02 -15.73
CA ILE C 290 6.87 -13.78 -15.10
C ILE C 290 6.78 -14.09 -13.62
N ILE C 291 7.57 -13.40 -12.80
CA ILE C 291 7.53 -13.61 -11.35
C ILE C 291 6.73 -12.44 -10.77
N ASP C 292 5.50 -12.71 -10.31
CA ASP C 292 4.59 -11.68 -9.78
C ASP C 292 4.61 -11.55 -8.25
N LEU C 293 5.53 -10.73 -7.74
CA LEU C 293 5.72 -10.52 -6.30
C LEU C 293 4.55 -9.84 -5.60
N ALA C 294 3.65 -9.23 -6.38
CA ALA C 294 2.50 -8.53 -5.82
C ALA C 294 1.23 -9.37 -5.88
N VAL C 295 1.41 -10.66 -6.14
CA VAL C 295 0.27 -11.59 -6.25
C VAL C 295 -0.73 -11.60 -5.10
N GLU C 296 -0.27 -11.47 -3.86
CA GLU C 296 -1.17 -11.49 -2.72
C GLU C 296 -2.00 -10.22 -2.59
N ALA C 297 -1.57 -9.15 -3.26
CA ALA C 297 -2.29 -7.89 -3.23
C ALA C 297 -3.04 -7.67 -4.53
N GLY C 298 -3.29 -8.76 -5.26
CA GLY C 298 -4.01 -8.68 -6.51
C GLY C 298 -3.16 -9.03 -7.72
N GLY C 299 -1.85 -8.82 -7.61
CA GLY C 299 -0.94 -9.13 -8.70
C GLY C 299 -0.74 -7.98 -9.66
N ASN C 300 0.48 -7.84 -10.18
CA ASN C 300 0.77 -6.79 -11.15
C ASN C 300 0.39 -7.36 -12.51
N CYS C 301 0.13 -8.67 -12.53
CA CYS C 301 -0.29 -9.37 -13.73
C CYS C 301 -1.61 -10.04 -13.39
N PRO C 302 -2.69 -9.65 -14.09
CA PRO C 302 -4.01 -10.22 -13.86
C PRO C 302 -4.12 -11.73 -14.04
N LEU C 303 -3.15 -12.33 -14.72
CA LEU C 303 -3.17 -13.78 -14.93
C LEU C 303 -2.49 -14.60 -13.84
N SER C 304 -1.92 -13.93 -12.85
CA SER C 304 -1.25 -14.68 -11.78
C SER C 304 -2.24 -15.17 -10.73
N GLU C 305 -1.90 -16.29 -10.12
CA GLU C 305 -2.74 -16.89 -9.09
C GLU C 305 -1.91 -17.25 -7.88
N PRO C 306 -2.36 -16.84 -6.69
CA PRO C 306 -1.69 -17.10 -5.42
C PRO C 306 -1.30 -18.56 -5.22
N GLY C 307 -0.05 -18.79 -4.87
CA GLY C 307 0.47 -20.12 -4.60
C GLY C 307 0.48 -21.05 -5.80
N LYS C 308 0.43 -20.46 -6.99
CA LYS C 308 0.36 -21.23 -8.21
C LYS C 308 1.31 -20.77 -9.34
N ILE C 309 1.68 -21.73 -10.18
CA ILE C 309 2.48 -21.45 -11.36
C ILE C 309 1.53 -21.84 -12.49
N VAL C 310 1.18 -20.89 -13.35
CA VAL C 310 0.29 -21.20 -14.46
C VAL C 310 0.96 -20.90 -15.79
N VAL C 311 0.56 -21.63 -16.83
CA VAL C 311 1.15 -21.42 -18.14
C VAL C 311 0.10 -20.83 -19.08
N LYS C 312 0.29 -19.58 -19.48
CA LYS C 312 -0.65 -18.93 -20.38
C LYS C 312 0.10 -18.31 -21.56
N HIS C 313 -0.42 -18.55 -22.76
CA HIS C 313 0.20 -18.05 -23.99
C HIS C 313 1.69 -18.40 -23.98
N GLY C 314 1.99 -19.62 -23.52
CA GLY C 314 3.34 -20.13 -23.47
C GLY C 314 4.23 -19.56 -22.38
N VAL C 315 3.67 -18.66 -21.58
CA VAL C 315 4.42 -18.00 -20.52
C VAL C 315 4.12 -18.51 -19.12
N LYS C 316 5.15 -18.85 -18.37
CA LYS C 316 4.96 -19.30 -17.00
C LYS C 316 4.71 -18.07 -16.13
N ILE C 317 3.61 -18.10 -15.38
CA ILE C 317 3.27 -17.00 -14.49
C ILE C 317 3.25 -17.58 -13.07
N VAL C 318 4.29 -17.28 -12.30
CA VAL C 318 4.42 -17.80 -10.94
C VAL C 318 4.12 -16.77 -9.85
N GLY C 319 3.25 -17.17 -8.94
CA GLY C 319 2.87 -16.28 -7.87
C GLY C 319 2.95 -16.95 -6.53
N HIS C 320 4.15 -17.26 -6.08
CA HIS C 320 4.29 -17.89 -4.78
C HIS C 320 3.84 -16.90 -3.73
N THR C 321 3.23 -17.41 -2.67
CA THR C 321 2.74 -16.55 -1.63
C THR C 321 3.82 -15.90 -0.73
N ASN C 322 4.00 -16.44 0.45
CA ASN C 322 4.96 -15.92 1.41
C ASN C 322 6.40 -16.02 0.87
N VAL C 323 6.79 -15.13 -0.04
CA VAL C 323 8.14 -15.21 -0.64
C VAL C 323 9.25 -15.09 0.41
N PRO C 324 9.11 -14.17 1.38
CA PRO C 324 10.14 -14.03 2.41
C PRO C 324 10.40 -15.35 3.12
N SER C 325 9.35 -16.15 3.29
CA SER C 325 9.49 -17.43 3.95
C SER C 325 10.30 -18.37 3.06
N ARG C 326 10.38 -18.06 1.76
CA ARG C 326 11.16 -18.89 0.85
C ARG C 326 12.65 -18.67 1.09
N VAL C 327 12.94 -17.69 1.95
CA VAL C 327 14.32 -17.36 2.34
C VAL C 327 14.27 -17.22 3.87
N ALA C 328 13.50 -18.09 4.52
CA ALA C 328 13.31 -18.03 5.96
C ALA C 328 14.55 -17.99 6.84
N ALA C 329 15.63 -18.66 6.44
CA ALA C 329 16.83 -18.66 7.26
C ALA C 329 17.54 -17.31 7.25
N ASP C 330 17.27 -16.47 6.24
CA ASP C 330 17.88 -15.14 6.15
C ASP C 330 16.89 -14.05 6.56
N ALA C 331 15.60 -14.32 6.36
CA ALA C 331 14.56 -13.36 6.70
C ALA C 331 14.28 -13.23 8.21
N SER C 332 14.48 -14.31 8.95
CA SER C 332 14.21 -14.29 10.38
C SER C 332 15.21 -13.43 11.15
N PRO C 333 16.52 -13.58 10.87
CA PRO C 333 17.52 -12.78 11.58
C PRO C 333 17.28 -11.28 11.32
N LEU C 334 16.87 -10.95 10.10
CA LEU C 334 16.59 -9.56 9.74
C LEU C 334 15.28 -9.09 10.38
N PHE C 335 14.25 -9.95 10.38
CA PHE C 335 12.96 -9.61 10.98
C PHE C 335 13.19 -9.40 12.47
N ALA C 336 14.01 -10.26 13.08
CA ALA C 336 14.29 -10.15 14.51
C ALA C 336 15.07 -8.86 14.85
N LYS C 337 15.96 -8.44 13.97
CA LYS C 337 16.74 -7.22 14.19
C LYS C 337 15.82 -5.99 14.09
N ASN C 338 14.82 -6.09 13.22
CA ASN C 338 13.85 -5.01 13.03
C ASN C 338 13.09 -4.78 14.34
N LEU C 339 12.65 -5.87 14.94
CA LEU C 339 11.92 -5.84 16.21
C LEU C 339 12.82 -5.32 17.33
N LEU C 340 14.04 -5.83 17.40
CA LEU C 340 14.97 -5.40 18.42
C LEU C 340 15.31 -3.93 18.25
N ASN C 341 15.43 -3.47 17.01
CA ASN C 341 15.77 -2.09 16.73
C ASN C 341 14.65 -1.10 17.08
N PHE C 342 13.41 -1.58 17.02
CA PHE C 342 12.26 -0.74 17.32
C PHE C 342 12.00 -0.75 18.82
N LEU C 343 12.31 -1.87 19.45
CA LEU C 343 12.09 -2.04 20.88
C LEU C 343 13.14 -1.44 21.81
N THR C 344 14.39 -1.48 21.37
CA THR C 344 15.52 -1.01 22.18
C THR C 344 15.43 0.38 22.81
N PRO C 345 15.17 1.41 22.00
CA PRO C 345 15.08 2.79 22.51
C PRO C 345 14.05 3.00 23.61
N HIS C 346 13.19 2.02 23.82
CA HIS C 346 12.12 2.16 24.81
C HIS C 346 12.32 1.38 26.10
N VAL C 347 13.33 0.53 26.14
CA VAL C 347 13.55 -0.25 27.33
C VAL C 347 14.53 0.41 28.28
N ASP C 348 14.17 0.43 29.56
CA ASP C 348 15.07 0.95 30.56
C ASP C 348 15.65 -0.17 31.43
N LYS C 349 16.82 -0.63 30.97
CA LYS C 349 17.59 -1.67 31.61
C LYS C 349 17.78 -1.42 33.10
N ASP C 350 17.53 -0.19 33.54
CA ASP C 350 17.67 0.16 34.95
C ASP C 350 16.45 -0.26 35.75
N THR C 351 15.28 0.14 35.28
CA THR C 351 14.03 -0.16 35.97
C THR C 351 13.25 -1.34 35.41
N LYS C 352 13.88 -2.12 34.53
CA LYS C 352 13.20 -3.29 33.94
C LYS C 352 11.81 -2.93 33.41
N THR C 353 11.72 -1.80 32.73
CA THR C 353 10.43 -1.36 32.19
C THR C 353 10.52 -1.02 30.71
N LEU C 354 9.37 -1.08 30.04
CA LEU C 354 9.29 -0.79 28.62
C LEU C 354 8.45 0.48 28.44
N VAL C 355 9.11 1.62 28.27
CA VAL C 355 8.43 2.90 28.11
C VAL C 355 8.16 3.22 26.65
N MET C 356 6.97 2.87 26.16
CA MET C 356 6.63 3.14 24.77
C MET C 356 6.05 4.55 24.67
N LYS C 357 6.94 5.54 24.53
CA LYS C 357 6.52 6.93 24.43
C LYS C 357 5.69 7.22 23.18
N LEU C 358 4.61 7.97 23.39
CA LEU C 358 3.69 8.32 22.32
C LEU C 358 4.22 9.34 21.31
N GLU C 359 5.12 10.23 21.73
CA GLU C 359 5.65 11.23 20.80
C GLU C 359 6.60 10.63 19.77
N ASP C 360 7.03 9.39 20.01
CA ASP C 360 7.92 8.70 19.09
C ASP C 360 7.10 8.28 17.88
N GLU C 361 7.39 8.86 16.72
CA GLU C 361 6.64 8.56 15.50
C GLU C 361 6.49 7.07 15.18
N THR C 362 7.54 6.31 15.46
CA THR C 362 7.48 4.88 15.19
C THR C 362 6.46 4.24 16.11
N VAL C 363 6.33 4.77 17.33
CA VAL C 363 5.39 4.22 18.30
C VAL C 363 3.92 4.48 17.94
N SER C 364 3.57 5.75 17.76
CA SER C 364 2.20 6.09 17.43
C SER C 364 1.80 5.59 16.03
N GLY C 365 2.77 5.51 15.13
CA GLY C 365 2.49 5.07 13.78
C GLY C 365 2.19 3.58 13.63
N THR C 366 2.68 2.76 14.57
CA THR C 366 2.51 1.31 14.51
C THR C 366 1.49 0.73 15.48
N CYS C 367 1.18 1.47 16.54
CA CYS C 367 0.23 0.96 17.52
C CYS C 367 -1.19 0.98 16.96
N VAL C 368 -1.84 -0.18 16.89
CA VAL C 368 -3.19 -0.24 16.37
C VAL C 368 -4.21 -0.46 17.47
N THR C 369 -3.78 -1.02 18.60
CA THR C 369 -4.69 -1.23 19.72
C THR C 369 -3.94 -1.07 21.05
N ARG C 370 -4.65 -0.62 22.08
CA ARG C 370 -4.07 -0.40 23.40
C ARG C 370 -5.17 -0.40 24.45
N ASP C 371 -4.92 -1.10 25.56
CA ASP C 371 -5.87 -1.24 26.66
C ASP C 371 -7.32 -1.39 26.24
N GLY C 372 -7.59 -2.36 25.37
CA GLY C 372 -8.96 -2.58 24.93
C GLY C 372 -9.54 -1.51 24.01
N ALA C 373 -8.67 -0.79 23.30
CA ALA C 373 -9.16 0.24 22.39
C ALA C 373 -8.35 0.30 21.11
N ILE C 374 -9.05 0.35 19.98
CA ILE C 374 -8.39 0.46 18.69
C ILE C 374 -7.99 1.93 18.62
N VAL C 375 -6.71 2.21 18.42
CA VAL C 375 -6.25 3.58 18.38
C VAL C 375 -5.71 3.99 17.02
N HIS C 376 -5.66 3.06 16.07
CA HIS C 376 -5.13 3.40 14.76
C HIS C 376 -6.22 3.40 13.70
N PRO C 377 -6.30 4.49 12.93
CA PRO C 377 -7.30 4.64 11.87
C PRO C 377 -7.08 3.74 10.66
N ALA C 378 -6.75 2.48 10.88
CA ALA C 378 -6.53 1.55 9.79
C ALA C 378 -7.85 0.87 9.44
N LEU C 379 -7.77 -0.36 8.92
CA LEU C 379 -8.95 -1.13 8.54
C LEU C 379 -9.76 -0.44 7.44
N MET D 1 21.83 -35.81 -49.16
CA MET D 1 21.85 -36.53 -47.84
C MET D 1 20.78 -36.01 -46.90
N LYS D 2 20.08 -36.94 -46.26
CA LYS D 2 19.02 -36.56 -45.34
C LYS D 2 19.32 -36.87 -43.89
N ILE D 3 19.28 -35.84 -43.06
CA ILE D 3 19.51 -36.01 -41.64
C ILE D 3 18.17 -35.96 -40.93
N ALA D 4 17.88 -36.96 -40.12
CA ALA D 4 16.62 -37.00 -39.41
C ALA D 4 16.86 -36.90 -37.91
N ILE D 5 15.98 -36.16 -37.24
CA ILE D 5 16.08 -35.98 -35.79
C ILE D 5 14.71 -36.27 -35.17
N PRO D 6 14.62 -37.37 -34.40
CA PRO D 6 13.37 -37.77 -33.74
C PRO D 6 13.21 -37.10 -32.38
N LYS D 7 11.98 -37.13 -31.88
CA LYS D 7 11.72 -36.59 -30.56
C LYS D 7 12.26 -37.66 -29.63
N GLU D 8 12.72 -37.25 -28.46
CA GLU D 8 13.24 -38.15 -27.45
C GLU D 8 12.07 -38.76 -26.69
N ARG D 9 12.04 -40.10 -26.60
CA ARG D 9 10.96 -40.81 -25.91
C ARG D 9 11.27 -41.26 -24.50
N ARG D 10 12.55 -41.37 -24.14
CA ARG D 10 12.85 -41.81 -22.80
C ARG D 10 12.27 -40.77 -21.86
N PRO D 11 11.61 -41.23 -20.78
CA PRO D 11 10.99 -40.33 -19.81
C PRO D 11 11.95 -39.33 -19.13
N GLY D 12 11.50 -38.09 -19.03
CA GLY D 12 12.31 -37.04 -18.41
C GLY D 12 13.15 -36.26 -19.41
N GLU D 13 13.37 -36.82 -20.59
CA GLU D 13 14.18 -36.19 -21.61
C GLU D 13 13.45 -35.08 -22.37
N ASP D 14 13.90 -33.85 -22.19
CA ASP D 14 13.30 -32.72 -22.86
C ASP D 14 14.20 -32.12 -23.96
N ARG D 15 15.44 -32.59 -24.04
CA ARG D 15 16.36 -32.08 -25.05
C ARG D 15 16.05 -32.67 -26.43
N VAL D 16 16.60 -32.04 -27.46
CA VAL D 16 16.43 -32.47 -28.85
C VAL D 16 17.78 -32.23 -29.52
N ALA D 17 18.17 -33.12 -30.42
CA ALA D 17 19.47 -32.98 -31.06
C ALA D 17 19.48 -32.08 -32.28
N ILE D 18 18.86 -30.91 -32.18
CA ILE D 18 18.83 -29.97 -33.32
C ILE D 18 18.36 -28.59 -32.88
N SER D 19 18.71 -27.57 -33.67
CA SER D 19 18.30 -26.19 -33.41
C SER D 19 18.15 -25.49 -34.76
N PRO D 20 17.34 -24.42 -34.81
CA PRO D 20 17.16 -23.67 -36.06
C PRO D 20 18.48 -23.23 -36.65
N GLU D 21 19.41 -22.84 -35.77
CA GLU D 21 20.74 -22.39 -36.20
C GLU D 21 21.49 -23.51 -36.93
N VAL D 22 21.51 -24.71 -36.35
CA VAL D 22 22.22 -25.82 -36.97
C VAL D 22 21.52 -26.28 -38.25
N VAL D 23 20.20 -26.14 -38.31
CA VAL D 23 19.47 -26.54 -39.51
C VAL D 23 19.93 -25.69 -40.69
N LYS D 24 20.11 -24.40 -40.44
CA LYS D 24 20.56 -23.50 -41.48
C LYS D 24 21.94 -23.92 -41.97
N LYS D 25 22.84 -24.24 -41.05
CA LYS D 25 24.18 -24.65 -41.41
C LYS D 25 24.16 -25.98 -42.15
N LEU D 26 23.30 -26.89 -41.72
CA LEU D 26 23.18 -28.18 -42.40
C LEU D 26 22.69 -27.94 -43.83
N VAL D 27 21.52 -27.33 -43.96
CA VAL D 27 20.97 -27.03 -45.29
C VAL D 27 22.02 -26.30 -46.11
N GLY D 28 22.86 -25.52 -45.43
CA GLY D 28 23.91 -24.80 -46.12
C GLY D 28 24.94 -25.76 -46.68
N LEU D 29 25.22 -26.83 -45.95
CA LEU D 29 26.21 -27.80 -46.40
C LEU D 29 25.69 -28.59 -47.60
N GLY D 30 24.38 -28.52 -47.82
CA GLY D 30 23.79 -29.23 -48.93
C GLY D 30 22.91 -30.37 -48.44
N PHE D 31 22.60 -30.35 -47.14
CA PHE D 31 21.76 -31.38 -46.53
C PHE D 31 20.28 -31.08 -46.54
N GLU D 32 19.51 -32.15 -46.39
CA GLU D 32 18.06 -32.11 -46.28
C GLU D 32 17.91 -32.41 -44.79
N VAL D 33 16.97 -31.76 -44.12
CA VAL D 33 16.79 -32.01 -42.69
C VAL D 33 15.35 -32.26 -42.36
N ILE D 34 15.08 -33.38 -41.68
CA ILE D 34 13.70 -33.66 -41.30
C ILE D 34 13.63 -33.95 -39.81
N VAL D 35 12.73 -33.26 -39.12
CA VAL D 35 12.56 -33.41 -37.68
C VAL D 35 11.15 -33.85 -37.34
N GLU D 36 11.03 -34.73 -36.35
CA GLU D 36 9.75 -35.23 -35.91
C GLU D 36 8.96 -34.14 -35.19
N GLN D 37 7.69 -34.00 -35.57
CA GLN D 37 6.81 -33.00 -34.96
C GLN D 37 6.89 -33.06 -33.45
N GLY D 38 6.92 -31.87 -32.82
CA GLY D 38 6.97 -31.79 -31.37
C GLY D 38 8.29 -32.17 -30.70
N ALA D 39 9.33 -32.46 -31.48
CA ALA D 39 10.63 -32.86 -30.95
C ALA D 39 11.31 -31.83 -30.07
N GLY D 40 11.23 -30.55 -30.47
CA GLY D 40 11.89 -29.49 -29.73
C GLY D 40 11.05 -28.64 -28.78
N VAL D 41 9.80 -29.04 -28.55
CA VAL D 41 8.91 -28.29 -27.66
C VAL D 41 9.50 -28.18 -26.24
N GLY D 42 10.11 -29.27 -25.78
CA GLY D 42 10.70 -29.25 -24.45
C GLY D 42 11.86 -28.28 -24.38
N ALA D 43 12.40 -27.93 -25.55
CA ALA D 43 13.53 -27.01 -25.65
C ALA D 43 13.10 -25.68 -26.25
N SER D 44 11.79 -25.41 -26.23
CA SER D 44 11.25 -24.16 -26.76
C SER D 44 11.60 -23.98 -28.23
N ILE D 45 11.60 -25.08 -28.98
CA ILE D 45 11.90 -25.05 -30.40
C ILE D 45 10.64 -25.56 -31.13
N THR D 46 9.93 -24.64 -31.79
CA THR D 46 8.71 -25.01 -32.52
C THR D 46 9.02 -25.62 -33.88
N ASP D 47 8.04 -26.30 -34.45
CA ASP D 47 8.23 -26.90 -35.76
C ASP D 47 8.35 -25.78 -36.78
N ASP D 48 7.67 -24.67 -36.51
CA ASP D 48 7.67 -23.50 -37.40
C ASP D 48 9.07 -22.92 -37.52
N ALA D 49 9.76 -22.82 -36.39
CA ALA D 49 11.11 -22.29 -36.35
C ALA D 49 12.03 -23.18 -37.16
N LEU D 50 11.77 -24.49 -37.09
CA LEU D 50 12.58 -25.45 -37.82
C LEU D 50 12.25 -25.34 -39.29
N THR D 51 10.95 -25.21 -39.58
CA THR D 51 10.50 -25.09 -40.95
C THR D 51 11.09 -23.81 -41.53
N ALA D 52 11.08 -22.75 -40.74
CA ALA D 52 11.62 -21.46 -41.18
C ALA D 52 13.10 -21.56 -41.50
N ALA D 53 13.82 -22.39 -40.74
CA ALA D 53 15.26 -22.58 -40.94
C ALA D 53 15.54 -23.42 -42.16
N GLY D 54 14.52 -24.11 -42.68
CA GLY D 54 14.70 -24.91 -43.87
C GLY D 54 14.49 -26.41 -43.71
N ALA D 55 13.95 -26.84 -42.57
CA ALA D 55 13.71 -28.27 -42.37
C ALA D 55 12.28 -28.60 -42.76
N THR D 56 11.96 -29.89 -42.76
CA THR D 56 10.61 -30.35 -43.04
C THR D 56 10.21 -31.09 -41.77
N ILE D 57 8.93 -31.23 -41.54
CA ILE D 57 8.45 -31.89 -40.33
C ILE D 57 7.82 -33.25 -40.59
N ALA D 58 8.31 -34.28 -39.89
CA ALA D 58 7.80 -35.63 -40.04
C ALA D 58 6.72 -35.86 -38.99
N SER D 59 5.63 -36.46 -39.43
CA SER D 59 4.47 -36.74 -38.58
C SER D 59 4.76 -37.68 -37.42
N THR D 60 5.61 -38.67 -37.67
CA THR D 60 5.96 -39.64 -36.64
C THR D 60 7.45 -39.94 -36.69
N ALA D 61 7.97 -40.55 -35.63
CA ALA D 61 9.38 -40.89 -35.59
C ALA D 61 9.68 -41.86 -36.72
N ALA D 62 8.73 -42.75 -37.00
CA ALA D 62 8.88 -43.73 -38.04
C ALA D 62 9.03 -43.05 -39.40
N GLN D 63 8.23 -42.01 -39.62
CA GLN D 63 8.32 -41.29 -40.89
C GLN D 63 9.66 -40.56 -41.03
N ALA D 64 10.18 -40.06 -39.92
CA ALA D 64 11.46 -39.35 -39.94
C ALA D 64 12.65 -40.28 -40.15
N LEU D 65 12.82 -41.20 -39.21
CA LEU D 65 13.93 -42.15 -39.25
C LEU D 65 13.99 -43.05 -40.49
N SER D 66 12.86 -43.34 -41.09
CA SER D 66 12.83 -44.21 -42.27
C SER D 66 13.38 -43.55 -43.54
N GLN D 67 13.64 -42.25 -43.48
CA GLN D 67 14.15 -41.54 -44.63
C GLN D 67 15.57 -41.06 -44.39
N ALA D 68 16.13 -41.46 -43.26
CA ALA D 68 17.46 -40.99 -42.87
C ALA D 68 18.74 -41.65 -43.38
N ASP D 69 19.64 -40.83 -43.90
CA ASP D 69 20.96 -41.31 -44.34
C ASP D 69 21.77 -41.17 -43.05
N VAL D 70 21.41 -40.15 -42.27
CA VAL D 70 22.06 -39.85 -41.00
C VAL D 70 21.03 -39.53 -39.92
N VAL D 71 21.23 -40.09 -38.73
CA VAL D 71 20.32 -39.82 -37.64
C VAL D 71 21.05 -39.17 -36.49
N TRP D 72 20.46 -38.09 -35.98
CA TRP D 72 21.00 -37.36 -34.85
C TRP D 72 19.99 -37.45 -33.72
N LYS D 73 20.46 -37.77 -32.52
CA LYS D 73 19.58 -37.81 -31.38
C LYS D 73 20.41 -37.68 -30.11
N VAL D 74 19.73 -37.50 -28.99
CA VAL D 74 20.39 -37.31 -27.70
C VAL D 74 20.66 -38.62 -26.96
N GLN D 75 19.63 -39.33 -26.57
CA GLN D 75 19.82 -40.59 -25.87
C GLN D 75 19.85 -41.76 -26.84
N ARG D 76 20.48 -42.87 -26.43
CA ARG D 76 20.56 -44.01 -27.32
C ARG D 76 19.16 -44.50 -27.71
N PRO D 77 19.00 -44.94 -28.96
CA PRO D 77 17.69 -45.43 -29.39
C PRO D 77 17.24 -46.60 -28.54
N MET D 78 15.93 -46.67 -28.30
CA MET D 78 15.36 -47.75 -27.51
C MET D 78 15.25 -48.99 -28.38
N THR D 79 15.28 -50.15 -27.74
CA THR D 79 15.17 -51.41 -28.46
C THR D 79 13.81 -52.03 -28.16
N ALA D 80 13.43 -53.05 -28.95
CA ALA D 80 12.14 -53.70 -28.75
C ALA D 80 12.00 -54.19 -27.31
N GLU D 81 13.12 -54.65 -26.74
CA GLU D 81 13.12 -55.17 -25.37
C GLU D 81 12.92 -54.06 -24.33
N GLU D 82 12.89 -52.81 -24.79
CA GLU D 82 12.68 -51.68 -23.90
C GLU D 82 11.25 -51.17 -24.09
N GLY D 83 10.48 -51.86 -24.93
CA GLY D 83 9.10 -51.48 -25.17
C GLY D 83 8.81 -50.83 -26.50
N THR D 84 9.80 -50.15 -27.05
CA THR D 84 9.64 -49.46 -28.33
C THR D 84 10.93 -49.56 -29.12
N ASP D 85 10.91 -50.40 -30.15
CA ASP D 85 12.08 -50.62 -31.00
C ASP D 85 12.40 -49.44 -31.91
N GLU D 86 13.07 -48.43 -31.36
CA GLU D 86 13.44 -47.26 -32.15
C GLU D 86 14.45 -47.60 -33.24
N VAL D 87 15.35 -48.53 -32.91
CA VAL D 87 16.37 -48.97 -33.84
C VAL D 87 15.76 -49.52 -35.14
N ALA D 88 14.66 -50.26 -35.02
CA ALA D 88 14.01 -50.82 -36.20
C ALA D 88 13.46 -49.74 -37.12
N LEU D 89 13.27 -48.53 -36.60
CA LEU D 89 12.74 -47.44 -37.42
C LEU D 89 13.81 -46.81 -38.30
N ILE D 90 15.07 -46.98 -37.92
CA ILE D 90 16.19 -46.40 -38.67
C ILE D 90 16.50 -47.11 -39.99
N LYS D 91 16.39 -46.38 -41.09
CA LYS D 91 16.69 -46.97 -42.39
C LYS D 91 18.00 -47.74 -42.30
N GLU D 92 18.05 -48.87 -42.99
CA GLU D 92 19.24 -49.71 -42.98
C GLU D 92 20.44 -49.03 -43.66
N GLY D 93 21.62 -49.16 -43.05
CA GLY D 93 22.82 -48.55 -43.60
C GLY D 93 23.03 -47.08 -43.29
N ALA D 94 22.20 -46.51 -42.43
CA ALA D 94 22.32 -45.10 -42.06
C ALA D 94 23.42 -44.90 -41.03
N VAL D 95 23.76 -43.64 -40.79
CA VAL D 95 24.77 -43.28 -39.80
C VAL D 95 24.03 -42.68 -38.61
N LEU D 96 24.37 -43.13 -37.41
CA LEU D 96 23.72 -42.62 -36.20
C LEU D 96 24.77 -41.92 -35.35
N MET D 97 24.40 -40.78 -34.78
CA MET D 97 25.27 -39.97 -33.94
C MET D 97 24.46 -39.57 -32.71
N CYS D 98 24.87 -40.08 -31.56
CA CYS D 98 24.15 -39.76 -30.34
C CYS D 98 24.98 -40.23 -29.17
N HIS D 99 24.42 -40.06 -27.96
CA HIS D 99 25.07 -40.52 -26.76
C HIS D 99 24.60 -41.96 -26.73
N LEU D 100 25.49 -42.89 -27.08
CA LEU D 100 25.16 -44.32 -27.15
C LEU D 100 25.23 -45.14 -25.88
N GLY D 101 26.12 -44.76 -24.96
CA GLY D 101 26.27 -45.56 -23.76
C GLY D 101 26.77 -46.92 -24.25
N ALA D 102 27.39 -46.89 -25.42
CA ALA D 102 27.92 -48.08 -26.08
C ALA D 102 28.59 -49.11 -25.16
N LEU D 103 29.58 -48.66 -24.41
CA LEU D 103 30.32 -49.55 -23.51
C LEU D 103 29.48 -50.10 -22.35
N THR D 104 28.21 -49.70 -22.27
CA THR D 104 27.34 -50.18 -21.20
C THR D 104 25.99 -50.69 -21.73
N ASN D 105 25.81 -50.59 -23.04
CA ASN D 105 24.59 -51.06 -23.68
C ASN D 105 24.93 -51.81 -24.95
N ARG D 106 25.65 -52.90 -24.78
CA ARG D 106 26.06 -53.71 -25.91
C ARG D 106 24.87 -54.13 -26.80
N PRO D 107 23.70 -54.40 -26.20
CA PRO D 107 22.56 -54.80 -27.04
C PRO D 107 22.09 -53.79 -28.08
N VAL D 108 22.27 -52.51 -27.81
CA VAL D 108 21.83 -51.53 -28.80
C VAL D 108 22.76 -51.58 -30.02
N VAL D 109 24.05 -51.80 -29.78
CA VAL D 109 25.02 -51.86 -30.88
C VAL D 109 24.72 -53.08 -31.77
N GLU D 110 24.28 -54.15 -31.13
CA GLU D 110 23.95 -55.37 -31.87
C GLU D 110 22.72 -55.15 -32.74
N ALA D 111 21.72 -54.52 -32.16
CA ALA D 111 20.48 -54.24 -32.88
C ALA D 111 20.83 -53.31 -34.04
N LEU D 112 21.79 -52.41 -33.80
CA LEU D 112 22.24 -51.47 -34.82
C LEU D 112 22.98 -52.21 -35.92
N THR D 113 23.86 -53.12 -35.51
CA THR D 113 24.67 -53.90 -36.42
C THR D 113 23.84 -54.77 -37.35
N LYS D 114 22.75 -55.35 -36.85
CA LYS D 114 21.90 -56.19 -37.69
C LYS D 114 21.28 -55.37 -38.81
N ARG D 115 21.11 -54.06 -38.57
CA ARG D 115 20.55 -53.18 -39.58
C ARG D 115 21.65 -52.43 -40.32
N LYS D 116 22.89 -52.88 -40.15
CA LYS D 116 24.04 -52.27 -40.81
C LYS D 116 24.12 -50.75 -40.62
N ILE D 117 23.74 -50.29 -39.45
CA ILE D 117 23.79 -48.88 -39.12
C ILE D 117 25.18 -48.55 -38.57
N THR D 118 25.86 -47.58 -39.17
CA THR D 118 27.19 -47.17 -38.71
C THR D 118 26.90 -46.23 -37.54
N ALA D 119 27.43 -46.56 -36.37
CA ALA D 119 27.15 -45.74 -35.19
C ALA D 119 28.38 -45.14 -34.54
N TYR D 120 28.28 -43.85 -34.24
CA TYR D 120 29.37 -43.13 -33.60
C TYR D 120 28.91 -42.77 -32.20
N ALA D 121 29.51 -43.42 -31.21
CA ALA D 121 29.20 -43.19 -29.81
C ALA D 121 29.86 -41.87 -29.40
N MET D 122 29.07 -40.81 -29.42
CA MET D 122 29.55 -39.45 -29.12
C MET D 122 30.13 -39.25 -27.71
N GLU D 123 29.78 -40.09 -26.76
CA GLU D 123 30.33 -39.95 -25.42
C GLU D 123 31.78 -40.45 -25.41
N LEU D 124 32.17 -41.20 -26.44
CA LEU D 124 33.52 -41.73 -26.53
C LEU D 124 34.47 -40.78 -27.25
N MET D 125 34.04 -39.54 -27.45
CA MET D 125 34.86 -38.53 -28.12
C MET D 125 36.21 -38.38 -27.41
N PRO D 126 37.31 -38.55 -28.16
CA PRO D 126 38.66 -38.43 -27.57
C PRO D 126 38.87 -37.06 -26.95
N ARG D 127 39.57 -37.02 -25.82
CA ARG D 127 39.83 -35.76 -25.14
C ARG D 127 41.06 -35.07 -25.72
N ILE D 128 40.90 -34.55 -26.93
CA ILE D 128 41.99 -33.85 -27.61
C ILE D 128 41.48 -32.46 -27.97
N SER D 129 42.37 -31.49 -27.93
CA SER D 129 42.05 -30.10 -28.24
C SER D 129 41.03 -29.91 -29.36
N ARG D 130 41.30 -30.45 -30.54
CA ARG D 130 40.39 -30.27 -31.68
C ARG D 130 38.97 -30.82 -31.53
N ALA D 131 38.76 -31.73 -30.57
CA ALA D 131 37.44 -32.32 -30.38
C ALA D 131 36.62 -31.61 -29.32
N GLN D 132 37.13 -30.58 -28.74
CA GLN D 132 36.46 -29.83 -27.69
C GLN D 132 35.13 -29.23 -28.14
N SER D 133 35.05 -28.91 -29.45
CA SER D 133 33.83 -28.35 -30.05
C SER D 133 32.87 -29.47 -30.43
N MET D 134 33.33 -30.70 -30.32
CA MET D 134 32.55 -31.87 -30.68
C MET D 134 32.16 -32.69 -29.47
N ASP D 135 32.63 -32.30 -28.29
CA ASP D 135 32.36 -33.08 -27.08
C ASP D 135 31.02 -32.81 -26.39
N ILE D 136 30.10 -33.75 -26.51
CA ILE D 136 28.79 -33.61 -25.88
C ILE D 136 28.86 -33.71 -24.37
N LEU D 137 29.75 -34.54 -23.85
CA LEU D 137 29.90 -34.69 -22.40
C LEU D 137 30.28 -33.36 -21.74
N SER D 138 31.11 -32.57 -22.43
CA SER D 138 31.57 -31.26 -21.94
C SER D 138 30.49 -30.18 -22.00
N SER D 139 29.78 -30.10 -23.12
CA SER D 139 28.76 -29.07 -23.26
C SER D 139 27.59 -29.31 -22.31
N GLN D 140 27.24 -30.56 -22.11
CA GLN D 140 26.11 -30.82 -21.24
C GLN D 140 26.48 -30.71 -19.76
N SER D 141 27.67 -31.20 -19.40
CA SER D 141 28.10 -31.12 -18.01
C SER D 141 28.31 -29.66 -17.63
N ASN D 142 28.71 -28.84 -18.61
CA ASN D 142 28.86 -27.40 -18.35
C ASN D 142 27.52 -26.86 -17.88
N LEU D 143 26.46 -27.14 -18.64
CA LEU D 143 25.14 -26.66 -18.25
C LEU D 143 24.66 -27.29 -16.94
N ALA D 144 25.04 -28.54 -16.68
CA ALA D 144 24.63 -29.20 -15.45
C ALA D 144 25.26 -28.56 -14.23
N GLY D 145 26.49 -28.08 -14.40
CA GLY D 145 27.20 -27.45 -13.30
C GLY D 145 26.53 -26.16 -12.96
N TYR D 146 26.08 -25.45 -13.99
CA TYR D 146 25.37 -24.21 -13.77
C TYR D 146 24.06 -24.53 -13.06
N ARG D 147 23.36 -25.56 -13.54
CA ARG D 147 22.08 -25.92 -12.97
C ARG D 147 22.13 -26.38 -11.51
N ALA D 148 23.23 -26.96 -11.07
CA ALA D 148 23.33 -27.39 -9.68
C ALA D 148 23.26 -26.19 -8.74
N VAL D 149 23.89 -25.08 -9.13
CA VAL D 149 23.89 -23.86 -8.33
C VAL D 149 22.48 -23.28 -8.32
N ILE D 150 21.79 -23.37 -9.45
CA ILE D 150 20.42 -22.84 -9.50
C ILE D 150 19.51 -23.69 -8.63
N ASP D 151 19.63 -25.01 -8.73
CA ASP D 151 18.80 -25.89 -7.91
C ASP D 151 19.23 -25.73 -6.44
N GLY D 152 20.53 -25.59 -6.22
CA GLY D 152 21.05 -25.41 -4.88
C GLY D 152 20.50 -24.14 -4.24
N ALA D 153 20.52 -23.04 -4.98
CA ALA D 153 19.98 -21.77 -4.46
C ALA D 153 18.47 -21.89 -4.23
N TYR D 154 17.77 -22.57 -5.13
CA TYR D 154 16.33 -22.76 -5.03
C TYR D 154 15.93 -23.50 -3.74
N GLU D 155 16.66 -24.55 -3.39
CA GLU D 155 16.37 -25.35 -2.19
C GLU D 155 16.92 -24.77 -0.89
N PHE D 156 17.83 -23.81 -1.01
CA PHE D 156 18.47 -23.18 0.14
C PHE D 156 17.57 -22.05 0.73
N ALA D 157 17.40 -22.06 2.05
CA ALA D 157 16.56 -21.06 2.72
C ALA D 157 17.28 -19.74 3.03
N ARG D 158 18.44 -19.52 2.42
CA ARG D 158 19.22 -18.29 2.61
C ARG D 158 19.62 -17.74 1.24
N ALA D 159 20.12 -16.50 1.23
CA ALA D 159 20.56 -15.87 -0.01
C ALA D 159 22.04 -16.22 -0.24
N PHE D 160 22.44 -16.28 -1.51
CA PHE D 160 23.83 -16.59 -1.82
C PHE D 160 24.78 -15.42 -1.53
N PRO D 161 24.41 -14.20 -1.92
CA PRO D 161 25.33 -13.08 -1.65
C PRO D 161 25.17 -12.45 -0.28
N MET D 162 26.25 -11.88 0.24
CA MET D 162 26.17 -11.19 1.52
C MET D 162 25.22 -10.06 1.19
N MET D 163 24.20 -9.87 2.03
CA MET D 163 23.25 -8.82 1.77
C MET D 163 23.39 -7.75 2.85
N MET D 164 23.57 -6.51 2.42
CA MET D 164 23.73 -5.39 3.33
C MET D 164 22.50 -4.53 3.32
N THR D 165 21.77 -4.56 4.42
CA THR D 165 20.55 -3.80 4.54
C THR D 165 20.60 -2.92 5.78
N ALA D 166 19.72 -1.92 5.83
CA ALA D 166 19.69 -1.00 6.96
C ALA D 166 19.37 -1.78 8.26
N ALA D 167 18.84 -2.98 8.09
CA ALA D 167 18.51 -3.83 9.23
C ALA D 167 19.71 -4.66 9.64
N GLY D 168 20.73 -4.67 8.79
CA GLY D 168 21.93 -5.43 9.08
C GLY D 168 22.43 -6.11 7.83
N THR D 169 23.51 -6.87 7.97
CA THR D 169 24.09 -7.57 6.83
C THR D 169 24.08 -9.08 7.04
N VAL D 170 23.65 -9.81 6.02
CA VAL D 170 23.62 -11.26 6.09
C VAL D 170 24.76 -11.79 5.25
N PRO D 171 25.62 -12.63 5.85
CA PRO D 171 26.78 -13.21 5.18
C PRO D 171 26.47 -13.99 3.91
N PRO D 172 27.46 -14.12 3.03
CA PRO D 172 27.26 -14.84 1.77
C PRO D 172 27.23 -16.33 2.09
N ALA D 173 26.69 -17.13 1.18
CA ALA D 173 26.65 -18.56 1.40
C ALA D 173 28.05 -19.12 1.16
N ARG D 174 28.34 -20.26 1.80
CA ARG D 174 29.63 -20.92 1.63
C ARG D 174 29.35 -22.15 0.79
N VAL D 175 30.07 -22.27 -0.32
CA VAL D 175 29.88 -23.40 -1.21
C VAL D 175 31.15 -24.23 -1.32
N LEU D 176 30.98 -25.53 -1.53
CA LEU D 176 32.11 -26.45 -1.66
C LEU D 176 31.83 -27.32 -2.88
N VAL D 177 32.70 -27.24 -3.88
CA VAL D 177 32.53 -28.02 -5.09
C VAL D 177 33.52 -29.17 -5.08
N PHE D 178 32.99 -30.41 -5.13
CA PHE D 178 33.80 -31.63 -5.18
C PHE D 178 33.88 -32.06 -6.64
N GLY D 179 35.09 -32.10 -7.18
CA GLY D 179 35.27 -32.44 -8.58
C GLY D 179 35.28 -31.14 -9.36
N VAL D 180 36.46 -30.77 -9.87
CA VAL D 180 36.59 -29.53 -10.62
C VAL D 180 36.80 -29.80 -12.11
N GLY D 181 35.86 -30.53 -12.69
CA GLY D 181 35.91 -30.85 -14.10
C GLY D 181 35.15 -29.74 -14.81
N VAL D 182 34.51 -30.06 -15.93
CA VAL D 182 33.75 -29.03 -16.65
C VAL D 182 32.54 -28.61 -15.81
N ALA D 183 31.79 -29.58 -15.29
CA ALA D 183 30.62 -29.29 -14.47
C ALA D 183 31.02 -28.55 -13.20
N GLY D 184 32.09 -28.99 -12.57
CA GLY D 184 32.57 -28.36 -11.34
C GLY D 184 33.05 -26.94 -11.54
N LEU D 185 33.68 -26.66 -12.68
CA LEU D 185 34.16 -25.31 -12.96
C LEU D 185 33.01 -24.35 -13.12
N GLN D 186 31.96 -24.75 -13.84
CA GLN D 186 30.83 -23.87 -14.04
C GLN D 186 30.07 -23.64 -12.74
N ALA D 187 30.06 -24.63 -11.87
CA ALA D 187 29.37 -24.49 -10.60
C ALA D 187 30.10 -23.44 -9.77
N ILE D 188 31.44 -23.46 -9.82
CA ILE D 188 32.24 -22.49 -9.09
C ILE D 188 31.97 -21.10 -9.68
N ALA D 189 31.94 -21.01 -11.00
CA ALA D 189 31.69 -19.75 -11.67
C ALA D 189 30.32 -19.19 -11.34
N THR D 190 29.30 -20.05 -11.36
CA THR D 190 27.95 -19.58 -11.07
C THR D 190 27.80 -19.23 -9.59
N ALA D 191 28.38 -20.04 -8.71
CA ALA D 191 28.31 -19.76 -7.26
C ALA D 191 29.02 -18.43 -6.98
N LYS D 192 30.18 -18.25 -7.59
CA LYS D 192 30.98 -17.05 -7.42
C LYS D 192 30.19 -15.85 -7.95
N ARG D 193 29.63 -16.01 -9.14
CA ARG D 193 28.81 -14.97 -9.77
C ARG D 193 27.73 -14.49 -8.80
N LEU D 194 27.12 -15.42 -8.07
CA LEU D 194 26.07 -15.07 -7.13
C LEU D 194 26.55 -14.48 -5.80
N GLY D 195 27.87 -14.46 -5.60
CA GLY D 195 28.41 -13.87 -4.39
C GLY D 195 28.81 -14.79 -3.26
N ALA D 196 28.79 -16.10 -3.48
CA ALA D 196 29.16 -17.02 -2.41
C ALA D 196 30.67 -17.21 -2.25
N VAL D 197 31.07 -17.69 -1.07
CA VAL D 197 32.48 -17.97 -0.82
C VAL D 197 32.60 -19.36 -1.39
N VAL D 198 33.57 -19.56 -2.27
CA VAL D 198 33.68 -20.86 -2.89
C VAL D 198 35.00 -21.57 -2.64
N MET D 199 34.89 -22.81 -2.19
CA MET D 199 36.05 -23.68 -1.96
C MET D 199 35.83 -24.81 -2.96
N ALA D 200 36.91 -25.50 -3.34
CA ALA D 200 36.81 -26.61 -4.28
C ALA D 200 37.92 -27.63 -4.04
N THR D 201 37.70 -28.86 -4.49
CA THR D 201 38.67 -29.92 -4.34
C THR D 201 38.60 -30.89 -5.52
N ASP D 202 39.74 -31.48 -5.88
CA ASP D 202 39.85 -32.43 -6.99
C ASP D 202 41.18 -33.18 -6.77
N VAL D 203 41.36 -34.33 -7.41
CA VAL D 203 42.61 -35.08 -7.25
C VAL D 203 43.65 -34.61 -8.26
N ARG D 204 43.19 -33.97 -9.34
CA ARG D 204 44.07 -33.47 -10.38
C ARG D 204 44.64 -32.12 -9.96
N ALA D 205 45.97 -32.04 -9.87
CA ALA D 205 46.62 -30.80 -9.45
C ALA D 205 46.41 -29.61 -10.38
N ALA D 206 46.29 -29.87 -11.68
CA ALA D 206 46.12 -28.81 -12.66
C ALA D 206 44.85 -27.99 -12.51
N THR D 207 43.96 -28.42 -11.62
CA THR D 207 42.72 -27.70 -11.43
C THR D 207 42.90 -26.64 -10.36
N LYS D 208 44.04 -26.68 -9.68
CA LYS D 208 44.32 -25.71 -8.61
C LYS D 208 44.32 -24.29 -9.14
N GLU D 209 45.02 -24.07 -10.25
CA GLU D 209 45.08 -22.73 -10.84
C GLU D 209 43.71 -22.36 -11.42
N GLN D 210 42.97 -23.35 -11.89
CA GLN D 210 41.66 -23.11 -12.48
C GLN D 210 40.69 -22.61 -11.41
N VAL D 211 40.72 -23.27 -10.26
CA VAL D 211 39.84 -22.90 -9.15
C VAL D 211 40.16 -21.49 -8.68
N GLU D 212 41.42 -21.26 -8.35
CA GLU D 212 41.86 -19.96 -7.86
C GLU D 212 41.67 -18.87 -8.90
N SER D 213 41.73 -19.27 -10.17
CA SER D 213 41.55 -18.33 -11.27
C SER D 213 40.14 -17.77 -11.28
N LEU D 214 39.20 -18.49 -10.67
CA LEU D 214 37.81 -18.07 -10.60
C LEU D 214 37.53 -17.40 -9.24
N GLY D 215 38.59 -17.16 -8.47
CA GLY D 215 38.42 -16.51 -7.19
C GLY D 215 38.06 -17.47 -6.08
N GLY D 216 38.19 -18.77 -6.33
CA GLY D 216 37.89 -19.75 -5.32
C GLY D 216 39.15 -20.26 -4.66
N LYS D 217 39.00 -20.97 -3.55
CA LYS D 217 40.17 -21.51 -2.85
C LYS D 217 40.16 -23.04 -2.90
N PHE D 218 41.31 -23.59 -3.26
CA PHE D 218 41.49 -25.02 -3.40
C PHE D 218 41.84 -25.70 -2.08
N ILE D 219 41.13 -26.78 -1.75
CA ILE D 219 41.41 -27.53 -0.54
C ILE D 219 42.47 -28.54 -0.95
N THR D 220 43.70 -28.27 -0.52
CA THR D 220 44.85 -29.11 -0.86
C THR D 220 44.75 -30.59 -0.46
N VAL D 221 45.03 -31.43 -1.45
CA VAL D 221 45.05 -32.90 -1.38
C VAL D 221 45.08 -33.37 -2.84
N ASP D 222 45.43 -32.46 -3.74
CA ASP D 222 45.50 -32.75 -5.16
C ASP D 222 46.10 -34.14 -5.42
N GLY D 233 42.26 -44.44 -18.93
CA GLY D 233 41.65 -43.76 -20.06
C GLY D 233 40.36 -43.04 -19.72
N GLY D 234 40.47 -41.74 -19.49
CA GLY D 234 39.31 -40.92 -19.15
C GLY D 234 39.67 -39.56 -18.60
N TYR D 235 40.01 -39.51 -17.31
CA TYR D 235 40.38 -38.26 -16.67
C TYR D 235 41.14 -38.50 -15.36
N ALA D 236 40.43 -38.93 -14.33
CA ALA D 236 41.03 -39.21 -13.03
C ALA D 236 41.04 -40.70 -12.77
N LYS D 237 41.94 -41.15 -11.91
CA LYS D 237 42.02 -42.58 -11.58
C LYS D 237 41.53 -42.83 -10.17
N GLU D 238 41.09 -44.07 -9.90
CA GLU D 238 40.64 -44.40 -8.54
C GLU D 238 41.87 -44.14 -7.68
N MET D 239 41.64 -43.51 -6.52
CA MET D 239 42.72 -43.15 -5.61
C MET D 239 42.94 -44.14 -4.45
N GLY D 240 41.87 -44.75 -3.98
CA GLY D 240 42.02 -45.69 -2.89
C GLY D 240 41.60 -45.11 -1.56
N GLU D 241 41.17 -45.99 -0.66
CA GLU D 241 40.71 -45.64 0.68
C GLU D 241 41.64 -44.75 1.50
N GLU D 242 42.94 -44.98 1.35
CA GLU D 242 43.93 -44.20 2.09
C GLU D 242 43.80 -42.71 1.74
N PHE D 243 43.81 -42.40 0.45
CA PHE D 243 43.68 -41.01 0.03
C PHE D 243 42.28 -40.50 0.41
N ARG D 244 41.28 -41.32 0.11
CA ARG D 244 39.89 -40.97 0.40
C ARG D 244 39.78 -40.50 1.87
N LYS D 245 40.39 -41.25 2.78
CA LYS D 245 40.38 -40.89 4.20
C LYS D 245 41.05 -39.54 4.42
N LYS D 246 42.20 -39.36 3.80
CA LYS D 246 42.96 -38.11 3.90
C LYS D 246 42.13 -36.93 3.39
N GLN D 247 41.62 -37.09 2.18
CA GLN D 247 40.79 -36.09 1.52
C GLN D 247 39.63 -35.69 2.41
N ALA D 248 38.95 -36.68 2.98
CA ALA D 248 37.80 -36.46 3.83
C ALA D 248 38.06 -35.57 5.05
N GLU D 249 39.18 -35.79 5.74
CA GLU D 249 39.50 -34.99 6.92
C GLU D 249 39.95 -33.59 6.52
N ALA D 250 40.60 -33.50 5.36
CA ALA D 250 41.07 -32.22 4.87
C ALA D 250 39.85 -31.34 4.57
N VAL D 251 38.85 -31.94 3.93
CA VAL D 251 37.65 -31.22 3.56
C VAL D 251 36.71 -31.02 4.74
N LEU D 252 36.68 -31.96 5.67
CA LEU D 252 35.80 -31.87 6.82
C LEU D 252 35.90 -30.49 7.46
N LYS D 253 37.09 -29.91 7.40
CA LYS D 253 37.35 -28.60 7.95
C LYS D 253 36.35 -27.58 7.41
N GLU D 254 36.22 -27.54 6.08
CA GLU D 254 35.31 -26.61 5.40
C GLU D 254 33.86 -27.08 5.34
N LEU D 255 33.65 -28.39 5.24
CA LEU D 255 32.29 -28.93 5.15
C LEU D 255 31.41 -28.61 6.35
N VAL D 256 32.01 -28.40 7.52
CA VAL D 256 31.22 -28.08 8.71
C VAL D 256 30.69 -26.65 8.63
N LYS D 257 31.24 -25.87 7.71
CA LYS D 257 30.85 -24.47 7.55
C LYS D 257 30.16 -24.25 6.20
N THR D 258 30.08 -25.31 5.40
CA THR D 258 29.47 -25.22 4.08
C THR D 258 27.94 -25.27 4.11
N ASP D 259 27.33 -24.43 3.27
CA ASP D 259 25.87 -24.39 3.15
C ASP D 259 25.46 -25.17 1.92
N ILE D 260 26.26 -25.05 0.87
CA ILE D 260 25.98 -25.75 -0.37
C ILE D 260 27.15 -26.60 -0.85
N ALA D 261 26.93 -27.90 -0.95
CA ALA D 261 27.94 -28.83 -1.42
C ALA D 261 27.49 -29.37 -2.76
N ILE D 262 28.33 -29.20 -3.78
CA ILE D 262 28.02 -29.67 -5.13
C ILE D 262 29.09 -30.70 -5.50
N THR D 263 28.65 -31.95 -5.68
CA THR D 263 29.55 -33.04 -6.03
C THR D 263 29.35 -33.45 -7.48
N THR D 264 30.46 -33.58 -8.20
CA THR D 264 30.45 -33.90 -9.63
C THR D 264 31.53 -34.91 -10.04
N ALA D 265 32.12 -35.59 -9.07
CA ALA D 265 33.21 -36.54 -9.36
C ALA D 265 32.82 -37.81 -10.08
N LEU D 266 33.56 -38.11 -11.15
CA LEU D 266 33.33 -39.31 -11.94
C LEU D 266 34.64 -40.02 -12.24
N ILE D 267 34.57 -41.34 -12.36
CA ILE D 267 35.74 -42.17 -12.68
C ILE D 267 35.38 -43.08 -13.84
N PRO D 268 35.96 -42.82 -15.02
CA PRO D 268 35.69 -43.61 -16.23
C PRO D 268 35.67 -45.12 -15.97
N GLY D 269 34.57 -45.76 -16.36
CA GLY D 269 34.44 -47.20 -16.18
C GLY D 269 34.25 -47.69 -14.76
N LYS D 270 34.04 -46.78 -13.81
CA LYS D 270 33.86 -47.16 -12.42
C LYS D 270 32.79 -46.33 -11.72
N PRO D 271 32.22 -46.88 -10.63
CA PRO D 271 31.19 -46.18 -9.86
C PRO D 271 31.78 -44.87 -9.36
N ALA D 272 30.98 -43.81 -9.30
CA ALA D 272 31.52 -42.54 -8.83
C ALA D 272 32.12 -42.74 -7.43
N PRO D 273 33.15 -41.97 -7.09
CA PRO D 273 33.78 -42.09 -5.77
C PRO D 273 32.90 -41.49 -4.68
N VAL D 274 32.92 -42.09 -3.49
CA VAL D 274 32.12 -41.53 -2.40
C VAL D 274 32.96 -40.41 -1.77
N LEU D 275 32.47 -39.18 -1.89
CA LEU D 275 33.19 -38.02 -1.34
C LEU D 275 32.56 -37.49 -0.07
N ILE D 276 31.25 -37.69 0.09
CA ILE D 276 30.55 -37.22 1.29
C ILE D 276 29.76 -38.38 1.87
N THR D 277 30.25 -38.92 2.98
CA THR D 277 29.59 -40.04 3.62
C THR D 277 28.40 -39.55 4.46
N GLU D 278 27.61 -40.49 4.95
CA GLU D 278 26.48 -40.15 5.78
C GLU D 278 27.01 -39.54 7.08
N GLU D 279 28.16 -40.02 7.53
CA GLU D 279 28.79 -39.53 8.74
C GLU D 279 29.11 -38.05 8.58
N MET D 280 29.63 -37.71 7.41
CA MET D 280 29.98 -36.33 7.14
C MET D 280 28.74 -35.44 7.10
N VAL D 281 27.65 -35.97 6.54
CA VAL D 281 26.41 -35.20 6.45
C VAL D 281 25.86 -34.88 7.84
N THR D 282 26.06 -35.82 8.78
CA THR D 282 25.58 -35.62 10.14
C THR D 282 26.32 -34.47 10.79
N LYS D 283 27.45 -34.10 10.20
CA LYS D 283 28.26 -33.00 10.73
C LYS D 283 28.02 -31.65 10.03
N MET D 284 27.04 -31.59 9.14
CA MET D 284 26.75 -30.35 8.43
C MET D 284 25.65 -29.54 9.12
N LYS D 285 25.61 -28.25 8.81
CA LYS D 285 24.63 -27.36 9.42
C LYS D 285 23.21 -27.60 8.93
N PRO D 286 22.23 -27.35 9.80
CA PRO D 286 20.82 -27.53 9.43
C PRO D 286 20.54 -26.56 8.29
N GLY D 287 19.77 -26.99 7.31
CA GLY D 287 19.47 -26.11 6.19
C GLY D 287 20.42 -26.28 5.03
N SER D 288 21.52 -26.99 5.25
CA SER D 288 22.49 -27.20 4.19
C SER D 288 21.87 -28.00 3.03
N VAL D 289 22.42 -27.81 1.84
CA VAL D 289 21.94 -28.52 0.66
C VAL D 289 23.10 -29.21 -0.05
N ILE D 290 22.89 -30.46 -0.42
CA ILE D 290 23.90 -31.19 -1.15
C ILE D 290 23.31 -31.46 -2.54
N ILE D 291 24.05 -31.12 -3.59
CA ILE D 291 23.61 -31.35 -4.96
C ILE D 291 24.57 -32.38 -5.52
N ASP D 292 24.08 -33.62 -5.66
CA ASP D 292 24.90 -34.73 -6.17
C ASP D 292 24.69 -34.95 -7.68
N LEU D 293 25.55 -34.35 -8.50
CA LEU D 293 25.44 -34.48 -9.95
C LEU D 293 25.86 -35.86 -10.48
N ALA D 294 26.57 -36.63 -9.66
CA ALA D 294 27.02 -37.95 -10.09
C ALA D 294 26.05 -39.02 -9.66
N VAL D 295 24.88 -38.59 -9.17
CA VAL D 295 23.84 -39.51 -8.69
C VAL D 295 23.52 -40.70 -9.61
N GLU D 296 23.43 -40.46 -10.91
CA GLU D 296 23.11 -41.55 -11.83
C GLU D 296 24.30 -42.45 -12.16
N ALA D 297 25.48 -42.07 -11.69
CA ALA D 297 26.69 -42.86 -11.91
C ALA D 297 27.03 -43.54 -10.59
N GLY D 298 26.13 -43.42 -9.62
CA GLY D 298 26.34 -44.02 -8.32
C GLY D 298 26.27 -42.97 -7.22
N GLY D 299 26.56 -41.73 -7.60
CA GLY D 299 26.53 -40.64 -6.65
C GLY D 299 27.79 -40.47 -5.83
N ASN D 300 28.06 -39.23 -5.43
CA ASN D 300 29.22 -38.92 -4.61
C ASN D 300 28.78 -38.94 -3.14
N CYS D 301 27.47 -39.00 -2.92
CA CYS D 301 26.88 -39.07 -1.58
C CYS D 301 25.90 -40.24 -1.55
N PRO D 302 26.13 -41.23 -0.67
CA PRO D 302 25.25 -42.39 -0.57
C PRO D 302 23.80 -42.09 -0.18
N LEU D 303 23.54 -40.85 0.24
CA LEU D 303 22.18 -40.48 0.63
C LEU D 303 21.33 -40.00 -0.54
N SER D 304 21.96 -39.73 -1.68
CA SER D 304 21.21 -39.26 -2.82
C SER D 304 20.44 -40.39 -3.50
N GLU D 305 19.24 -40.06 -3.95
CA GLU D 305 18.38 -41.01 -4.64
C GLU D 305 17.96 -40.35 -5.95
N PRO D 306 18.12 -41.04 -7.07
CA PRO D 306 17.77 -40.55 -8.41
C PRO D 306 16.39 -39.88 -8.50
N GLY D 307 16.38 -38.67 -9.06
CA GLY D 307 15.14 -37.92 -9.23
C GLY D 307 14.42 -37.51 -7.96
N LYS D 308 15.10 -37.55 -6.83
CA LYS D 308 14.49 -37.18 -5.56
C LYS D 308 15.30 -36.17 -4.79
N ILE D 309 14.64 -35.54 -3.82
CA ILE D 309 15.27 -34.58 -2.94
C ILE D 309 14.99 -35.20 -1.59
N VAL D 310 16.03 -35.71 -0.92
CA VAL D 310 15.82 -36.35 0.38
C VAL D 310 16.27 -35.43 1.50
N VAL D 311 15.62 -35.54 2.64
CA VAL D 311 15.99 -34.71 3.78
C VAL D 311 16.43 -35.59 4.94
N LYS D 312 17.73 -35.64 5.19
CA LYS D 312 18.24 -36.43 6.31
C LYS D 312 19.22 -35.64 7.14
N HIS D 313 19.04 -35.71 8.46
CA HIS D 313 19.90 -35.02 9.40
C HIS D 313 19.79 -33.51 9.23
N GLY D 314 18.66 -33.06 8.70
CA GLY D 314 18.44 -31.64 8.50
C GLY D 314 19.06 -31.13 7.22
N VAL D 315 19.64 -32.04 6.43
CA VAL D 315 20.28 -31.69 5.18
C VAL D 315 19.48 -32.16 3.98
N LYS D 316 19.35 -31.29 2.99
CA LYS D 316 18.63 -31.65 1.79
C LYS D 316 19.63 -32.26 0.81
N ILE D 317 19.39 -33.49 0.41
CA ILE D 317 20.29 -34.15 -0.53
C ILE D 317 19.57 -34.19 -1.87
N VAL D 318 19.97 -33.33 -2.80
CA VAL D 318 19.32 -33.26 -4.10
C VAL D 318 20.02 -34.13 -5.16
N GLY D 319 19.23 -34.92 -5.87
CA GLY D 319 19.80 -35.80 -6.89
C GLY D 319 18.93 -35.92 -8.12
N HIS D 320 18.66 -34.78 -8.76
CA HIS D 320 17.84 -34.77 -9.97
C HIS D 320 18.47 -35.60 -11.08
N THR D 321 17.63 -36.20 -11.90
CA THR D 321 18.11 -37.01 -13.01
C THR D 321 18.19 -36.15 -14.28
N ASN D 322 19.09 -36.52 -15.18
CA ASN D 322 19.23 -35.80 -16.46
C ASN D 322 19.22 -34.30 -16.24
N VAL D 323 20.21 -33.81 -15.49
CA VAL D 323 20.32 -32.39 -15.18
C VAL D 323 20.38 -31.47 -16.41
N PRO D 324 21.01 -31.91 -17.51
CA PRO D 324 21.07 -31.05 -18.69
C PRO D 324 19.71 -30.68 -19.28
N SER D 325 18.75 -31.60 -19.25
CA SER D 325 17.44 -31.27 -19.79
C SER D 325 16.72 -30.22 -18.93
N ARG D 326 17.21 -29.99 -17.71
CA ARG D 326 16.63 -28.97 -16.85
C ARG D 326 17.04 -27.61 -17.40
N VAL D 327 17.91 -27.64 -18.41
CA VAL D 327 18.37 -26.43 -19.09
C VAL D 327 18.25 -26.80 -20.57
N ALA D 328 17.19 -27.53 -20.90
CA ALA D 328 16.97 -28.02 -22.25
C ALA D 328 17.00 -26.99 -23.38
N ALA D 329 16.51 -25.77 -23.14
CA ALA D 329 16.49 -24.76 -24.20
C ALA D 329 17.89 -24.24 -24.53
N ASP D 330 18.86 -24.54 -23.68
CA ASP D 330 20.25 -24.12 -23.91
C ASP D 330 21.07 -25.35 -24.25
N ALA D 331 20.71 -26.47 -23.62
CA ALA D 331 21.40 -27.74 -23.83
C ALA D 331 21.24 -28.27 -25.25
N SER D 332 20.06 -28.16 -25.83
CA SER D 332 19.81 -28.66 -27.17
C SER D 332 20.62 -27.93 -28.24
N PRO D 333 20.62 -26.59 -28.21
CA PRO D 333 21.38 -25.82 -29.19
C PRO D 333 22.85 -26.23 -29.20
N LEU D 334 23.41 -26.46 -28.01
CA LEU D 334 24.83 -26.85 -27.91
C LEU D 334 25.07 -28.30 -28.32
N PHE D 335 24.12 -29.19 -28.00
CA PHE D 335 24.25 -30.59 -28.37
C PHE D 335 24.25 -30.69 -29.88
N ALA D 336 23.39 -29.91 -30.53
CA ALA D 336 23.30 -29.89 -31.98
C ALA D 336 24.60 -29.37 -32.58
N LYS D 337 25.18 -28.37 -31.94
CA LYS D 337 26.45 -27.81 -32.38
C LYS D 337 27.55 -28.86 -32.29
N ASN D 338 27.56 -29.65 -31.22
CA ASN D 338 28.58 -30.68 -31.05
C ASN D 338 28.53 -31.65 -32.23
N LEU D 339 27.32 -32.04 -32.59
CA LEU D 339 27.12 -32.98 -33.69
C LEU D 339 27.55 -32.36 -35.02
N LEU D 340 27.22 -31.08 -35.23
CA LEU D 340 27.57 -30.37 -36.47
C LEU D 340 29.07 -30.23 -36.62
N ASN D 341 29.74 -29.85 -35.52
CA ASN D 341 31.18 -29.68 -35.52
C ASN D 341 31.92 -30.98 -35.82
N PHE D 342 31.39 -32.08 -35.33
CA PHE D 342 31.98 -33.40 -35.54
C PHE D 342 31.80 -33.86 -36.99
N LEU D 343 30.62 -33.55 -37.54
CA LEU D 343 30.25 -33.95 -38.88
C LEU D 343 30.82 -33.07 -40.01
N THR D 344 30.83 -31.77 -39.78
CA THR D 344 31.32 -30.82 -40.76
C THR D 344 32.63 -31.17 -41.46
N PRO D 345 33.68 -31.49 -40.68
CA PRO D 345 35.00 -31.83 -41.25
C PRO D 345 34.98 -33.04 -42.18
N HIS D 346 33.87 -33.78 -42.20
CA HIS D 346 33.76 -34.97 -43.00
C HIS D 346 32.88 -34.88 -44.23
N VAL D 347 32.32 -33.70 -44.49
CA VAL D 347 31.48 -33.55 -45.67
C VAL D 347 32.37 -33.33 -46.89
N ASP D 348 32.26 -34.23 -47.86
CA ASP D 348 33.05 -34.06 -49.07
C ASP D 348 32.19 -33.21 -49.99
N LYS D 349 32.59 -31.96 -50.18
CA LYS D 349 31.84 -31.05 -51.03
C LYS D 349 32.21 -31.35 -52.48
N ASP D 350 31.49 -32.29 -53.08
CA ASP D 350 31.70 -32.70 -54.48
C ASP D 350 30.78 -33.88 -54.72
N THR D 351 30.50 -34.60 -53.64
CA THR D 351 29.63 -35.77 -53.70
C THR D 351 28.57 -35.59 -52.61
N LYS D 352 28.75 -34.58 -51.77
CA LYS D 352 27.82 -34.29 -50.69
C LYS D 352 27.60 -35.53 -49.83
N THR D 353 28.65 -36.32 -49.69
CA THR D 353 28.61 -37.55 -48.91
C THR D 353 29.55 -37.45 -47.72
N LEU D 354 29.27 -38.23 -46.67
CA LEU D 354 30.10 -38.22 -45.48
C LEU D 354 31.24 -39.23 -45.56
N VAL D 355 32.45 -38.73 -45.71
CA VAL D 355 33.61 -39.61 -45.77
C VAL D 355 34.32 -39.47 -44.43
N MET D 356 34.06 -40.45 -43.57
CA MET D 356 34.62 -40.50 -42.23
C MET D 356 36.01 -41.10 -42.26
N LYS D 357 37.02 -40.26 -42.40
CA LYS D 357 38.41 -40.73 -42.43
C LYS D 357 38.70 -41.59 -41.21
N LEU D 358 38.98 -42.87 -41.45
CA LEU D 358 39.26 -43.83 -40.39
C LEU D 358 40.54 -43.49 -39.63
N GLU D 359 41.38 -42.70 -40.26
CA GLU D 359 42.66 -42.28 -39.67
C GLU D 359 42.43 -41.07 -38.75
N ASP D 360 41.19 -40.59 -38.71
CA ASP D 360 40.82 -39.45 -37.88
C ASP D 360 40.49 -39.99 -36.50
N GLU D 361 41.21 -39.52 -35.49
CA GLU D 361 41.01 -40.00 -34.13
C GLU D 361 39.59 -39.85 -33.60
N THR D 362 38.90 -38.78 -34.00
CA THR D 362 37.54 -38.61 -33.54
C THR D 362 36.64 -39.66 -34.21
N VAL D 363 37.10 -40.15 -35.37
CA VAL D 363 36.34 -41.16 -36.09
C VAL D 363 36.58 -42.56 -35.50
N SER D 364 37.84 -42.94 -35.33
CA SER D 364 38.17 -44.25 -34.79
C SER D 364 37.87 -44.35 -33.29
N GLY D 365 37.87 -43.22 -32.61
CA GLY D 365 37.59 -43.26 -31.19
C GLY D 365 36.12 -43.42 -30.87
N THR D 366 35.27 -42.93 -31.76
CA THR D 366 33.84 -43.01 -31.54
C THR D 366 33.10 -44.12 -32.26
N CYS D 367 33.60 -44.54 -33.42
CA CYS D 367 32.88 -45.59 -34.16
C CYS D 367 32.83 -46.92 -33.42
N VAL D 368 31.63 -47.40 -33.15
CA VAL D 368 31.47 -48.68 -32.46
C VAL D 368 31.05 -49.82 -33.39
N THR D 369 30.32 -49.48 -34.46
CA THR D 369 29.89 -50.50 -35.42
C THR D 369 29.76 -49.86 -36.80
N ARG D 370 30.20 -50.56 -37.83
CA ARG D 370 30.12 -50.03 -39.19
C ARG D 370 29.63 -51.14 -40.12
N ASP D 371 28.50 -50.91 -40.79
CA ASP D 371 27.92 -51.93 -41.65
C ASP D 371 27.59 -53.15 -40.77
N GLY D 372 27.44 -54.31 -41.38
CA GLY D 372 27.11 -55.49 -40.60
C GLY D 372 28.26 -55.99 -39.73
N ALA D 373 29.14 -55.11 -39.26
CA ALA D 373 30.26 -55.57 -38.44
C ALA D 373 30.71 -54.61 -37.34
N ILE D 374 30.82 -55.13 -36.11
CA ILE D 374 31.28 -54.34 -34.99
C ILE D 374 32.72 -53.92 -35.26
N VAL D 375 33.09 -52.73 -34.79
CA VAL D 375 34.44 -52.26 -35.03
C VAL D 375 35.21 -51.96 -33.74
N HIS D 376 34.66 -51.14 -32.87
CA HIS D 376 35.36 -50.81 -31.64
C HIS D 376 35.83 -52.08 -30.94
N PRO D 377 37.10 -52.13 -30.55
CA PRO D 377 37.61 -53.33 -29.86
C PRO D 377 36.90 -53.51 -28.52
PA NAI E . 3.30 30.87 1.25
O1A NAI E . 2.14 31.00 2.20
O2A NAI E . 4.01 32.14 0.75
O5B NAI E . 2.78 30.01 0.04
C5B NAI E . 1.68 30.50 -0.83
C4B NAI E . 1.65 29.69 -2.05
O4B NAI E . 0.93 30.41 -3.12
C3B NAI E . 3.04 29.29 -2.70
O3B NAI E . 3.06 27.87 -3.09
C2B NAI E . 3.22 30.21 -3.86
O2B NAI E . 4.05 29.79 -4.86
C1B NAI E . 1.71 30.41 -4.23
N9A NAI E . 1.49 31.64 -4.92
C8A NAI E . 1.93 32.92 -4.69
N7A NAI E . 1.51 33.81 -5.56
C5A NAI E . 0.72 33.12 -6.45
C6A NAI E . -0.06 33.57 -7.68
N6A NAI E . -0.11 34.78 -8.15
N1A NAI E . -0.75 32.50 -8.33
C2A NAI E . -0.78 31.22 -7.95
N3A NAI E . -0.06 30.77 -6.79
C4A NAI E . 0.69 31.78 -6.06
O3 NAI E . 4.42 29.96 1.83
PN NAI E . 4.61 28.37 2.18
O1N NAI E . 3.42 27.67 1.85
O2N NAI E . 5.10 28.37 3.58
O5D NAI E . 5.87 27.99 1.27
C5D NAI E . 5.79 27.19 0.07
C4D NAI E . 7.02 26.35 -0.16
O4D NAI E . 7.98 26.63 0.99
C3D NAI E . 6.90 24.77 -0.06
O3D NAI E . 7.84 24.33 -0.94
C2D NAI E . 7.22 24.46 1.41
O2D NAI E . 7.56 23.14 1.62
C1D NAI E . 8.33 25.44 1.63
N1N NAI E . 8.66 25.73 3.07
C2N NAI E . 9.82 25.17 3.64
C3N NAI E . 10.01 25.48 4.96
C7N NAI E . 11.36 24.78 5.51
O7N NAI E . 12.15 24.29 4.67
N7N NAI E . 11.56 24.76 6.89
C4N NAI E . 9.17 26.31 5.77
C5N NAI E . 7.99 26.83 5.06
C6N NAI E . 7.75 26.55 3.73
PA NAI F . 34.74 -36.11 -15.23
O1A NAI F . 33.23 -36.09 -15.33
O2A NAI F . 35.48 -37.43 -15.01
O5B NAI F . 35.11 -35.04 -14.14
C5B NAI F . 34.77 -35.18 -12.73
C4B NAI F . 35.81 -34.50 -11.96
O4B NAI F . 35.98 -35.15 -10.64
C3B NAI F . 37.28 -34.46 -12.56
O3B NAI F . 37.91 -33.14 -12.34
C2B NAI F . 37.98 -35.59 -11.89
O2B NAI F . 39.34 -35.62 -11.96
C1B NAI F . 37.32 -35.39 -10.49
N9A NAI F . 37.43 -36.51 -9.61
C8A NAI F . 37.47 -37.87 -9.84
N7A NAI F . 37.60 -38.61 -8.75
C5A NAI F . 37.66 -37.71 -7.70
C6A NAI F . 37.81 -37.90 -6.19
N6A NAI F . 37.91 -39.05 -5.56
N1A NAI F . 37.83 -36.67 -5.46
C2A NAI F . 37.72 -35.44 -5.98
N3A NAI F . 37.59 -35.23 -7.40
C4A NAI F . 37.56 -36.41 -8.23
O3 NAI F . 35.34 -35.46 -16.51
PN NAI F . 35.57 -33.96 -17.04
O1N NAI F . 35.12 -33.03 -16.06
O2N NAI F . 34.96 -33.94 -18.39
O5D NAI F . 37.16 -33.94 -17.28
C5D NAI F . 38.08 -33.18 -16.48
C4D NAI F . 39.25 -32.66 -17.25
O4D NAI F . 39.11 -33.13 -18.70
C3D NAI F . 39.38 -31.11 -17.47
O3D NAI F . 40.74 -30.91 -17.54
C2D NAI F . 38.62 -30.84 -18.80
O2D NAI F . 38.88 -29.61 -19.36
C1D NAI F . 39.14 -32.03 -19.57
N1N NAI F . 38.39 -32.37 -20.84
C2N NAI F . 39.01 -32.12 -22.08
C3N NAI F . 38.25 -32.47 -23.17
C7N NAI F . 39.05 -32.14 -24.54
O7N NAI F . 40.19 -31.64 -24.45
N7N NAI F . 38.42 -32.44 -25.76
C4N NAI F . 36.93 -33.05 -23.14
C5N NAI F . 36.42 -33.26 -21.78
C6N NAI F . 37.13 -32.93 -20.65
#